data_5O74
#
_entry.id   5O74
#
_cell.length_a   77.910
_cell.length_b   87.450
_cell.length_c   93.170
_cell.angle_alpha   114.61
_cell.angle_beta   97.69
_cell.angle_gamma   100.74
#
_symmetry.space_group_name_H-M   'P 1'
#
loop_
_entity.id
_entity.type
_entity.pdbx_description
1 polymer 'Multifunctional virulence effector protein DrrA'
2 polymer 'Ras-related protein Rab-1B'
3 non-polymer "GUANOSINE-5'-DIPHOSPHATE"
#
loop_
_entity_poly.entity_id
_entity_poly.type
_entity_poly.pdbx_seq_one_letter_code
_entity_poly.pdbx_strand_id
1 'polypeptide(L)'
;GHMVTRIENLENAKKLWDNANSMLEKGNISGYLKAANELHKFMKEKNLKEDDLRPELSDKTISPKGYAILQSLWGAASDY
SRAAATLTESTVEPGLVSAVNKMSAFFMDCKLSPNERATPDPDFKVGKSKILVGIMQFIKDVADPTSKIWMHNTKALMNH
KIAAIQKLERSNNVNCETLESVLSSKGENLSEYLSYK
;
A,C,E,G,I,K
2 'polypeptide(L)'
;MAPEYDYLFKLLLIGDSGVGKSCLLLRFADDTYTESYISTIGVDFKIRTIELDGKTIKLQIWDTAGQERFRTITSSYY
(9MN)GAHGIIVVYDVTDQESYANVKQWLQEIDRYASENVNKLLVGNKSDLTTKKVVDNTTAKEFADSLGIPFLETSAKN
ATNVEQAFMTMAAEIKKRMGHHHHHH
;
B,D,F,H,J,L
#
# COMPACT_ATOMS: atom_id res chain seq x y z
N ARG A 6 -40.24 -12.22 -7.50
CA ARG A 6 -39.20 -11.30 -7.96
C ARG A 6 -39.05 -10.13 -6.99
N ILE A 7 -40.17 -9.63 -6.47
CA ILE A 7 -40.14 -8.45 -5.62
C ILE A 7 -39.23 -8.67 -4.41
N GLU A 8 -39.32 -9.84 -3.78
CA GLU A 8 -38.53 -10.09 -2.58
C GLU A 8 -37.11 -10.55 -2.90
N ASN A 9 -36.92 -11.19 -4.05
CA ASN A 9 -35.56 -11.50 -4.51
C ASN A 9 -34.76 -10.22 -4.72
N LEU A 10 -35.38 -9.21 -5.32
CA LEU A 10 -34.70 -7.94 -5.56
C LEU A 10 -34.34 -7.25 -4.25
N GLU A 11 -35.24 -7.32 -3.26
CA GLU A 11 -34.94 -6.69 -1.98
C GLU A 11 -33.85 -7.43 -1.24
N ASN A 12 -33.75 -8.76 -1.42
CA ASN A 12 -32.63 -9.48 -0.86
C ASN A 12 -31.34 -9.14 -1.58
N ALA A 13 -31.42 -8.85 -2.87
CA ALA A 13 -30.26 -8.36 -3.60
C ALA A 13 -29.87 -6.96 -3.15
N LYS A 14 -30.87 -6.13 -2.85
CA LYS A 14 -30.61 -4.77 -2.37
C LYS A 14 -29.82 -4.80 -1.07
N LYS A 15 -30.24 -5.64 -0.11
CA LYS A 15 -29.52 -5.75 1.16
C LYS A 15 -28.12 -6.33 0.97
N LEU A 16 -27.99 -7.35 0.12
CA LEU A 16 -26.66 -7.87 -0.18
C LEU A 16 -25.78 -6.77 -0.76
N TRP A 17 -26.35 -5.90 -1.59
CA TRP A 17 -25.59 -4.76 -2.11
C TRP A 17 -25.20 -3.80 -0.99
N ASP A 18 -26.16 -3.45 -0.14
CA ASP A 18 -25.83 -2.62 1.03
C ASP A 18 -24.69 -3.25 1.83
N ASN A 19 -24.76 -4.56 2.05
CA ASN A 19 -23.72 -5.24 2.82
C ASN A 19 -22.35 -5.02 2.21
N ALA A 20 -22.25 -5.15 0.88
CA ALA A 20 -20.98 -4.90 0.20
C ALA A 20 -20.58 -3.44 0.30
N ASN A 21 -21.54 -2.53 0.14
CA ASN A 21 -21.24 -1.11 0.25
C ASN A 21 -20.83 -0.76 1.67
N SER A 22 -21.50 -1.36 2.67
CA SER A 22 -21.12 -1.15 4.05
C SER A 22 -19.73 -1.70 4.33
N MET A 23 -19.42 -2.88 3.80
CA MET A 23 -18.06 -3.40 3.90
C MET A 23 -17.05 -2.42 3.30
N LEU A 24 -17.45 -1.75 2.23
CA LEU A 24 -16.58 -0.81 1.55
C LEU A 24 -16.31 0.40 2.44
N GLU A 25 -17.36 0.93 3.07
CA GLU A 25 -17.25 2.07 3.97
C GLU A 25 -16.29 1.84 5.14
N LYS A 26 -15.86 0.60 5.40
CA LYS A 26 -14.98 0.31 6.52
C LYS A 26 -13.58 -0.10 6.08
N GLY A 27 -13.28 -0.01 4.79
CA GLY A 27 -11.97 -0.38 4.30
C GLY A 27 -11.64 -1.84 4.47
N ASN A 28 -12.64 -2.68 4.73
CA ASN A 28 -12.45 -4.13 4.83
C ASN A 28 -12.44 -4.69 3.42
N ILE A 29 -11.24 -4.87 2.87
CA ILE A 29 -11.11 -5.27 1.47
C ILE A 29 -11.69 -6.66 1.27
N SER A 30 -11.08 -7.67 1.92
CA SER A 30 -11.55 -9.04 1.76
C SER A 30 -13.03 -9.15 2.04
N GLY A 31 -13.53 -8.42 3.05
CA GLY A 31 -14.95 -8.47 3.34
C GLY A 31 -15.80 -7.88 2.24
N TYR A 32 -15.33 -6.80 1.60
CA TYR A 32 -16.03 -6.26 0.43
C TYR A 32 -16.08 -7.28 -0.70
N LEU A 33 -14.92 -7.90 -1.01
CA LEU A 33 -14.87 -8.86 -2.11
C LEU A 33 -15.82 -10.02 -1.88
N LYS A 34 -15.83 -10.57 -0.67
CA LYS A 34 -16.72 -11.69 -0.37
C LYS A 34 -18.18 -11.28 -0.45
N ALA A 35 -18.52 -10.11 0.07
CA ALA A 35 -19.90 -9.63 0.00
C ALA A 35 -20.31 -9.39 -1.45
N ALA A 36 -19.39 -8.89 -2.28
CA ALA A 36 -19.67 -8.76 -3.71
C ALA A 36 -19.84 -10.14 -4.35
N ASN A 37 -19.02 -11.10 -3.94
CA ASN A 37 -19.21 -12.48 -4.39
C ASN A 37 -20.61 -12.98 -4.03
N GLU A 38 -21.04 -12.76 -2.80
CA GLU A 38 -22.37 -13.20 -2.38
C GLU A 38 -23.45 -12.56 -3.26
N LEU A 39 -23.37 -11.25 -3.44
CA LEU A 39 -24.33 -10.55 -4.30
C LEU A 39 -24.37 -11.17 -5.69
N HIS A 40 -23.19 -11.35 -6.29
CA HIS A 40 -23.12 -11.90 -7.65
C HIS A 40 -23.74 -13.28 -7.72
N LYS A 41 -23.34 -14.18 -6.81
CA LYS A 41 -23.88 -15.54 -6.83
C LYS A 41 -25.40 -15.52 -6.73
N PHE A 42 -25.94 -14.65 -5.86
CA PHE A 42 -27.38 -14.62 -5.64
C PHE A 42 -28.12 -14.15 -6.88
N MET A 43 -27.66 -13.07 -7.50
CA MET A 43 -28.32 -12.57 -8.70
C MET A 43 -28.22 -13.57 -9.85
N LYS A 44 -27.11 -14.28 -9.96
CA LYS A 44 -27.00 -15.33 -10.98
C LYS A 44 -28.00 -16.45 -10.69
N GLU A 45 -28.11 -16.86 -9.43
CA GLU A 45 -29.07 -17.90 -9.07
C GLU A 45 -30.50 -17.46 -9.34
N LYS A 46 -30.84 -16.24 -8.93
CA LYS A 46 -32.19 -15.69 -9.06
C LYS A 46 -32.45 -15.08 -10.43
N ASN A 47 -31.47 -15.11 -11.34
CA ASN A 47 -31.64 -14.63 -12.70
C ASN A 47 -31.94 -13.13 -12.72
N LEU A 48 -31.29 -12.39 -11.83
CA LEU A 48 -31.38 -10.94 -11.78
C LEU A 48 -30.19 -10.33 -12.50
N LYS A 49 -30.43 -9.24 -13.21
CA LYS A 49 -29.36 -8.55 -13.92
C LYS A 49 -29.21 -7.15 -13.33
N GLU A 50 -28.07 -6.52 -13.66
CA GLU A 50 -27.80 -5.18 -13.13
C GLU A 50 -28.99 -4.25 -13.32
N ASP A 51 -29.63 -4.32 -14.49
CA ASP A 51 -30.72 -3.39 -14.81
C ASP A 51 -31.87 -3.52 -13.83
N ASP A 52 -32.15 -4.75 -13.38
CA ASP A 52 -33.28 -4.99 -12.50
C ASP A 52 -33.08 -4.33 -11.14
N LEU A 53 -31.86 -4.41 -10.62
CA LEU A 53 -31.60 -3.95 -9.26
C LEU A 53 -31.26 -2.47 -9.18
N ARG A 54 -30.67 -1.89 -10.24
CA ARG A 54 -30.29 -0.47 -10.21
C ARG A 54 -31.42 0.46 -9.79
N PRO A 55 -32.66 0.33 -10.28
CA PRO A 55 -33.74 1.22 -9.79
C PRO A 55 -33.93 1.17 -8.28
N GLU A 56 -33.78 -0.01 -7.67
CA GLU A 56 -33.95 -0.16 -6.22
C GLU A 56 -32.86 0.52 -5.42
N LEU A 57 -31.76 0.89 -6.07
CA LEU A 57 -30.62 1.52 -5.41
C LEU A 57 -30.65 3.02 -5.52
N SER A 58 -31.77 3.59 -5.98
CA SER A 58 -31.83 5.03 -6.19
C SER A 58 -31.40 5.78 -4.94
N ASP A 59 -31.93 5.39 -3.79
CA ASP A 59 -31.64 6.04 -2.51
C ASP A 59 -30.32 5.63 -1.85
N LYS A 60 -29.58 4.67 -2.38
CA LYS A 60 -28.27 4.29 -1.85
C LYS A 60 -27.16 5.00 -2.63
N THR A 61 -25.94 5.02 -2.08
CA THR A 61 -24.82 5.68 -2.73
C THR A 61 -23.49 5.11 -2.25
N ILE A 62 -22.53 5.06 -3.18
CA ILE A 62 -21.14 4.75 -2.87
C ILE A 62 -20.39 6.03 -2.56
N SER A 63 -19.71 6.06 -1.43
CA SER A 63 -19.01 7.26 -0.99
C SER A 63 -17.75 7.50 -1.83
N PRO A 64 -17.20 8.71 -1.76
CA PRO A 64 -15.84 8.92 -2.29
C PRO A 64 -14.83 7.93 -1.74
N LYS A 65 -14.94 7.55 -0.46
CA LYS A 65 -14.05 6.55 0.11
C LYS A 65 -14.19 5.21 -0.63
N GLY A 66 -15.43 4.79 -0.88
CA GLY A 66 -15.62 3.55 -1.60
C GLY A 66 -15.01 3.61 -2.99
N TYR A 67 -15.29 4.67 -3.73
CA TYR A 67 -14.74 4.81 -5.08
C TYR A 67 -13.22 4.82 -5.05
N ALA A 68 -12.62 5.34 -3.97
CA ALA A 68 -11.16 5.28 -3.83
C ALA A 68 -10.68 3.84 -3.72
N ILE A 69 -11.36 3.01 -2.93
CA ILE A 69 -10.93 1.63 -2.76
C ILE A 69 -11.18 0.82 -4.03
N LEU A 70 -12.30 1.09 -4.71
CA LEU A 70 -12.55 0.38 -5.97
C LEU A 70 -11.49 0.71 -7.01
N GLN A 71 -11.07 1.97 -7.08
CA GLN A 71 -10.06 2.36 -8.05
C GLN A 71 -8.73 1.68 -7.76
N SER A 72 -8.30 1.67 -6.50
CA SER A 72 -7.08 0.95 -6.13
C SER A 72 -7.19 -0.51 -6.52
N LEU A 73 -8.33 -1.13 -6.20
CA LEU A 73 -8.58 -2.52 -6.54
C LEU A 73 -8.56 -2.73 -8.05
N TRP A 74 -9.22 -1.84 -8.79
CA TRP A 74 -9.21 -1.92 -10.25
C TRP A 74 -7.79 -1.83 -10.79
N GLY A 75 -7.05 -0.79 -10.40
CA GLY A 75 -5.70 -0.62 -10.92
C GLY A 75 -4.80 -1.82 -10.63
N ALA A 76 -4.85 -2.34 -9.41
CA ALA A 76 -3.96 -3.44 -9.02
C ALA A 76 -4.35 -4.73 -9.74
N ALA A 77 -5.64 -5.06 -9.74
CA ALA A 77 -6.11 -6.29 -10.39
C ALA A 77 -5.80 -6.28 -11.89
N SER A 78 -6.01 -5.14 -12.57
CA SER A 78 -5.75 -5.07 -13.99
C SER A 78 -4.28 -5.32 -14.30
N ASP A 79 -3.38 -4.76 -13.49
CA ASP A 79 -1.94 -4.98 -13.73
C ASP A 79 -1.55 -6.41 -13.43
N TYR A 80 -2.13 -6.98 -12.38
CA TYR A 80 -1.79 -8.34 -11.97
C TYR A 80 -2.29 -9.37 -12.99
N SER A 81 -3.52 -9.19 -13.49
CA SER A 81 -4.05 -10.11 -14.49
C SER A 81 -3.11 -10.27 -15.68
N ARG A 82 -2.55 -9.16 -16.17
CA ARG A 82 -1.68 -9.19 -17.34
C ARG A 82 -0.26 -9.64 -17.01
N ALA A 83 0.28 -9.23 -15.86
CA ALA A 83 1.61 -9.68 -15.48
C ALA A 83 1.62 -11.19 -15.25
N ALA A 84 0.53 -11.73 -14.71
CA ALA A 84 0.43 -13.16 -14.45
C ALA A 84 0.28 -13.99 -15.71
N ALA A 85 0.12 -13.38 -16.88
CA ALA A 85 0.05 -14.11 -18.14
C ALA A 85 1.45 -14.28 -18.69
N THR A 86 2.00 -15.49 -18.58
CA THR A 86 3.39 -15.75 -18.94
C THR A 86 3.47 -16.97 -19.85
N LEU A 87 4.70 -17.29 -20.25
CA LEU A 87 4.94 -18.48 -21.06
C LEU A 87 4.73 -19.77 -20.28
N THR A 88 4.88 -19.72 -18.96
CA THR A 88 4.60 -20.91 -18.14
C THR A 88 3.12 -21.27 -18.22
N GLU A 89 2.24 -20.30 -17.99
CA GLU A 89 0.80 -20.51 -18.04
C GLU A 89 0.16 -19.14 -18.15
N SER A 90 -0.96 -19.03 -18.88
CA SER A 90 -1.57 -17.72 -19.09
C SER A 90 -3.08 -17.69 -18.87
N THR A 91 -3.68 -18.69 -18.23
CA THR A 91 -5.13 -18.67 -18.05
C THR A 91 -5.59 -18.61 -16.59
N VAL A 92 -5.10 -19.49 -15.72
CA VAL A 92 -5.73 -19.63 -14.41
C VAL A 92 -5.47 -18.42 -13.54
N GLU A 93 -4.21 -18.05 -13.34
CA GLU A 93 -3.92 -16.89 -12.50
C GLU A 93 -4.47 -15.61 -13.12
N PRO A 94 -4.30 -15.34 -14.41
CA PRO A 94 -5.00 -14.18 -15.00
C PRO A 94 -6.51 -14.29 -14.83
N GLY A 95 -7.06 -15.48 -15.02
CA GLY A 95 -8.50 -15.67 -14.83
C GLY A 95 -8.95 -15.31 -13.43
N LEU A 96 -8.26 -15.84 -12.41
CA LEU A 96 -8.64 -15.57 -11.03
C LEU A 96 -8.60 -14.08 -10.73
N VAL A 97 -7.50 -13.42 -11.10
CA VAL A 97 -7.39 -11.99 -10.85
C VAL A 97 -8.40 -11.22 -11.68
N SER A 98 -8.58 -11.60 -12.94
CA SER A 98 -9.54 -10.90 -13.79
C SER A 98 -10.96 -11.08 -13.27
N ALA A 99 -11.28 -12.24 -12.69
CA ALA A 99 -12.63 -12.47 -12.17
C ALA A 99 -12.89 -11.66 -10.91
N VAL A 100 -11.87 -11.39 -10.11
CA VAL A 100 -12.03 -10.47 -8.99
C VAL A 100 -12.39 -9.09 -9.51
N ASN A 101 -11.71 -8.64 -10.56
CA ASN A 101 -12.00 -7.33 -11.15
C ASN A 101 -13.44 -7.26 -11.66
N LYS A 102 -13.88 -8.27 -12.41
CA LYS A 102 -15.27 -8.24 -12.89
C LYS A 102 -16.26 -8.23 -11.74
N MET A 103 -15.98 -9.00 -10.69
CA MET A 103 -16.88 -9.04 -9.54
C MET A 103 -17.07 -7.65 -8.95
N SER A 104 -15.99 -6.86 -8.89
CA SER A 104 -16.09 -5.49 -8.37
C SER A 104 -16.78 -4.57 -9.37
N ALA A 105 -16.52 -4.77 -10.66
CA ALA A 105 -17.23 -4.02 -11.69
C ALA A 105 -18.73 -4.30 -11.64
N PHE A 106 -19.11 -5.53 -11.29
CA PHE A 106 -20.53 -5.90 -11.22
C PHE A 106 -21.23 -5.14 -10.09
N PHE A 107 -20.57 -5.01 -8.95
CA PHE A 107 -21.10 -4.21 -7.85
C PHE A 107 -21.41 -2.79 -8.31
N MET A 108 -20.47 -2.17 -9.03
CA MET A 108 -20.66 -0.80 -9.50
C MET A 108 -21.76 -0.72 -10.57
N ASP A 109 -21.84 -1.73 -11.45
CA ASP A 109 -22.85 -1.69 -12.50
C ASP A 109 -24.26 -1.86 -11.94
N CYS A 110 -24.41 -2.58 -10.82
CA CYS A 110 -25.71 -2.64 -10.16
C CYS A 110 -26.18 -1.25 -9.74
N LYS A 111 -25.24 -0.35 -9.48
CA LYS A 111 -25.56 0.98 -8.99
C LYS A 111 -25.51 2.07 -10.05
N LEU A 112 -24.65 1.94 -11.05
CA LEU A 112 -24.30 3.06 -11.92
C LEU A 112 -24.78 2.85 -13.35
N SER A 113 -25.22 3.94 -13.97
CA SER A 113 -25.57 3.92 -15.38
C SER A 113 -24.31 3.72 -16.23
N PRO A 114 -24.46 3.31 -17.49
CA PRO A 114 -23.27 3.07 -18.31
C PRO A 114 -22.45 4.34 -18.50
N ASN A 115 -21.13 4.20 -18.30
CA ASN A 115 -20.13 5.25 -18.47
C ASN A 115 -20.22 6.35 -17.43
N GLU A 116 -20.99 6.16 -16.36
CA GLU A 116 -20.95 7.10 -15.24
C GLU A 116 -19.61 6.93 -14.51
N ARG A 117 -18.88 8.02 -14.37
CA ARG A 117 -17.53 7.96 -13.83
C ARG A 117 -17.57 7.80 -12.31
N ALA A 118 -16.54 7.17 -11.78
CA ALA A 118 -16.35 7.15 -10.34
C ALA A 118 -15.74 8.48 -9.90
N THR A 119 -16.11 8.91 -8.68
CA THR A 119 -15.58 10.12 -8.09
C THR A 119 -14.81 9.69 -6.84
N PRO A 120 -13.57 9.22 -7.01
CA PRO A 120 -12.79 8.75 -5.86
C PRO A 120 -12.15 9.87 -5.05
N ASP A 121 -12.06 9.60 -3.76
CA ASP A 121 -11.41 10.49 -2.81
C ASP A 121 -9.89 10.30 -2.84
N PRO A 122 -9.10 11.32 -3.18
CA PRO A 122 -7.65 11.09 -3.28
C PRO A 122 -7.01 10.56 -2.01
N ASP A 123 -7.41 11.07 -0.83
CA ASP A 123 -6.70 10.69 0.39
C ASP A 123 -7.02 9.28 0.88
N PHE A 124 -7.92 8.55 0.23
CA PHE A 124 -8.23 7.18 0.65
C PHE A 124 -7.68 6.14 -0.32
N LYS A 125 -6.70 6.51 -1.13
CA LYS A 125 -6.07 5.55 -2.02
C LYS A 125 -5.34 4.48 -1.22
N VAL A 126 -5.48 3.25 -1.65
CA VAL A 126 -4.78 2.12 -1.05
C VAL A 126 -3.50 1.86 -1.85
N GLY A 127 -2.37 1.70 -1.16
CA GLY A 127 -1.13 1.44 -1.87
C GLY A 127 -1.13 0.08 -2.52
N LYS A 128 -0.62 0.03 -3.76
CA LYS A 128 -0.76 -1.16 -4.61
C LYS A 128 -0.29 -2.45 -3.92
N SER A 129 0.74 -2.37 -3.09
CA SER A 129 1.19 -3.57 -2.39
C SER A 129 0.14 -4.06 -1.39
N LYS A 130 -0.61 -3.14 -0.78
CA LYS A 130 -1.62 -3.55 0.20
C LYS A 130 -2.83 -4.19 -0.47
N ILE A 131 -3.19 -3.71 -1.67
CA ILE A 131 -4.33 -4.27 -2.39
C ILE A 131 -3.98 -5.67 -2.86
N LEU A 132 -2.77 -5.83 -3.39
CA LEU A 132 -2.37 -7.09 -3.97
C LEU A 132 -2.48 -8.22 -2.96
N VAL A 133 -2.03 -8.00 -1.72
CA VAL A 133 -2.19 -9.04 -0.71
C VAL A 133 -3.67 -9.30 -0.46
N GLY A 134 -4.47 -8.22 -0.38
CA GLY A 134 -5.90 -8.39 -0.18
C GLY A 134 -6.55 -9.18 -1.30
N ILE A 135 -6.12 -8.96 -2.53
CA ILE A 135 -6.63 -9.74 -3.66
C ILE A 135 -6.21 -11.20 -3.52
N MET A 136 -4.93 -11.44 -3.21
CA MET A 136 -4.46 -12.82 -3.10
C MET A 136 -5.12 -13.53 -1.92
N GLN A 137 -5.34 -12.82 -0.81
CA GLN A 137 -6.03 -13.42 0.32
C GLN A 137 -7.45 -13.83 -0.06
N PHE A 138 -8.11 -13.02 -0.88
CA PHE A 138 -9.45 -13.36 -1.34
C PHE A 138 -9.42 -14.56 -2.29
N ILE A 139 -8.48 -14.56 -3.24
CA ILE A 139 -8.37 -15.67 -4.18
C ILE A 139 -8.08 -16.96 -3.41
N LYS A 140 -7.12 -16.90 -2.50
CA LYS A 140 -6.85 -18.04 -1.62
C LYS A 140 -8.13 -18.60 -1.03
N ASP A 141 -9.03 -17.71 -0.58
CA ASP A 141 -10.21 -18.15 0.16
C ASP A 141 -11.33 -18.68 -0.74
N VAL A 142 -11.43 -18.19 -1.98
CA VAL A 142 -12.49 -18.68 -2.87
C VAL A 142 -12.01 -19.77 -3.82
N ALA A 143 -10.69 -19.91 -4.02
CA ALA A 143 -10.20 -20.95 -4.91
C ALA A 143 -10.62 -22.33 -4.41
N ASP A 144 -11.03 -23.17 -5.36
CA ASP A 144 -11.33 -24.56 -5.06
C ASP A 144 -10.11 -25.22 -4.42
N PRO A 145 -10.31 -26.11 -3.44
CA PRO A 145 -9.14 -26.79 -2.84
C PRO A 145 -8.31 -27.58 -3.84
N THR A 146 -8.87 -27.96 -4.98
CA THR A 146 -8.13 -28.66 -6.02
C THR A 146 -7.59 -27.73 -7.10
N SER A 147 -7.86 -26.42 -7.00
CA SER A 147 -7.38 -25.47 -7.99
C SER A 147 -5.86 -25.46 -8.05
N LYS A 148 -5.32 -25.29 -9.26
CA LYS A 148 -3.88 -25.24 -9.49
C LYS A 148 -3.52 -24.11 -10.44
N ILE A 149 -2.42 -23.44 -10.13
CA ILE A 149 -1.77 -22.50 -11.05
C ILE A 149 -0.53 -23.20 -11.56
N TRP A 150 -0.54 -23.58 -12.84
CA TRP A 150 0.52 -24.39 -13.43
C TRP A 150 0.55 -25.70 -12.66
N MET A 151 1.64 -26.03 -11.96
CA MET A 151 1.76 -27.27 -11.21
C MET A 151 1.54 -27.08 -9.72
N HIS A 152 1.31 -25.85 -9.27
CA HIS A 152 1.17 -25.54 -7.85
C HIS A 152 -0.29 -25.45 -7.44
N ASN A 153 -0.57 -25.90 -6.22
CA ASN A 153 -1.88 -25.64 -5.63
C ASN A 153 -2.06 -24.13 -5.47
N THR A 154 -3.26 -23.65 -5.82
CA THR A 154 -3.49 -22.21 -5.91
C THR A 154 -3.38 -21.54 -4.55
N LYS A 155 -4.10 -22.06 -3.55
CA LYS A 155 -4.00 -21.50 -2.20
C LYS A 155 -2.55 -21.38 -1.77
N ALA A 156 -1.77 -22.44 -1.96
CA ALA A 156 -0.39 -22.45 -1.48
C ALA A 156 0.46 -21.43 -2.23
N LEU A 157 0.26 -21.29 -3.54
CA LEU A 157 1.01 -20.29 -4.29
C LEU A 157 0.65 -18.88 -3.85
N MET A 158 -0.63 -18.64 -3.52
CA MET A 158 -1.02 -17.32 -3.04
C MET A 158 -0.31 -16.97 -1.74
N ASN A 159 -0.26 -17.93 -0.80
CA ASN A 159 0.49 -17.70 0.43
C ASN A 159 1.93 -17.32 0.12
N HIS A 160 2.56 -18.03 -0.82
CA HIS A 160 3.95 -17.75 -1.15
C HIS A 160 4.10 -16.34 -1.72
N LYS A 161 3.16 -15.92 -2.57
CA LYS A 161 3.25 -14.57 -3.13
C LYS A 161 2.95 -13.51 -2.09
N ILE A 162 1.93 -13.74 -1.24
CA ILE A 162 1.66 -12.83 -0.14
C ILE A 162 2.92 -12.62 0.70
N ALA A 163 3.58 -13.72 1.05
CA ALA A 163 4.79 -13.62 1.85
C ALA A 163 5.90 -12.91 1.09
N ALA A 164 5.98 -13.13 -0.23
CA ALA A 164 6.98 -12.45 -1.04
C ALA A 164 6.77 -10.94 -1.03
N ILE A 165 5.53 -10.51 -1.22
CA ILE A 165 5.25 -9.07 -1.19
C ILE A 165 5.54 -8.49 0.18
N GLN A 166 5.12 -9.20 1.24
CA GLN A 166 5.36 -8.70 2.59
C GLN A 166 6.85 -8.59 2.88
N LYS A 167 7.66 -9.50 2.34
CA LYS A 167 9.11 -9.40 2.51
C LYS A 167 9.64 -8.15 1.82
N LEU A 168 9.10 -7.82 0.66
CA LEU A 168 9.53 -6.62 -0.04
C LEU A 168 9.20 -5.37 0.78
N GLU A 169 8.01 -5.33 1.37
CA GLU A 169 7.65 -4.18 2.19
C GLU A 169 8.54 -4.04 3.41
N ARG A 170 8.89 -5.15 4.07
CA ARG A 170 9.70 -5.06 5.27
C ARG A 170 11.07 -4.48 4.97
N SER A 171 11.71 -4.92 3.90
CA SER A 171 13.02 -4.41 3.52
C SER A 171 12.92 -3.13 2.69
N ASN A 172 11.72 -2.59 2.51
CA ASN A 172 11.50 -1.33 1.80
C ASN A 172 12.02 -1.40 0.37
N ASN A 173 11.69 -2.50 -0.31
CA ASN A 173 12.14 -2.77 -1.66
C ASN A 173 10.96 -3.00 -2.60
N VAL A 174 9.95 -2.14 -2.52
CA VAL A 174 8.75 -2.25 -3.33
C VAL A 174 8.81 -1.26 -4.48
N ASN A 175 8.88 -1.78 -5.70
CA ASN A 175 8.84 -0.98 -6.91
C ASN A 175 8.19 -1.85 -7.98
N CYS A 176 7.95 -1.29 -9.17
CA CYS A 176 7.24 -2.05 -10.20
C CYS A 176 8.05 -3.27 -10.65
N GLU A 177 9.37 -3.14 -10.69
CA GLU A 177 10.21 -4.26 -11.11
C GLU A 177 10.07 -5.43 -10.15
N THR A 178 10.24 -5.18 -8.85
CA THR A 178 10.16 -6.23 -7.85
C THR A 178 8.75 -6.79 -7.73
N LEU A 179 7.73 -5.92 -7.84
CA LEU A 179 6.36 -6.41 -7.81
C LEU A 179 6.05 -7.27 -9.02
N GLU A 180 6.49 -6.83 -10.21
CA GLU A 180 6.25 -7.61 -11.42
C GLU A 180 6.84 -9.01 -11.31
N SER A 181 8.04 -9.13 -10.74
CA SER A 181 8.64 -10.44 -10.51
C SER A 181 7.72 -11.35 -9.72
N VAL A 182 7.10 -10.82 -8.66
CA VAL A 182 6.20 -11.62 -7.84
C VAL A 182 4.94 -11.98 -8.62
N LEU A 183 4.37 -11.02 -9.34
CA LEU A 183 3.09 -11.24 -10.00
C LEU A 183 3.24 -12.16 -11.21
N SER A 184 4.37 -12.08 -11.92
CA SER A 184 4.64 -12.97 -13.04
C SER A 184 5.15 -14.35 -12.62
N SER A 185 5.62 -14.49 -11.37
CA SER A 185 6.18 -15.76 -10.94
C SER A 185 5.12 -16.85 -10.89
N LYS A 186 5.52 -18.07 -11.28
CA LYS A 186 4.70 -19.26 -11.08
C LYS A 186 5.44 -20.23 -10.18
N GLY A 187 6.31 -19.72 -9.32
CA GLY A 187 7.09 -20.57 -8.42
C GLY A 187 7.99 -21.55 -9.12
N GLU A 188 8.57 -21.16 -10.25
CA GLU A 188 9.43 -22.06 -11.02
C GLU A 188 10.72 -22.39 -10.27
N ASN A 189 11.18 -21.52 -9.39
CA ASN A 189 12.43 -21.73 -8.67
C ASN A 189 12.21 -22.22 -7.24
N LEU A 190 11.00 -22.67 -6.92
CA LEU A 190 10.77 -23.32 -5.66
C LEU A 190 11.28 -24.76 -5.72
N SER A 191 11.34 -25.39 -4.55
CA SER A 191 11.86 -26.75 -4.42
C SER A 191 10.76 -27.80 -4.34
N GLU A 192 9.50 -27.37 -4.41
CA GLU A 192 8.39 -28.29 -4.41
C GLU A 192 7.30 -27.75 -5.32
N TYR A 193 6.54 -28.66 -5.89
CA TYR A 193 5.20 -28.33 -6.36
C TYR A 193 4.31 -28.32 -5.13
N LEU A 194 3.64 -27.20 -4.90
CA LEU A 194 3.00 -26.96 -3.61
C LEU A 194 1.76 -27.83 -3.47
N SER A 195 1.35 -28.03 -2.23
CA SER A 195 0.27 -28.97 -1.90
C SER A 195 -0.22 -28.70 -0.49
N TYR A 196 -1.17 -29.52 -0.06
CA TYR A 196 -1.68 -29.50 1.30
C TYR A 196 -0.82 -30.40 2.18
N GLU B 4 0.90 -24.90 -28.85
CA GLU B 4 1.95 -23.89 -28.79
C GLU B 4 1.74 -22.72 -29.73
N TYR B 5 2.62 -21.74 -29.57
CA TYR B 5 2.64 -20.52 -30.37
C TYR B 5 4.08 -20.03 -30.36
N ASP B 6 4.40 -19.09 -31.24
CA ASP B 6 5.74 -18.52 -31.25
C ASP B 6 5.85 -17.27 -30.40
N TYR B 7 4.77 -16.47 -30.33
CA TYR B 7 4.76 -15.21 -29.61
C TYR B 7 3.48 -15.13 -28.79
N LEU B 8 3.54 -14.40 -27.69
CA LEU B 8 2.34 -14.10 -26.91
C LEU B 8 2.32 -12.59 -26.69
N PHE B 9 1.40 -11.91 -27.36
CA PHE B 9 1.23 -10.47 -27.22
C PHE B 9 0.05 -10.16 -26.31
N LYS B 10 0.19 -9.09 -25.53
CA LYS B 10 -0.82 -8.66 -24.59
C LYS B 10 -1.34 -7.31 -25.06
N LEU B 11 -2.66 -7.23 -25.28
CA LEU B 11 -3.30 -6.06 -25.85
C LEU B 11 -4.31 -5.51 -24.85
N LEU B 12 -4.47 -4.18 -24.84
CA LEU B 12 -5.55 -3.54 -24.10
C LEU B 12 -6.56 -2.96 -25.08
N LEU B 13 -7.83 -3.10 -24.73
CA LEU B 13 -8.93 -2.52 -25.48
C LEU B 13 -9.56 -1.46 -24.59
N ILE B 14 -9.33 -0.20 -24.93
CA ILE B 14 -9.78 0.93 -24.14
C ILE B 14 -10.94 1.59 -24.88
N GLY B 15 -11.96 2.01 -24.13
CA GLY B 15 -13.11 2.67 -24.70
C GLY B 15 -14.32 2.60 -23.79
N ASP B 16 -15.18 3.60 -23.86
CA ASP B 16 -16.36 3.67 -23.00
C ASP B 16 -17.35 2.56 -23.37
N SER B 17 -18.34 2.38 -22.50
CA SER B 17 -19.42 1.44 -22.78
C SER B 17 -20.23 1.91 -23.98
N GLY B 18 -20.69 0.95 -24.78
CA GLY B 18 -21.52 1.22 -25.93
C GLY B 18 -20.79 1.44 -27.23
N VAL B 19 -19.46 1.54 -27.22
CA VAL B 19 -18.73 1.89 -28.43
C VAL B 19 -18.49 0.69 -29.33
N GLY B 20 -18.58 -0.52 -28.78
CA GLY B 20 -18.46 -1.73 -29.55
C GLY B 20 -17.27 -2.63 -29.25
N LYS B 21 -16.69 -2.55 -28.06
CA LYS B 21 -15.53 -3.38 -27.73
C LYS B 21 -15.86 -4.87 -27.80
N SER B 22 -16.99 -5.27 -27.22
CA SER B 22 -17.36 -6.68 -27.24
C SER B 22 -17.53 -7.20 -28.65
N CYS B 23 -18.17 -6.40 -29.51
CA CYS B 23 -18.39 -6.82 -30.90
C CYS B 23 -17.09 -6.92 -31.68
N LEU B 24 -16.12 -6.06 -31.38
CA LEU B 24 -14.80 -6.16 -32.02
C LEU B 24 -14.15 -7.52 -31.74
N LEU B 25 -14.30 -8.03 -30.51
CA LEU B 25 -13.68 -9.27 -30.06
C LEU B 25 -14.45 -10.54 -30.47
N LEU B 26 -15.36 -10.48 -31.45
CA LEU B 26 -16.19 -11.64 -31.72
C LEU B 26 -15.38 -12.82 -32.27
N ARG B 27 -14.24 -12.55 -32.93
CA ARG B 27 -13.38 -13.63 -33.41
C ARG B 27 -12.60 -14.28 -32.28
N PHE B 28 -12.51 -13.64 -31.12
CA PHE B 28 -11.76 -14.14 -29.98
C PHE B 28 -12.61 -15.06 -29.11
N ALA B 29 -11.95 -15.91 -28.33
CA ALA B 29 -12.62 -16.91 -27.52
C ALA B 29 -12.37 -16.65 -26.04
N ASP B 30 -13.28 -17.14 -25.21
CA ASP B 30 -13.16 -17.06 -23.77
C ASP B 30 -12.56 -18.35 -23.24
N ASP B 31 -11.56 -18.23 -22.37
CA ASP B 31 -11.07 -19.38 -21.63
C ASP B 31 -12.19 -19.87 -20.71
N THR B 32 -12.49 -21.18 -20.78
CA THR B 32 -13.35 -21.79 -19.78
C THR B 32 -12.50 -22.29 -18.62
N TYR B 33 -13.16 -22.56 -17.51
CA TYR B 33 -12.48 -22.80 -16.25
C TYR B 33 -13.20 -23.88 -15.49
N THR B 34 -12.44 -24.87 -15.02
CA THR B 34 -12.97 -25.82 -14.06
C THR B 34 -13.08 -25.20 -12.67
N GLU B 35 -12.58 -23.98 -12.49
CA GLU B 35 -12.72 -23.26 -11.24
C GLU B 35 -14.16 -22.78 -11.08
N SER B 36 -14.80 -23.19 -9.99
CA SER B 36 -16.19 -22.78 -9.76
C SER B 36 -16.33 -21.28 -9.68
N TYR B 37 -15.41 -20.62 -8.97
CA TYR B 37 -15.47 -19.16 -8.81
C TYR B 37 -15.40 -18.43 -10.14
N ILE B 38 -14.57 -18.92 -11.07
CA ILE B 38 -14.48 -18.29 -12.38
C ILE B 38 -15.75 -18.53 -13.18
N SER B 39 -16.23 -19.77 -13.20
CA SER B 39 -17.36 -20.11 -14.06
C SER B 39 -18.60 -19.30 -13.71
N THR B 40 -18.76 -18.94 -12.45
CA THR B 40 -19.89 -18.09 -12.07
C THR B 40 -19.73 -16.67 -12.61
N ILE B 41 -18.52 -16.13 -12.64
CA ILE B 41 -18.28 -14.70 -12.98
C ILE B 41 -17.79 -14.52 -14.42
N GLY B 42 -16.69 -15.19 -14.80
CA GLY B 42 -16.04 -14.92 -16.08
C GLY B 42 -14.81 -14.04 -15.91
N VAL B 43 -14.22 -13.65 -17.05
CA VAL B 43 -12.95 -12.94 -17.05
C VAL B 43 -12.98 -11.73 -17.97
N ASP B 44 -11.89 -10.94 -17.90
CA ASP B 44 -11.76 -9.68 -18.62
C ASP B 44 -11.18 -9.82 -20.01
N PHE B 45 -10.59 -10.96 -20.32
CA PHE B 45 -9.81 -11.08 -21.53
C PHE B 45 -10.31 -12.22 -22.39
N LYS B 46 -9.92 -12.16 -23.66
CA LYS B 46 -10.20 -13.19 -24.64
C LYS B 46 -8.91 -13.47 -25.40
N ILE B 47 -8.83 -14.66 -25.99
CA ILE B 47 -7.60 -15.10 -26.61
C ILE B 47 -7.89 -15.52 -28.05
N ARG B 48 -6.85 -15.44 -28.86
CA ARG B 48 -6.93 -15.85 -30.25
C ARG B 48 -5.53 -16.13 -30.75
N THR B 49 -5.34 -17.27 -31.40
CA THR B 49 -4.08 -17.54 -32.07
C THR B 49 -4.23 -17.17 -33.54
N ILE B 50 -3.19 -16.57 -34.10
CA ILE B 50 -3.19 -16.13 -35.47
C ILE B 50 -1.87 -16.52 -36.11
N GLU B 51 -1.84 -16.48 -37.43
CA GLU B 51 -0.64 -16.75 -38.20
C GLU B 51 -0.23 -15.48 -38.94
N LEU B 52 1.01 -15.05 -38.75
CA LEU B 52 1.51 -13.82 -39.34
C LEU B 52 2.96 -14.05 -39.76
N ASP B 53 3.25 -13.92 -41.07
CA ASP B 53 4.60 -14.08 -41.61
C ASP B 53 5.22 -15.41 -41.24
N GLY B 54 4.43 -16.48 -41.33
CA GLY B 54 4.96 -17.79 -40.99
C GLY B 54 5.21 -18.02 -39.52
N LYS B 55 4.78 -17.09 -38.66
CA LYS B 55 4.87 -17.24 -37.22
C LYS B 55 3.47 -17.28 -36.63
N THR B 56 3.30 -18.09 -35.58
CA THR B 56 2.04 -18.19 -34.86
C THR B 56 2.11 -17.28 -33.64
N ILE B 57 1.08 -16.45 -33.47
CA ILE B 57 1.02 -15.47 -32.39
C ILE B 57 -0.24 -15.72 -31.59
N LYS B 58 -0.09 -15.84 -30.27
CA LYS B 58 -1.24 -15.83 -29.37
C LYS B 58 -1.50 -14.40 -28.94
N LEU B 59 -2.68 -13.89 -29.25
CA LEU B 59 -3.12 -12.58 -28.79
C LEU B 59 -3.99 -12.76 -27.56
N GLN B 60 -3.61 -12.12 -26.46
CA GLN B 60 -4.41 -12.08 -25.25
C GLN B 60 -4.78 -10.62 -25.03
N ILE B 61 -6.07 -10.32 -25.11
CA ILE B 61 -6.54 -8.95 -25.17
C ILE B 61 -7.45 -8.68 -23.99
N TRP B 62 -7.13 -7.62 -23.25
CA TRP B 62 -7.91 -7.19 -22.10
C TRP B 62 -8.89 -6.10 -22.47
N ASP B 63 -10.15 -6.30 -22.09
CA ASP B 63 -11.18 -5.28 -22.16
C ASP B 63 -11.60 -5.04 -20.70
N THR B 64 -10.71 -4.37 -19.98
CA THR B 64 -10.77 -4.35 -18.52
C THR B 64 -12.13 -3.93 -18.02
N ALA B 65 -12.68 -4.74 -17.13
CA ALA B 65 -13.98 -4.42 -16.54
C ALA B 65 -13.83 -3.24 -15.60
N GLY B 66 -14.81 -2.34 -15.65
CA GLY B 66 -14.80 -1.17 -14.80
C GLY B 66 -13.94 -0.03 -15.28
N GLN B 67 -13.26 -0.16 -16.42
CA GLN B 67 -12.41 0.93 -16.89
C GLN B 67 -13.21 2.21 -17.11
N GLU B 68 -14.46 2.08 -17.55
CA GLU B 68 -15.31 3.26 -17.78
C GLU B 68 -15.45 4.09 -16.52
N ARG B 69 -15.25 3.50 -15.35
CA ARG B 69 -15.41 4.22 -14.09
C ARG B 69 -14.20 5.07 -13.73
N PHE B 70 -13.00 4.71 -14.22
CA PHE B 70 -11.74 5.29 -13.74
C PHE B 70 -10.93 5.78 -14.94
N ARG B 71 -11.23 6.99 -15.40
CA ARG B 71 -10.58 7.55 -16.58
C ARG B 71 -9.46 8.53 -16.27
N THR B 72 -8.98 8.59 -15.03
CA THR B 72 -7.68 9.23 -14.80
C THR B 72 -6.62 8.26 -15.31
N ILE B 73 -5.78 8.72 -16.22
CA ILE B 73 -4.90 7.83 -16.97
C ILE B 73 -3.64 7.59 -16.14
N THR B 74 -3.55 6.40 -15.55
CA THR B 74 -2.39 5.94 -14.81
C THR B 74 -1.65 4.88 -15.64
N SER B 75 -0.64 4.28 -15.01
CA SER B 75 0.12 3.21 -15.67
C SER B 75 -0.77 2.05 -16.08
N SER B 76 -1.87 1.84 -15.35
CA SER B 76 -2.83 0.78 -15.67
C SER B 76 -3.16 0.78 -17.15
N TYR B 77 -3.16 1.97 -17.76
CA TYR B 77 -3.49 2.12 -19.17
C TYR B 77 -2.27 1.99 -20.09
N TYR B 78 -1.05 2.15 -19.59
CA TYR B 78 0.13 2.17 -20.47
C TYR B 78 1.38 1.41 -19.98
N GLY B 80 2.79 -2.70 -19.11
CA GLY B 80 2.50 -4.13 -19.10
C GLY B 80 1.71 -4.59 -20.30
N ALA B 81 1.68 -3.77 -21.35
CA ALA B 81 0.94 -4.11 -22.56
C ALA B 81 1.82 -3.88 -23.79
N HIS B 82 1.74 -4.81 -24.74
CA HIS B 82 2.46 -4.60 -26.00
C HIS B 82 1.72 -3.66 -26.92
N GLY B 83 0.39 -3.64 -26.83
CA GLY B 83 -0.41 -2.80 -27.69
C GLY B 83 -1.62 -2.32 -26.95
N ILE B 84 -2.09 -1.12 -27.30
CA ILE B 84 -3.36 -0.61 -26.81
C ILE B 84 -4.21 -0.20 -28.02
N ILE B 85 -5.47 -0.59 -28.01
CA ILE B 85 -6.43 -0.25 -29.05
C ILE B 85 -7.46 0.66 -28.41
N VAL B 86 -7.53 1.91 -28.88
CA VAL B 86 -8.42 2.90 -28.31
C VAL B 86 -9.58 3.09 -29.28
N VAL B 87 -10.80 2.94 -28.78
CA VAL B 87 -12.01 2.84 -29.60
C VAL B 87 -12.97 3.96 -29.23
N TYR B 88 -13.41 4.72 -30.23
CA TYR B 88 -14.49 5.69 -30.05
C TYR B 88 -15.66 5.34 -30.96
N ASP B 89 -16.82 5.90 -30.60
CA ASP B 89 -18.05 5.72 -31.38
C ASP B 89 -18.13 6.84 -32.40
N VAL B 90 -18.09 6.48 -33.67
CA VAL B 90 -18.05 7.44 -34.77
C VAL B 90 -19.33 8.28 -34.84
N THR B 91 -20.43 7.80 -34.29
CA THR B 91 -21.70 8.52 -34.26
C THR B 91 -21.88 9.37 -33.00
N ASP B 92 -20.82 9.58 -32.22
CA ASP B 92 -20.94 10.25 -30.93
C ASP B 92 -19.69 11.08 -30.71
N GLN B 93 -19.84 12.40 -30.74
CA GLN B 93 -18.70 13.30 -30.61
C GLN B 93 -18.06 13.23 -29.23
N GLU B 94 -18.87 13.03 -28.20
CA GLU B 94 -18.33 13.04 -26.84
C GLU B 94 -17.39 11.84 -26.60
N SER B 95 -17.68 10.69 -27.22
CA SER B 95 -16.76 9.56 -27.09
C SER B 95 -15.46 9.82 -27.84
N TYR B 96 -15.52 10.55 -28.96
CA TYR B 96 -14.28 10.93 -29.66
C TYR B 96 -13.48 11.94 -28.85
N ALA B 97 -14.15 12.95 -28.30
CA ALA B 97 -13.47 13.92 -27.46
C ALA B 97 -12.83 13.26 -26.25
N ASN B 98 -13.44 12.17 -25.76
CA ASN B 98 -12.88 11.47 -24.60
C ASN B 98 -11.62 10.69 -24.95
N VAL B 99 -11.66 9.88 -26.02
CA VAL B 99 -10.48 9.07 -26.36
C VAL B 99 -9.32 9.98 -26.76
N LYS B 100 -9.63 11.05 -27.47
CA LYS B 100 -8.62 12.05 -27.80
C LYS B 100 -7.88 12.52 -26.56
N GLN B 101 -8.63 12.90 -25.53
CA GLN B 101 -8.00 13.30 -24.27
C GLN B 101 -7.15 12.18 -23.69
N TRP B 102 -7.71 10.96 -23.61
CA TRP B 102 -6.97 9.87 -22.98
C TRP B 102 -5.76 9.49 -23.81
N LEU B 103 -5.94 9.39 -25.13
CA LEU B 103 -4.83 9.03 -26.00
C LEU B 103 -3.72 10.09 -25.99
N GLN B 104 -4.07 11.36 -25.73
CA GLN B 104 -3.04 12.37 -25.52
C GLN B 104 -2.26 12.10 -24.24
N GLU B 105 -2.95 11.68 -23.18
CA GLU B 105 -2.28 11.44 -21.91
C GLU B 105 -1.46 10.15 -21.93
N ILE B 106 -1.99 9.10 -22.55
CA ILE B 106 -1.20 7.88 -22.72
C ILE B 106 0.09 8.21 -23.46
N ASP B 107 -0.03 8.98 -24.54
CA ASP B 107 1.11 9.29 -25.40
C ASP B 107 2.26 9.90 -24.60
N ARG B 108 1.93 10.69 -23.59
CA ARG B 108 2.96 11.37 -22.81
C ARG B 108 3.80 10.37 -22.04
N TYR B 109 3.15 9.58 -21.19
CA TYR B 109 3.86 8.66 -20.30
C TYR B 109 4.30 7.38 -21.00
N ALA B 110 3.55 6.92 -22.00
CA ALA B 110 3.83 5.62 -22.61
C ALA B 110 5.21 5.57 -23.23
N SER B 111 5.92 4.48 -22.96
CA SER B 111 7.15 4.18 -23.66
C SER B 111 6.88 4.07 -25.16
N GLU B 112 7.92 4.33 -25.96
CA GLU B 112 7.79 4.16 -27.40
C GLU B 112 7.48 2.72 -27.77
N ASN B 113 7.93 1.76 -26.95
CA ASN B 113 7.77 0.35 -27.30
C ASN B 113 6.32 -0.11 -27.29
N VAL B 114 5.43 0.59 -26.57
CA VAL B 114 4.01 0.26 -26.60
C VAL B 114 3.42 0.79 -27.89
N ASN B 115 2.75 -0.08 -28.65
CA ASN B 115 2.12 0.31 -29.89
C ASN B 115 0.67 0.70 -29.65
N LYS B 116 0.16 1.59 -30.50
CA LYS B 116 -1.13 2.22 -30.28
C LYS B 116 -1.89 2.29 -31.59
N LEU B 117 -3.21 2.17 -31.49
CA LEU B 117 -4.09 2.21 -32.65
C LEU B 117 -5.40 2.88 -32.25
N LEU B 118 -5.79 3.90 -33.01
CA LEU B 118 -7.07 4.57 -32.83
C LEU B 118 -8.10 3.95 -33.76
N VAL B 119 -9.27 3.61 -33.21
CA VAL B 119 -10.32 2.96 -33.98
C VAL B 119 -11.63 3.73 -33.80
N GLY B 120 -12.13 4.28 -34.90
CA GLY B 120 -13.51 4.74 -34.96
C GLY B 120 -14.41 3.60 -35.37
N ASN B 121 -15.37 3.24 -34.53
CA ASN B 121 -16.23 2.09 -34.77
C ASN B 121 -17.62 2.55 -35.16
N LYS B 122 -18.35 1.64 -35.83
CA LYS B 122 -19.70 1.87 -36.31
C LYS B 122 -19.72 2.74 -37.56
N SER B 123 -18.73 2.51 -38.45
CA SER B 123 -18.65 3.26 -39.70
C SER B 123 -19.85 3.01 -40.59
N ASP B 124 -20.54 1.89 -40.40
CA ASP B 124 -21.71 1.55 -41.21
C ASP B 124 -22.94 2.38 -40.86
N LEU B 125 -22.92 3.11 -39.74
CA LEU B 125 -24.02 4.01 -39.39
C LEU B 125 -23.80 5.38 -40.05
N THR B 126 -23.79 5.35 -41.39
CA THR B 126 -23.33 6.50 -42.16
C THR B 126 -24.30 7.66 -42.06
N THR B 127 -25.60 7.40 -41.86
CA THR B 127 -26.57 8.47 -41.67
C THR B 127 -26.35 9.18 -40.34
N LYS B 128 -25.96 8.44 -39.31
CA LYS B 128 -25.81 8.97 -37.96
C LYS B 128 -24.38 9.38 -37.64
N LYS B 129 -23.48 9.34 -38.62
CA LYS B 129 -22.06 9.53 -38.39
C LYS B 129 -21.75 11.01 -38.17
N VAL B 130 -21.11 11.32 -37.04
CA VAL B 130 -20.85 12.70 -36.66
C VAL B 130 -19.37 13.04 -36.71
N VAL B 131 -18.49 12.08 -36.40
CA VAL B 131 -17.06 12.34 -36.31
C VAL B 131 -16.42 12.11 -37.68
N ASP B 132 -15.82 13.16 -38.22
CA ASP B 132 -15.17 13.10 -39.53
C ASP B 132 -13.84 12.38 -39.45
N ASN B 133 -13.61 11.42 -40.35
CA ASN B 133 -12.42 10.60 -40.23
C ASN B 133 -11.16 11.42 -40.46
N THR B 134 -11.24 12.44 -41.34
CA THR B 134 -10.08 13.28 -41.60
C THR B 134 -9.66 14.07 -40.35
N THR B 135 -10.62 14.37 -39.47
CA THR B 135 -10.28 14.92 -38.16
C THR B 135 -9.54 13.91 -37.30
N ALA B 136 -10.08 12.70 -37.20
CA ALA B 136 -9.42 11.65 -36.42
C ALA B 136 -8.10 11.25 -37.06
N LYS B 137 -8.10 11.08 -38.38
CA LYS B 137 -6.88 10.74 -39.10
C LYS B 137 -5.77 11.73 -38.79
N GLU B 138 -6.09 13.03 -38.82
CA GLU B 138 -5.07 14.05 -38.58
C GLU B 138 -4.67 14.09 -37.11
N PHE B 139 -5.60 13.81 -36.19
CA PHE B 139 -5.22 13.68 -34.79
C PHE B 139 -4.27 12.52 -34.60
N ALA B 140 -4.58 11.37 -35.23
CA ALA B 140 -3.70 10.22 -35.12
C ALA B 140 -2.33 10.51 -35.72
N ASP B 141 -2.30 11.13 -36.89
CA ASP B 141 -1.03 11.52 -37.50
C ASP B 141 -0.21 12.41 -36.58
N SER B 142 -0.88 13.35 -35.89
CA SER B 142 -0.16 14.29 -35.05
C SER B 142 0.62 13.57 -33.96
N LEU B 143 0.15 12.42 -33.52
CA LEU B 143 0.82 11.63 -32.49
C LEU B 143 1.61 10.46 -33.07
N GLY B 144 1.64 10.31 -34.39
CA GLY B 144 2.38 9.21 -35.00
C GLY B 144 1.74 7.86 -34.77
N ILE B 145 0.42 7.80 -34.78
CA ILE B 145 -0.34 6.59 -34.46
C ILE B 145 -1.17 6.20 -35.67
N PRO B 146 -1.34 4.92 -35.97
CA PRO B 146 -2.25 4.54 -37.06
C PRO B 146 -3.70 4.76 -36.67
N PHE B 147 -4.52 5.02 -37.69
CA PHE B 147 -5.94 5.24 -37.52
C PHE B 147 -6.71 4.32 -38.46
N LEU B 148 -7.88 3.86 -37.99
CA LEU B 148 -8.76 3.01 -38.78
C LEU B 148 -10.21 3.19 -38.36
N GLU B 149 -11.10 3.17 -39.33
CA GLU B 149 -12.53 3.09 -39.10
C GLU B 149 -13.00 1.67 -39.36
N THR B 150 -13.91 1.19 -38.51
CA THR B 150 -14.38 -0.18 -38.55
C THR B 150 -15.88 -0.26 -38.33
N SER B 151 -16.45 -1.36 -38.81
CA SER B 151 -17.78 -1.82 -38.44
C SER B 151 -17.59 -3.18 -37.80
N ALA B 152 -17.69 -3.25 -36.48
CA ALA B 152 -17.60 -4.53 -35.79
C ALA B 152 -18.72 -5.46 -36.25
N LYS B 153 -19.92 -4.93 -36.40
CA LYS B 153 -21.07 -5.74 -36.81
C LYS B 153 -20.79 -6.43 -38.14
N ASN B 154 -20.34 -5.68 -39.13
CA ASN B 154 -19.99 -6.21 -40.43
C ASN B 154 -18.61 -6.84 -40.46
N ALA B 155 -17.81 -6.63 -39.41
CA ALA B 155 -16.47 -7.18 -39.29
C ALA B 155 -15.52 -6.58 -40.33
N THR B 156 -15.75 -5.33 -40.71
CA THR B 156 -14.92 -4.68 -41.72
C THR B 156 -13.80 -3.89 -41.03
N ASN B 157 -12.55 -4.23 -41.38
CA ASN B 157 -11.30 -3.63 -40.91
C ASN B 157 -10.96 -4.10 -39.51
N VAL B 158 -11.74 -5.04 -38.94
CA VAL B 158 -11.44 -5.53 -37.60
C VAL B 158 -10.20 -6.41 -37.65
N GLU B 159 -10.24 -7.43 -38.52
CA GLU B 159 -9.08 -8.28 -38.73
C GLU B 159 -7.84 -7.46 -39.03
N GLN B 160 -7.97 -6.49 -39.94
CA GLN B 160 -6.82 -5.68 -40.34
C GLN B 160 -6.32 -4.83 -39.18
N ALA B 161 -7.20 -4.45 -38.26
CA ALA B 161 -6.74 -3.69 -37.10
C ALA B 161 -5.79 -4.53 -36.26
N PHE B 162 -6.21 -5.75 -35.90
CA PHE B 162 -5.35 -6.63 -35.10
C PHE B 162 -4.11 -7.07 -35.87
N MET B 163 -4.24 -7.36 -37.17
CA MET B 163 -3.09 -7.85 -37.92
C MET B 163 -2.03 -6.77 -38.08
N THR B 164 -2.43 -5.52 -38.31
CA THR B 164 -1.45 -4.44 -38.36
C THR B 164 -0.78 -4.26 -37.01
N MET B 165 -1.59 -4.14 -35.94
CA MET B 165 -1.04 -4.02 -34.59
C MET B 165 -0.09 -5.16 -34.28
N ALA B 166 -0.51 -6.40 -34.53
CA ALA B 166 0.37 -7.54 -34.28
C ALA B 166 1.66 -7.44 -35.08
N ALA B 167 1.57 -6.97 -36.33
CA ALA B 167 2.77 -6.84 -37.16
C ALA B 167 3.73 -5.75 -36.66
N GLU B 168 3.21 -4.67 -36.08
CA GLU B 168 4.12 -3.61 -35.63
C GLU B 168 4.80 -3.97 -34.30
N ILE B 169 4.13 -4.74 -33.43
CA ILE B 169 4.82 -5.30 -32.26
C ILE B 169 5.89 -6.29 -32.71
N LYS B 170 5.52 -7.21 -33.62
CA LYS B 170 6.46 -8.25 -34.01
C LYS B 170 7.74 -7.68 -34.61
N LYS B 171 7.62 -6.63 -35.43
CA LYS B 171 8.82 -5.99 -35.97
C LYS B 171 9.68 -5.38 -34.87
N ARG B 172 9.08 -4.87 -33.80
CA ARG B 172 9.86 -4.25 -32.73
C ARG B 172 10.70 -5.29 -31.99
N MET B 173 10.11 -6.45 -31.71
CA MET B 173 10.82 -7.53 -31.01
C MET B 173 11.30 -8.60 -31.98
N THR C 5 -2.72 29.70 49.91
CA THR C 5 -3.72 28.74 49.46
C THR C 5 -3.53 28.43 47.97
N ARG C 6 -4.52 27.75 47.38
CA ARG C 6 -4.35 27.17 46.05
C ARG C 6 -4.39 28.24 44.95
N ILE C 7 -5.25 29.25 45.07
CA ILE C 7 -5.42 30.18 43.96
C ILE C 7 -4.14 30.96 43.68
N GLU C 8 -3.35 31.31 44.71
CA GLU C 8 -2.12 32.05 44.43
C GLU C 8 -0.98 31.09 44.05
N ASN C 9 -0.99 29.87 44.57
CA ASN C 9 -0.08 28.86 44.05
C ASN C 9 -0.28 28.67 42.55
N LEU C 10 -1.54 28.59 42.10
CA LEU C 10 -1.79 28.49 40.66
C LEU C 10 -1.31 29.75 39.94
N GLU C 11 -1.44 30.91 40.58
CA GLU C 11 -1.04 32.16 39.94
C GLU C 11 0.47 32.22 39.76
N ASN C 12 1.23 31.76 40.74
CA ASN C 12 2.68 31.71 40.61
C ASN C 12 3.09 30.70 39.54
N ALA C 13 2.43 29.53 39.51
CA ALA C 13 2.77 28.53 38.50
C ALA C 13 2.48 29.05 37.10
N LYS C 14 1.48 29.90 36.96
CA LYS C 14 1.19 30.54 35.68
C LYS C 14 2.34 31.44 35.25
N LYS C 15 2.89 32.22 36.18
CA LYS C 15 4.02 33.08 35.84
C LYS C 15 5.28 32.27 35.57
N LEU C 16 5.51 31.20 36.34
CA LEU C 16 6.61 30.30 36.04
C LEU C 16 6.46 29.69 34.65
N TRP C 17 5.23 29.34 34.27
CA TRP C 17 4.99 28.84 32.92
C TRP C 17 5.26 29.92 31.88
N ASP C 18 4.81 31.14 32.14
CA ASP C 18 5.13 32.28 31.27
C ASP C 18 6.64 32.38 31.08
N ASN C 19 7.38 32.43 32.18
CA ASN C 19 8.83 32.53 32.11
C ASN C 19 9.40 31.52 31.13
N ALA C 20 9.00 30.25 31.25
CA ALA C 20 9.50 29.22 30.35
C ALA C 20 9.08 29.52 28.91
N ASN C 21 7.86 29.99 28.71
CA ASN C 21 7.39 30.31 27.37
C ASN C 21 8.16 31.50 26.79
N SER C 22 8.40 32.53 27.58
CA SER C 22 9.19 33.67 27.10
C SER C 22 10.62 33.23 26.79
N MET C 23 11.20 32.39 27.66
CA MET C 23 12.48 31.76 27.32
C MET C 23 12.37 31.00 26.03
N LEU C 24 11.19 30.41 25.77
CA LEU C 24 10.98 29.62 24.56
C LEU C 24 10.98 30.53 23.33
N GLU C 25 10.27 31.66 23.42
CA GLU C 25 10.21 32.62 22.33
C GLU C 25 11.59 33.11 21.91
N LYS C 26 12.50 33.28 22.87
CA LYS C 26 13.80 33.85 22.57
C LYS C 26 14.79 32.84 21.99
N GLY C 27 14.37 31.59 21.81
CA GLY C 27 15.29 30.56 21.36
C GLY C 27 16.37 30.20 22.34
N ASN C 28 16.22 30.59 23.61
CA ASN C 28 17.15 30.26 24.69
C ASN C 28 16.79 28.88 25.22
N ILE C 29 17.47 27.88 24.69
CA ILE C 29 17.15 26.49 25.02
C ILE C 29 17.45 26.20 26.48
N SER C 30 18.72 26.34 26.88
CA SER C 30 19.09 26.07 28.26
C SER C 30 18.24 26.87 29.24
N GLY C 31 17.95 28.12 28.90
CA GLY C 31 17.12 28.95 29.77
C GLY C 31 15.70 28.44 29.84
N TYR C 32 15.16 27.97 28.71
CA TYR C 32 13.86 27.33 28.72
C TYR C 32 13.86 26.09 29.60
N LEU C 33 14.86 25.22 29.43
CA LEU C 33 14.91 23.98 30.18
C LEU C 33 15.00 24.25 31.69
N LYS C 34 15.74 25.27 32.08
CA LYS C 34 15.85 25.60 33.49
C LYS C 34 14.55 26.20 34.02
N ALA C 35 13.90 27.05 33.22
CA ALA C 35 12.61 27.59 33.64
C ALA C 35 11.56 26.49 33.76
N ALA C 36 11.60 25.51 32.84
CA ALA C 36 10.70 24.37 32.96
C ALA C 36 11.03 23.55 34.20
N ASN C 37 12.32 23.40 34.52
CA ASN C 37 12.70 22.74 35.76
C ASN C 37 12.11 23.47 36.96
N GLU C 38 12.21 24.80 36.97
CA GLU C 38 11.66 25.58 38.08
C GLU C 38 10.17 25.33 38.23
N LEU C 39 9.44 25.41 37.11
CA LEU C 39 8.00 25.13 37.13
C LEU C 39 7.72 23.73 37.67
N HIS C 40 8.45 22.73 37.17
CA HIS C 40 8.24 21.36 37.60
C HIS C 40 8.50 21.20 39.10
N LYS C 41 9.59 21.78 39.60
CA LYS C 41 9.92 21.66 41.01
C LYS C 41 8.86 22.32 41.88
N PHE C 42 8.26 23.41 41.39
CA PHE C 42 7.26 24.14 42.18
C PHE C 42 5.96 23.36 42.24
N MET C 43 5.47 22.89 41.09
CA MET C 43 4.20 22.18 41.09
C MET C 43 4.28 20.89 41.90
N LYS C 44 5.44 20.23 41.91
CA LYS C 44 5.62 19.07 42.77
C LYS C 44 5.55 19.46 44.23
N GLU C 45 6.20 20.55 44.61
CA GLU C 45 6.22 20.96 46.01
C GLU C 45 4.83 21.37 46.49
N LYS C 46 4.08 22.07 45.64
CA LYS C 46 2.74 22.52 46.01
C LYS C 46 1.66 21.52 45.63
N ASN C 47 2.05 20.37 45.07
CA ASN C 47 1.15 19.27 44.77
C ASN C 47 0.09 19.65 43.75
N LEU C 48 0.48 20.42 42.74
CA LEU C 48 -0.38 20.71 41.62
C LEU C 48 0.00 19.82 40.44
N LYS C 49 -1.00 19.45 39.66
CA LYS C 49 -0.85 18.60 38.50
C LYS C 49 -1.16 19.40 37.24
N GLU C 50 -0.75 18.87 36.08
CA GLU C 50 -0.92 19.61 34.83
C GLU C 50 -2.33 20.12 34.66
N ASP C 51 -3.32 19.27 34.96
CA ASP C 51 -4.72 19.62 34.75
C ASP C 51 -5.11 20.84 35.58
N ASP C 52 -4.50 21.01 36.76
CA ASP C 52 -4.89 22.11 37.63
C ASP C 52 -4.58 23.45 36.98
N LEU C 53 -3.43 23.56 36.34
CA LEU C 53 -3.04 24.84 35.79
C LEU C 53 -3.62 25.05 34.39
N ARG C 54 -3.79 23.99 33.59
CA ARG C 54 -4.23 24.15 32.21
C ARG C 54 -5.44 25.09 32.07
N PRO C 55 -6.46 25.04 32.92
CA PRO C 55 -7.51 26.08 32.83
C PRO C 55 -6.94 27.49 32.92
N GLU C 56 -5.94 27.71 33.77
CA GLU C 56 -5.34 29.03 33.92
C GLU C 56 -4.56 29.51 32.70
N LEU C 57 -4.14 28.63 31.77
CA LEU C 57 -3.41 29.07 30.59
C LEU C 57 -4.29 29.27 29.38
N SER C 58 -5.60 29.25 29.55
CA SER C 58 -6.49 29.39 28.41
C SER C 58 -6.15 30.65 27.61
N ASP C 59 -5.90 31.76 28.30
CA ASP C 59 -5.63 33.02 27.62
C ASP C 59 -4.24 33.07 27.00
N LYS C 60 -3.37 32.12 27.31
CA LYS C 60 -2.00 32.15 26.83
C LYS C 60 -1.80 31.23 25.64
N THR C 61 -0.65 31.39 24.99
CA THR C 61 -0.34 30.62 23.81
C THR C 61 1.17 30.47 23.63
N ILE C 62 1.55 29.29 23.18
CA ILE C 62 2.90 29.03 22.68
C ILE C 62 2.84 29.29 21.17
N SER C 63 3.76 30.12 20.68
CA SER C 63 3.71 30.52 19.28
C SER C 63 4.05 29.36 18.35
N PRO C 64 3.73 29.49 17.06
CA PRO C 64 4.27 28.54 16.08
C PRO C 64 5.78 28.43 16.14
N LYS C 65 6.46 29.54 16.44
CA LYS C 65 7.91 29.47 16.63
C LYS C 65 8.26 28.55 17.78
N GLY C 66 7.59 28.73 18.92
CA GLY C 66 7.87 27.89 20.08
C GLY C 66 7.62 26.42 19.78
N TYR C 67 6.49 26.12 19.15
CA TYR C 67 6.19 24.74 18.78
C TYR C 67 7.26 24.16 17.85
N ALA C 68 7.85 25.01 17.00
CA ALA C 68 8.91 24.56 16.11
C ALA C 68 10.12 24.07 16.87
N ILE C 69 10.54 24.81 17.90
CA ILE C 69 11.72 24.41 18.64
C ILE C 69 11.40 23.24 19.56
N LEU C 70 10.22 23.26 20.20
CA LEU C 70 9.82 22.14 21.04
C LEU C 70 9.84 20.84 20.24
N GLN C 71 9.42 20.90 18.97
CA GLN C 71 9.48 19.72 18.11
C GLN C 71 10.94 19.33 17.87
N SER C 72 11.78 20.31 17.54
CA SER C 72 13.19 20.07 17.36
C SER C 72 13.82 19.51 18.63
N LEU C 73 13.51 20.14 19.77
CA LEU C 73 14.03 19.65 21.04
C LEU C 73 13.55 18.23 21.30
N TRP C 74 12.27 17.96 21.05
CA TRP C 74 11.75 16.60 21.18
C TRP C 74 12.51 15.64 20.27
N GLY C 75 12.56 15.94 18.97
CA GLY C 75 13.23 15.05 18.03
C GLY C 75 14.69 14.80 18.39
N ALA C 76 15.39 15.86 18.81
CA ALA C 76 16.81 15.72 19.14
C ALA C 76 17.00 14.91 20.41
N ALA C 77 16.24 15.23 21.47
CA ALA C 77 16.39 14.50 22.73
C ALA C 77 16.01 13.03 22.56
N SER C 78 14.92 12.76 21.85
CA SER C 78 14.51 11.38 21.64
C SER C 78 15.58 10.58 20.89
N ASP C 79 16.18 11.18 19.86
CA ASP C 79 17.22 10.49 19.11
C ASP C 79 18.50 10.37 19.93
N TYR C 80 18.80 11.39 20.73
CA TYR C 80 20.01 11.38 21.55
C TYR C 80 19.91 10.33 22.65
N SER C 81 18.76 10.25 23.31
CA SER C 81 18.59 9.25 24.37
C SER C 81 18.93 7.84 23.87
N ARG C 82 18.49 7.50 22.65
CA ARG C 82 18.71 6.13 22.16
C ARG C 82 20.13 5.95 21.65
N ALA C 83 20.69 6.98 21.00
CA ALA C 83 22.05 6.90 20.50
C ALA C 83 23.04 6.76 21.64
N ALA C 84 22.77 7.42 22.77
CA ALA C 84 23.65 7.36 23.94
C ALA C 84 23.59 6.02 24.66
N ALA C 85 22.67 5.13 24.28
CA ALA C 85 22.59 3.80 24.87
C ALA C 85 23.47 2.87 24.04
N THR C 86 24.63 2.52 24.57
CA THR C 86 25.62 1.72 23.85
C THR C 86 26.09 0.55 24.72
N LEU C 87 26.95 -0.28 24.16
CA LEU C 87 27.52 -1.38 24.92
C LEU C 87 28.44 -0.89 26.02
N THR C 88 29.05 0.29 25.84
CA THR C 88 29.88 0.85 26.89
C THR C 88 29.03 1.18 28.12
N GLU C 89 27.91 1.85 27.91
CA GLU C 89 27.03 2.25 28.99
C GLU C 89 25.68 2.63 28.39
N SER C 90 24.60 2.26 29.08
CA SER C 90 23.26 2.53 28.57
C SER C 90 22.31 3.06 29.63
N THR C 91 22.82 3.59 30.75
CA THR C 91 21.98 3.99 31.86
C THR C 91 21.95 5.49 32.10
N VAL C 92 23.11 6.11 32.33
CA VAL C 92 23.14 7.48 32.84
C VAL C 92 22.84 8.50 31.76
N GLU C 93 23.60 8.47 30.65
CA GLU C 93 23.38 9.47 29.61
C GLU C 93 21.99 9.34 28.99
N PRO C 94 21.51 8.14 28.64
CA PRO C 94 20.11 8.05 28.21
C PRO C 94 19.14 8.54 29.27
N GLY C 95 19.40 8.22 30.54
CA GLY C 95 18.52 8.70 31.60
C GLY C 95 18.44 10.22 31.66
N LEU C 96 19.61 10.88 31.69
CA LEU C 96 19.62 12.34 31.79
C LEU C 96 18.91 12.99 30.61
N VAL C 97 19.24 12.56 29.39
CA VAL C 97 18.62 13.16 28.21
C VAL C 97 17.13 12.85 28.18
N SER C 98 16.77 11.61 28.52
CA SER C 98 15.35 11.23 28.52
C SER C 98 14.57 12.06 29.54
N ALA C 99 15.20 12.39 30.67
CA ALA C 99 14.53 13.22 31.68
C ALA C 99 14.35 14.66 31.18
N VAL C 100 15.28 15.15 30.36
CA VAL C 100 15.09 16.46 29.75
C VAL C 100 13.86 16.45 28.86
N ASN C 101 13.71 15.39 28.06
CA ASN C 101 12.55 15.28 27.19
C ASN C 101 11.25 15.31 28.00
N LYS C 102 11.20 14.53 29.09
CA LYS C 102 10.00 14.54 29.93
C LYS C 102 9.72 15.93 30.49
N MET C 103 10.76 16.66 30.88
CA MET C 103 10.53 18.00 31.43
C MET C 103 9.90 18.92 30.39
N SER C 104 10.33 18.81 29.13
CA SER C 104 9.73 19.63 28.09
C SER C 104 8.32 19.15 27.76
N ALA C 105 8.07 17.84 27.82
CA ALA C 105 6.72 17.32 27.66
C ALA C 105 5.81 17.82 28.76
N PHE C 106 6.34 18.01 29.97
CA PHE C 106 5.55 18.50 31.09
C PHE C 106 5.07 19.92 30.83
N PHE C 107 5.97 20.77 30.33
CA PHE C 107 5.59 22.14 29.96
C PHE C 107 4.42 22.14 29.00
N MET C 108 4.48 21.28 27.97
CA MET C 108 3.40 21.23 26.99
C MET C 108 2.11 20.70 27.60
N ASP C 109 2.21 19.72 28.51
CA ASP C 109 1.01 19.14 29.12
C ASP C 109 0.31 20.13 30.04
N CYS C 110 1.06 21.05 30.65
CA CYS C 110 0.44 22.11 31.44
C CYS C 110 -0.48 22.96 30.57
N LYS C 111 -0.19 23.07 29.29
CA LYS C 111 -0.92 23.93 28.38
C LYS C 111 -1.89 23.18 27.50
N LEU C 112 -1.58 21.94 27.12
CA LEU C 112 -2.34 21.23 26.11
C LEU C 112 -3.02 20.02 26.74
N SER C 113 -4.27 19.79 26.38
CA SER C 113 -4.98 18.59 26.78
C SER C 113 -4.50 17.37 25.99
N PRO C 114 -4.84 16.16 26.44
CA PRO C 114 -4.24 14.95 25.87
C PRO C 114 -4.49 14.81 24.37
N ASN C 115 -3.41 14.47 23.66
CA ASN C 115 -3.40 14.18 22.22
C ASN C 115 -3.70 15.40 21.38
N GLU C 116 -3.69 16.58 21.98
CA GLU C 116 -3.77 17.82 21.21
C GLU C 116 -2.46 18.02 20.46
N ARG C 117 -2.55 18.20 19.15
CA ARG C 117 -1.34 18.29 18.35
C ARG C 117 -0.67 19.65 18.49
N ALA C 118 0.64 19.62 18.33
CA ALA C 118 1.44 20.83 18.28
C ALA C 118 1.37 21.42 16.87
N THR C 119 1.37 22.76 16.79
CA THR C 119 1.37 23.43 15.50
C THR C 119 2.68 24.17 15.28
N PRO C 120 3.73 23.48 14.85
CA PRO C 120 5.01 24.16 14.60
C PRO C 120 5.04 24.88 13.27
N ASP C 121 5.80 25.96 13.23
CA ASP C 121 6.00 26.70 12.00
C ASP C 121 7.04 25.96 11.17
N PRO C 122 6.69 25.37 10.02
CA PRO C 122 7.69 24.60 9.28
C PRO C 122 8.88 25.43 8.85
N ASP C 123 8.64 26.66 8.40
CA ASP C 123 9.69 27.48 7.81
C ASP C 123 10.65 28.05 8.85
N PHE C 124 10.37 27.93 10.14
CA PHE C 124 11.34 28.30 11.16
C PHE C 124 12.25 27.10 11.41
N LYS C 125 13.52 27.27 11.13
CA LYS C 125 14.49 26.19 11.26
C LYS C 125 15.44 26.51 12.39
N VAL C 126 15.47 25.62 13.38
CA VAL C 126 16.46 25.67 14.42
C VAL C 126 17.45 24.55 14.15
N GLY C 127 18.74 24.86 14.19
CA GLY C 127 19.74 23.84 13.92
C GLY C 127 19.75 22.80 15.03
N LYS C 128 19.82 21.53 14.63
CA LYS C 128 19.89 20.47 15.62
C LYS C 128 21.12 20.61 16.49
N SER C 129 22.21 21.10 15.90
CA SER C 129 23.45 21.28 16.66
C SER C 129 23.29 22.32 17.77
N LYS C 130 22.47 23.35 17.54
CA LYS C 130 22.17 24.29 18.61
C LYS C 130 21.28 23.64 19.66
N ILE C 131 20.40 22.73 19.24
CA ILE C 131 19.50 22.06 20.17
C ILE C 131 20.31 21.15 21.09
N LEU C 132 21.19 20.34 20.52
CA LEU C 132 21.96 19.39 21.31
C LEU C 132 22.84 20.11 22.32
N VAL C 133 23.51 21.18 21.89
CA VAL C 133 24.34 21.96 22.81
C VAL C 133 23.49 22.49 23.96
N GLY C 134 22.30 23.03 23.66
CA GLY C 134 21.43 23.51 24.71
C GLY C 134 21.02 22.42 25.68
N ILE C 135 20.76 21.22 25.17
CA ILE C 135 20.45 20.09 26.04
C ILE C 135 21.65 19.75 26.91
N MET C 136 22.83 19.67 26.29
CA MET C 136 24.03 19.30 27.01
C MET C 136 24.39 20.34 28.07
N GLN C 137 24.21 21.62 27.75
CA GLN C 137 24.51 22.65 28.71
C GLN C 137 23.60 22.56 29.93
N PHE C 138 22.34 22.18 29.72
CA PHE C 138 21.40 22.01 30.84
C PHE C 138 21.77 20.79 31.68
N ILE C 139 22.12 19.68 31.03
CA ILE C 139 22.52 18.48 31.76
C ILE C 139 23.77 18.77 32.59
N LYS C 140 24.77 19.40 31.96
CA LYS C 140 25.95 19.84 32.69
C LYS C 140 25.58 20.58 33.97
N ASP C 141 24.57 21.44 33.91
CA ASP C 141 24.23 22.30 35.04
C ASP C 141 23.37 21.63 36.10
N VAL C 142 22.61 20.59 35.75
CA VAL C 142 21.81 19.88 36.76
C VAL C 142 22.46 18.57 37.22
N ALA C 143 23.39 18.02 36.45
CA ALA C 143 24.03 16.78 36.84
C ALA C 143 24.73 16.92 38.19
N ASP C 144 24.59 15.89 39.03
CA ASP C 144 25.31 15.84 40.29
C ASP C 144 26.81 15.96 40.05
N PRO C 145 27.55 16.67 40.91
CA PRO C 145 29.00 16.79 40.71
C PRO C 145 29.73 15.48 40.68
N THR C 146 29.17 14.44 41.29
CA THR C 146 29.77 13.11 41.32
C THR C 146 29.23 12.20 40.24
N SER C 147 28.27 12.67 39.45
CA SER C 147 27.73 11.84 38.39
C SER C 147 28.84 11.46 37.41
N LYS C 148 28.73 10.26 36.85
CA LYS C 148 29.66 9.79 35.83
C LYS C 148 28.89 9.17 34.67
N ILE C 149 29.44 9.33 33.47
CA ILE C 149 29.01 8.58 32.30
C ILE C 149 30.16 7.64 31.98
N TRP C 150 29.96 6.35 32.24
CA TRP C 150 31.02 5.34 32.12
C TRP C 150 32.14 5.77 33.07
N MET C 151 33.33 6.10 32.59
CA MET C 151 34.45 6.47 33.45
C MET C 151 34.65 7.97 33.53
N HIS C 152 33.86 8.76 32.81
CA HIS C 152 34.03 10.19 32.74
C HIS C 152 33.08 10.91 33.69
N ASN C 153 33.55 12.01 34.26
CA ASN C 153 32.65 12.91 34.97
C ASN C 153 31.64 13.48 33.98
N THR C 154 30.38 13.58 34.42
CA THR C 154 29.30 13.88 33.50
C THR C 154 29.41 15.29 32.95
N LYS C 155 29.54 16.28 33.83
CA LYS C 155 29.74 17.66 33.39
C LYS C 155 30.85 17.74 32.35
N ALA C 156 32.00 17.15 32.65
CA ALA C 156 33.16 17.26 31.77
C ALA C 156 32.90 16.59 30.43
N LEU C 157 32.21 15.45 30.42
CA LEU C 157 31.91 14.82 29.14
C LEU C 157 30.96 15.67 28.31
N MET C 158 30.04 16.40 28.97
CA MET C 158 29.14 17.29 28.25
C MET C 158 29.92 18.41 27.58
N ASN C 159 30.86 19.03 28.32
CA ASN C 159 31.74 20.03 27.73
C ASN C 159 32.47 19.48 26.52
N HIS C 160 32.98 18.25 26.62
CA HIS C 160 33.70 17.66 25.50
C HIS C 160 32.80 17.50 24.29
N LYS C 161 31.55 17.07 24.51
CA LYS C 161 30.62 16.88 23.40
C LYS C 161 30.16 18.21 22.83
N ILE C 162 29.88 19.19 23.70
CA ILE C 162 29.58 20.54 23.23
C ILE C 162 30.70 21.03 22.33
N ALA C 163 31.95 20.91 22.80
CA ALA C 163 33.08 21.37 22.01
C ALA C 163 33.21 20.57 20.73
N ALA C 164 32.90 19.28 20.78
CA ALA C 164 32.95 18.49 19.56
C ALA C 164 31.96 19.04 18.54
N ILE C 165 30.72 19.25 18.98
CA ILE C 165 29.69 19.73 18.05
C ILE C 165 30.09 21.09 17.48
N GLN C 166 30.59 21.99 18.32
CA GLN C 166 30.98 23.30 17.83
C GLN C 166 32.13 23.21 16.83
N LYS C 167 33.00 22.21 16.97
CA LYS C 167 34.04 21.98 15.97
C LYS C 167 33.44 21.52 14.64
N LEU C 168 32.37 20.72 14.68
CA LEU C 168 31.68 20.32 13.46
C LEU C 168 31.04 21.53 12.79
N GLU C 169 30.47 22.44 13.59
CA GLU C 169 29.88 23.65 13.03
C GLU C 169 30.94 24.50 12.33
N ARG C 170 32.10 24.68 12.98
CA ARG C 170 33.16 25.49 12.38
C ARG C 170 33.64 24.88 11.07
N SER C 171 33.79 23.57 11.03
CA SER C 171 34.21 22.87 9.81
C SER C 171 33.07 22.62 8.85
N ASN C 172 31.87 23.14 9.13
CA ASN C 172 30.71 22.95 8.28
C ASN C 172 30.51 21.47 7.93
N ASN C 173 30.65 20.62 8.96
CA ASN C 173 30.55 19.18 8.82
C ASN C 173 29.48 18.63 9.75
N VAL C 174 28.32 19.27 9.76
CA VAL C 174 27.21 18.86 10.61
C VAL C 174 26.20 18.11 9.77
N ASN C 175 26.07 16.82 10.07
CA ASN C 175 25.07 15.95 9.46
C ASN C 175 24.73 14.91 10.52
N CYS C 176 23.73 14.07 10.23
CA CYS C 176 23.30 13.14 11.27
C CYS C 176 24.39 12.15 11.62
N GLU C 177 25.17 11.68 10.63
CA GLU C 177 26.22 10.71 10.92
C GLU C 177 27.25 11.29 11.88
N THR C 178 27.73 12.50 11.61
CA THR C 178 28.77 13.10 12.46
C THR C 178 28.23 13.43 13.84
N LEU C 179 26.95 13.81 13.93
CA LEU C 179 26.33 14.04 15.23
C LEU C 179 26.10 12.73 15.97
N GLU C 180 25.63 11.70 15.25
CA GLU C 180 25.46 10.41 15.89
C GLU C 180 26.75 9.93 16.53
N SER C 181 27.89 10.12 15.85
CA SER C 181 29.16 9.77 16.44
C SER C 181 29.36 10.47 17.77
N VAL C 182 29.02 11.76 17.84
CA VAL C 182 29.19 12.51 19.08
C VAL C 182 28.22 12.00 20.15
N LEU C 183 26.96 11.75 19.77
CA LEU C 183 25.95 11.41 20.75
C LEU C 183 26.16 10.00 21.31
N SER C 184 26.58 9.05 20.47
CA SER C 184 26.88 7.69 20.93
C SER C 184 28.21 7.59 21.64
N SER C 185 29.11 8.56 21.47
CA SER C 185 30.43 8.47 22.07
C SER C 185 30.34 8.46 23.59
N LYS C 186 31.21 7.67 24.22
CA LYS C 186 31.44 7.76 25.66
C LYS C 186 32.89 8.14 25.92
N GLY C 187 33.48 8.85 24.97
CA GLY C 187 34.87 9.26 25.06
C GLY C 187 35.85 8.10 25.14
N GLU C 188 35.57 7.00 24.45
CA GLU C 188 36.44 5.84 24.52
C GLU C 188 37.81 6.11 23.91
N ASN C 189 37.91 7.03 22.94
CA ASN C 189 39.15 7.29 22.25
C ASN C 189 39.84 8.56 22.75
N LEU C 190 39.44 9.07 23.90
CA LEU C 190 40.18 10.14 24.56
C LEU C 190 41.39 9.56 25.28
N SER C 191 42.25 10.46 25.73
CA SER C 191 43.47 10.09 26.42
C SER C 191 43.39 10.25 27.93
N GLU C 192 42.25 10.70 28.44
CA GLU C 192 42.06 10.88 29.86
C GLU C 192 40.62 10.54 30.22
N TYR C 193 40.43 10.17 31.47
CA TYR C 193 39.10 10.16 32.07
C TYR C 193 38.84 11.53 32.67
N LEU C 194 37.76 12.17 32.26
CA LEU C 194 37.56 13.58 32.57
C LEU C 194 37.13 13.77 34.03
N SER C 195 37.47 14.95 34.56
CA SER C 195 37.21 15.31 35.96
C SER C 195 36.55 16.68 36.01
N TYR C 196 35.87 16.98 37.11
CA TYR C 196 35.15 18.25 37.21
C TYR C 196 36.13 19.41 37.10
N GLU D 4 25.21 -8.22 33.11
CA GLU D 4 25.52 -8.16 31.68
C GLU D 4 24.53 -8.97 30.87
N TYR D 5 24.72 -8.93 29.55
CA TYR D 5 23.78 -9.48 28.59
C TYR D 5 24.54 -9.77 27.30
N ASP D 6 23.88 -10.48 26.39
CA ASP D 6 24.48 -10.75 25.09
C ASP D 6 24.06 -9.75 24.01
N TYR D 7 22.84 -9.22 24.11
CA TYR D 7 22.30 -8.29 23.13
C TYR D 7 21.69 -7.11 23.84
N LEU D 8 21.62 -5.98 23.12
CA LEU D 8 20.91 -4.79 23.57
C LEU D 8 20.01 -4.34 22.43
N PHE D 9 18.71 -4.59 22.55
CA PHE D 9 17.72 -4.14 21.59
C PHE D 9 17.03 -2.88 22.10
N LYS D 10 16.68 -1.99 21.19
CA LYS D 10 16.04 -0.72 21.50
C LYS D 10 14.68 -0.71 20.83
N LEU D 11 13.63 -0.54 21.63
CA LEU D 11 12.26 -0.57 21.16
C LEU D 11 11.61 0.77 21.40
N LEU D 12 10.74 1.19 20.48
CA LEU D 12 9.89 2.35 20.68
C LEU D 12 8.46 1.90 20.90
N LEU D 13 7.78 2.56 21.82
CA LEU D 13 6.36 2.31 22.07
C LEU D 13 5.61 3.56 21.61
N ILE D 14 4.92 3.44 20.49
CA ILE D 14 4.24 4.55 19.85
C ILE D 14 2.75 4.40 20.05
N GLY D 15 2.08 5.52 20.33
CA GLY D 15 0.65 5.51 20.53
C GLY D 15 0.18 6.73 21.30
N ASP D 16 -1.07 7.11 21.10
CA ASP D 16 -1.60 8.29 21.77
C ASP D 16 -1.78 8.01 23.26
N SER D 17 -2.08 9.08 24.00
CA SER D 17 -2.37 8.95 25.41
C SER D 17 -3.71 8.25 25.62
N GLY D 18 -3.79 7.49 26.72
CA GLY D 18 -5.01 6.78 27.06
C GLY D 18 -5.13 5.38 26.49
N VAL D 19 -4.19 4.95 25.63
CA VAL D 19 -4.31 3.65 24.97
C VAL D 19 -3.74 2.51 25.81
N GLY D 20 -2.95 2.81 26.84
CA GLY D 20 -2.46 1.81 27.75
C GLY D 20 -0.97 1.48 27.67
N LYS D 21 -0.14 2.42 27.21
CA LYS D 21 1.28 2.13 27.05
C LYS D 21 1.93 1.80 28.40
N SER D 22 1.63 2.59 29.43
CA SER D 22 2.23 2.35 30.73
C SER D 22 1.91 0.96 31.26
N CYS D 23 0.66 0.53 31.12
CA CYS D 23 0.26 -0.78 31.62
C CYS D 23 0.91 -1.91 30.83
N LEU D 24 1.16 -1.70 29.54
CA LEU D 24 1.90 -2.68 28.75
C LEU D 24 3.31 -2.89 29.29
N LEU D 25 3.85 -1.95 30.07
CA LEU D 25 5.22 -1.99 30.54
C LEU D 25 5.35 -2.45 31.99
N LEU D 26 4.30 -3.03 32.57
CA LEU D 26 4.38 -3.42 33.99
C LEU D 26 5.49 -4.42 34.22
N ARG D 27 5.74 -5.31 33.26
CA ARG D 27 6.80 -6.29 33.40
C ARG D 27 8.19 -5.66 33.32
N PHE D 28 8.30 -4.43 32.81
CA PHE D 28 9.58 -3.75 32.73
C PHE D 28 9.84 -2.94 33.99
N ALA D 29 11.12 -2.67 34.24
CA ALA D 29 11.55 -1.93 35.42
C ALA D 29 12.24 -0.64 35.01
N ASP D 30 12.34 0.28 35.98
CA ASP D 30 13.24 1.41 35.87
C ASP D 30 14.64 0.98 36.28
N ASP D 31 15.65 1.50 35.57
CA ASP D 31 17.02 1.30 36.00
C ASP D 31 17.23 1.99 37.36
N THR D 32 18.40 1.77 37.94
CA THR D 32 18.75 2.43 39.19
C THR D 32 19.62 3.65 38.88
N TYR D 33 19.31 4.76 39.55
CA TYR D 33 19.95 6.03 39.27
C TYR D 33 20.32 6.70 40.58
N THR D 34 21.58 7.14 40.69
CA THR D 34 22.00 7.98 41.79
C THR D 34 21.69 9.45 41.53
N GLU D 35 21.16 9.78 40.36
CA GLU D 35 21.09 11.16 39.89
C GLU D 35 19.92 11.90 40.56
N SER D 36 20.25 12.98 41.28
CA SER D 36 19.22 13.79 41.92
C SER D 36 18.20 14.28 40.90
N TYR D 37 18.67 14.83 39.79
CA TYR D 37 17.77 15.37 38.77
C TYR D 37 16.82 14.29 38.25
N ILE D 38 17.33 13.09 37.99
CA ILE D 38 16.49 12.02 37.47
C ILE D 38 15.44 11.61 38.51
N SER D 39 15.79 11.64 39.79
CA SER D 39 14.86 11.18 40.82
C SER D 39 13.71 12.17 41.03
N THR D 40 13.92 13.46 40.74
CA THR D 40 12.82 14.42 40.83
C THR D 40 11.83 14.24 39.68
N ILE D 41 12.34 13.85 38.51
CA ILE D 41 11.56 13.86 37.26
C ILE D 41 11.12 12.47 36.87
N GLY D 42 12.08 11.62 36.60
CA GLY D 42 11.83 10.31 36.02
C GLY D 42 12.37 10.21 34.60
N VAL D 43 11.98 9.11 33.97
CA VAL D 43 12.60 8.65 32.74
C VAL D 43 11.48 8.06 31.88
N ASP D 44 11.64 8.14 30.56
CA ASP D 44 10.60 7.64 29.65
C ASP D 44 10.98 6.32 28.97
N PHE D 45 11.98 5.60 29.50
CA PHE D 45 12.30 4.27 29.04
C PHE D 45 12.38 3.31 30.23
N LYS D 46 12.17 2.03 29.93
CA LYS D 46 12.21 0.99 30.93
C LYS D 46 13.04 -0.17 30.36
N ILE D 47 13.53 -1.03 31.25
CA ILE D 47 14.45 -2.09 30.84
C ILE D 47 13.93 -3.43 31.35
N ARG D 48 14.29 -4.48 30.61
CA ARG D 48 13.93 -5.85 30.96
C ARG D 48 14.94 -6.78 30.30
N THR D 49 15.48 -7.71 31.08
CA THR D 49 16.35 -8.74 30.54
C THR D 49 15.54 -10.01 30.33
N ILE D 50 15.79 -10.68 29.20
CA ILE D 50 15.10 -11.91 28.87
C ILE D 50 16.11 -12.92 28.37
N GLU D 51 15.69 -14.18 28.29
CA GLU D 51 16.48 -15.26 27.74
C GLU D 51 15.79 -15.76 26.47
N LEU D 52 16.55 -15.84 25.39
CA LEU D 52 15.99 -16.24 24.10
C LEU D 52 17.06 -17.01 23.33
N ASP D 53 16.78 -18.28 23.04
CA ASP D 53 17.71 -19.16 22.32
C ASP D 53 19.03 -19.31 23.09
N GLY D 54 18.93 -19.40 24.41
CA GLY D 54 20.13 -19.53 25.22
C GLY D 54 21.00 -18.30 25.28
N LYS D 55 20.51 -17.16 24.80
CA LYS D 55 21.20 -15.87 24.89
C LYS D 55 20.41 -14.92 25.78
N THR D 56 21.12 -14.03 26.47
CA THR D 56 20.51 -13.04 27.33
C THR D 56 20.39 -11.72 26.58
N ILE D 57 19.16 -11.20 26.51
CA ILE D 57 18.87 -9.98 25.77
C ILE D 57 18.37 -8.93 26.74
N LYS D 58 18.98 -7.75 26.70
CA LYS D 58 18.43 -6.59 27.39
C LYS D 58 17.52 -5.84 26.41
N LEU D 59 16.26 -5.67 26.78
CA LEU D 59 15.33 -4.82 26.04
C LEU D 59 15.25 -3.47 26.73
N GLN D 60 15.53 -2.42 25.99
CA GLN D 60 15.39 -1.05 26.47
C GLN D 60 14.34 -0.38 25.59
N ILE D 61 13.21 -0.04 26.18
CA ILE D 61 12.03 0.38 25.43
C ILE D 61 11.68 1.79 25.85
N TRP D 62 11.43 2.65 24.86
CA TRP D 62 11.06 4.04 25.10
C TRP D 62 9.57 4.25 24.85
N ASP D 63 8.89 4.85 25.82
CA ASP D 63 7.54 5.39 25.62
C ASP D 63 7.67 6.91 25.59
N THR D 64 8.21 7.42 24.48
CA THR D 64 8.79 8.75 24.44
C THR D 64 7.78 9.80 24.88
N ALA D 65 8.16 10.56 25.91
CA ALA D 65 7.30 11.63 26.38
C ALA D 65 7.18 12.72 25.33
N GLY D 66 5.97 13.22 25.17
CA GLY D 66 5.70 14.30 24.23
C GLY D 66 5.42 13.85 22.82
N GLN D 67 5.48 12.54 22.53
CA GLN D 67 5.23 12.07 21.18
C GLN D 67 3.83 12.43 20.68
N GLU D 68 2.85 12.45 21.59
CA GLU D 68 1.49 12.78 21.19
C GLU D 68 1.38 14.17 20.60
N ARG D 69 2.35 15.04 20.86
CA ARG D 69 2.32 16.40 20.33
C ARG D 69 2.82 16.48 18.90
N PHE D 70 3.69 15.57 18.49
CA PHE D 70 4.36 15.67 17.19
C PHE D 70 4.13 14.41 16.37
N ARG D 71 3.13 14.45 15.49
CA ARG D 71 2.97 13.48 14.42
C ARG D 71 3.36 14.18 13.13
N THR D 72 4.38 13.68 12.45
CA THR D 72 4.89 14.36 11.27
C THR D 72 5.97 13.53 10.62
N TYR D 78 12.28 8.53 14.25
CA TYR D 78 11.79 7.16 14.43
C TYR D 78 12.85 6.15 14.02
N GLY D 80 16.95 4.79 14.55
CA GLY D 80 17.75 4.55 15.73
C GLY D 80 17.12 3.57 16.70
N ALA D 81 16.12 2.82 16.21
CA ALA D 81 15.45 1.81 17.02
C ALA D 81 15.42 0.50 16.27
N HIS D 82 15.59 -0.59 17.02
CA HIS D 82 15.48 -1.92 16.43
C HIS D 82 14.03 -2.31 16.17
N GLY D 83 13.12 -1.82 17.01
CA GLY D 83 11.74 -2.28 16.98
C GLY D 83 10.79 -1.15 17.26
N ILE D 84 9.62 -1.22 16.60
CA ILE D 84 8.54 -0.27 16.78
C ILE D 84 7.28 -1.03 17.14
N ILE D 85 6.68 -0.67 18.27
CA ILE D 85 5.41 -1.24 18.73
C ILE D 85 4.39 -0.12 18.70
N VAL D 86 3.39 -0.26 17.84
CA VAL D 86 2.37 0.77 17.68
C VAL D 86 1.08 0.27 18.32
N VAL D 87 0.50 1.12 19.17
CA VAL D 87 -0.59 0.74 20.06
C VAL D 87 -1.81 1.61 19.76
N TYR D 88 -2.95 0.98 19.53
CA TYR D 88 -4.23 1.68 19.45
C TYR D 88 -5.19 1.10 20.48
N ASP D 89 -6.17 1.92 20.85
CA ASP D 89 -7.22 1.56 21.79
C ASP D 89 -8.35 0.94 21.00
N VAL D 90 -8.60 -0.35 21.22
CA VAL D 90 -9.51 -1.07 20.33
C VAL D 90 -10.97 -0.69 20.64
N THR D 91 -11.22 0.12 21.68
CA THR D 91 -12.53 0.71 21.96
C THR D 91 -12.66 2.14 21.44
N ASP D 92 -11.77 2.59 20.56
CA ASP D 92 -11.78 3.97 20.11
C ASP D 92 -11.30 4.00 18.67
N GLN D 93 -12.20 4.36 17.75
CA GLN D 93 -11.88 4.31 16.32
C GLN D 93 -10.80 5.32 15.94
N GLU D 94 -10.83 6.52 16.54
CA GLU D 94 -9.91 7.56 16.11
C GLU D 94 -8.47 7.16 16.38
N SER D 95 -8.21 6.46 17.49
CA SER D 95 -6.85 6.03 17.77
C SER D 95 -6.37 4.98 16.77
N TYR D 96 -7.29 4.15 16.27
CA TYR D 96 -6.93 3.22 15.20
C TYR D 96 -6.66 3.96 13.91
N ALA D 97 -7.56 4.86 13.53
CA ALA D 97 -7.37 5.65 12.31
C ALA D 97 -6.05 6.41 12.36
N ASN D 98 -5.60 6.77 13.57
CA ASN D 98 -4.36 7.53 13.70
C ASN D 98 -3.13 6.64 13.53
N VAL D 99 -3.08 5.48 14.21
CA VAL D 99 -1.94 4.59 14.03
C VAL D 99 -1.88 4.07 12.60
N LYS D 100 -3.04 3.80 12.00
CA LYS D 100 -3.09 3.40 10.61
C LYS D 100 -2.34 4.39 9.74
N GLN D 101 -2.58 5.69 9.95
CA GLN D 101 -1.92 6.72 9.16
C GLN D 101 -0.42 6.74 9.43
N TRP D 102 -0.02 6.70 10.70
CA TRP D 102 1.39 6.78 11.05
C TRP D 102 2.18 5.60 10.47
N LEU D 103 1.66 4.38 10.62
CA LEU D 103 2.34 3.22 10.06
C LEU D 103 2.55 3.39 8.56
N GLN D 104 1.50 3.77 7.84
CA GLN D 104 1.62 3.95 6.40
C GLN D 104 2.78 4.88 6.08
N GLU D 105 2.96 5.94 6.87
CA GLU D 105 4.06 6.88 6.62
C GLU D 105 5.40 6.29 7.06
N ILE D 106 5.45 5.69 8.25
CA ILE D 106 6.67 5.05 8.73
C ILE D 106 7.21 4.09 7.67
N ASP D 107 6.35 3.19 7.19
CA ASP D 107 6.80 2.15 6.27
C ASP D 107 7.36 2.74 4.99
N ARG D 108 6.74 3.80 4.47
CA ARG D 108 7.23 4.41 3.23
C ARG D 108 8.69 4.82 3.38
N TYR D 109 9.05 5.40 4.52
CA TYR D 109 10.41 5.84 4.77
C TYR D 109 11.25 4.74 5.41
N VAL D 114 14.11 -2.39 10.35
CA VAL D 114 13.37 -2.12 11.58
C VAL D 114 12.11 -2.99 11.62
N ASN D 115 11.88 -3.67 12.75
CA ASN D 115 10.72 -4.53 12.91
C ASN D 115 9.55 -3.75 13.50
N LYS D 116 8.35 -4.22 13.19
CA LYS D 116 7.14 -3.48 13.51
C LYS D 116 6.05 -4.42 14.01
N LEU D 117 5.24 -3.94 14.95
CA LEU D 117 4.19 -4.75 15.55
C LEU D 117 3.01 -3.85 15.89
N LEU D 118 1.84 -4.19 15.35
CA LEU D 118 0.61 -3.49 15.66
C LEU D 118 -0.10 -4.20 16.80
N VAL D 119 -0.52 -3.44 17.81
CA VAL D 119 -1.23 -4.01 18.95
C VAL D 119 -2.50 -3.20 19.19
N GLY D 120 -3.63 -3.88 19.21
CA GLY D 120 -4.85 -3.29 19.74
C GLY D 120 -4.95 -3.63 21.20
N ASN D 121 -5.08 -2.64 22.06
CA ASN D 121 -5.06 -2.85 23.50
C ASN D 121 -6.42 -2.56 24.10
N LYS D 122 -6.73 -3.27 25.19
CA LYS D 122 -8.02 -3.23 25.89
C LYS D 122 -8.99 -4.18 25.21
N SER D 123 -8.51 -5.37 24.83
CA SER D 123 -9.36 -6.37 24.22
C SER D 123 -10.41 -6.92 25.18
N ASP D 124 -10.16 -6.81 26.48
CA ASP D 124 -11.11 -7.31 27.47
C ASP D 124 -12.35 -6.43 27.61
N LEU D 125 -12.30 -5.19 27.11
CA LEU D 125 -13.48 -4.33 27.07
C LEU D 125 -14.32 -4.72 25.86
N THR D 126 -14.92 -5.91 25.96
CA THR D 126 -15.59 -6.51 24.80
C THR D 126 -16.93 -5.86 24.51
N THR D 127 -17.57 -5.25 25.51
CA THR D 127 -18.83 -4.55 25.28
C THR D 127 -18.60 -3.18 24.63
N LYS D 128 -17.44 -2.56 24.86
CA LYS D 128 -17.13 -1.24 24.32
C LYS D 128 -16.31 -1.30 23.03
N LYS D 129 -16.02 -2.50 22.53
CA LYS D 129 -15.05 -2.67 21.45
C LYS D 129 -15.65 -2.24 20.12
N VAL D 130 -15.00 -1.28 19.46
CA VAL D 130 -15.50 -0.73 18.20
C VAL D 130 -14.65 -1.14 16.99
N VAL D 131 -13.35 -1.34 17.17
CA VAL D 131 -12.48 -1.72 16.07
C VAL D 131 -12.42 -3.25 16.02
N ASP D 132 -13.04 -3.84 14.99
CA ASP D 132 -13.02 -5.29 14.87
C ASP D 132 -11.62 -5.75 14.47
N ASN D 133 -11.19 -6.88 15.04
CA ASN D 133 -9.80 -7.31 14.87
C ASN D 133 -9.49 -7.76 13.44
N THR D 134 -10.48 -8.21 12.68
CA THR D 134 -10.23 -8.65 11.31
C THR D 134 -9.70 -7.50 10.45
N THR D 135 -10.32 -6.32 10.54
CA THR D 135 -9.87 -5.19 9.73
C THR D 135 -8.45 -4.77 10.09
N ALA D 136 -8.12 -4.77 11.38
CA ALA D 136 -6.75 -4.47 11.81
C ALA D 136 -5.79 -5.58 11.36
N LYS D 137 -6.19 -6.83 11.56
CA LYS D 137 -5.41 -7.97 11.07
C LYS D 137 -5.10 -7.81 9.59
N GLU D 138 -6.10 -7.45 8.80
CA GLU D 138 -5.92 -7.33 7.36
C GLU D 138 -5.05 -6.13 7.01
N PHE D 139 -5.17 -5.02 7.75
CA PHE D 139 -4.30 -3.89 7.54
C PHE D 139 -2.85 -4.24 7.84
N ALA D 140 -2.63 -4.92 8.97
CA ALA D 140 -1.27 -5.34 9.34
C ALA D 140 -0.71 -6.28 8.29
N ASP D 141 -1.50 -7.26 7.86
CA ASP D 141 -1.06 -8.17 6.80
C ASP D 141 -0.67 -7.39 5.55
N SER D 142 -1.40 -6.32 5.24
CA SER D 142 -1.12 -5.56 4.03
C SER D 142 0.26 -4.92 4.09
N LEU D 143 0.76 -4.62 5.29
CA LEU D 143 2.10 -4.07 5.44
C LEU D 143 3.13 -5.14 5.79
N GLY D 144 2.72 -6.40 5.90
CA GLY D 144 3.64 -7.46 6.26
C GLY D 144 4.13 -7.39 7.67
N ILE D 145 3.27 -6.97 8.60
CA ILE D 145 3.68 -6.77 10.00
C ILE D 145 2.77 -7.60 10.89
N PRO D 146 3.29 -8.16 11.99
CA PRO D 146 2.42 -8.93 12.89
C PRO D 146 1.38 -8.06 13.59
N PHE D 147 0.28 -8.70 13.97
CA PHE D 147 -0.80 -8.07 14.70
C PHE D 147 -1.10 -8.87 15.97
N LEU D 148 -1.51 -8.17 17.01
CA LEU D 148 -1.82 -8.80 18.29
C LEU D 148 -2.78 -7.93 19.07
N GLU D 149 -3.90 -8.51 19.51
CA GLU D 149 -4.77 -7.85 20.47
C GLU D 149 -4.31 -8.20 21.88
N THR D 150 -4.29 -7.20 22.75
CA THR D 150 -3.74 -7.37 24.08
C THR D 150 -4.70 -6.81 25.13
N SER D 151 -4.59 -7.34 26.34
CA SER D 151 -5.19 -6.76 27.53
C SER D 151 -4.07 -6.56 28.54
N ALA D 152 -3.59 -5.32 28.65
CA ALA D 152 -2.57 -5.02 29.65
C ALA D 152 -3.04 -5.40 31.05
N LYS D 153 -4.32 -5.14 31.34
CA LYS D 153 -4.84 -5.40 32.69
C LYS D 153 -4.78 -6.89 33.03
N ASN D 154 -5.10 -7.74 32.06
CA ASN D 154 -5.02 -9.18 32.26
C ASN D 154 -3.68 -9.78 31.82
N ALA D 155 -2.80 -8.96 31.25
CA ALA D 155 -1.51 -9.43 30.74
C ALA D 155 -1.66 -10.46 29.63
N THR D 156 -2.81 -10.47 28.97
CA THR D 156 -3.05 -11.41 27.88
C THR D 156 -2.08 -11.14 26.74
N ASN D 157 -1.28 -12.15 26.40
CA ASN D 157 -0.19 -12.09 25.43
C ASN D 157 0.44 -10.71 25.30
N VAL D 158 0.69 -10.05 26.44
CA VAL D 158 1.65 -8.96 26.48
C VAL D 158 3.06 -9.52 26.31
N GLU D 159 3.39 -10.56 27.08
CA GLU D 159 4.68 -11.22 26.95
C GLU D 159 4.92 -11.70 25.53
N GLN D 160 3.91 -12.30 24.91
CA GLN D 160 4.09 -12.83 23.56
C GLN D 160 4.44 -11.73 22.57
N ALA D 161 3.88 -10.54 22.74
CA ALA D 161 4.20 -9.43 21.86
C ALA D 161 5.69 -9.13 21.89
N PHE D 162 6.25 -8.97 23.09
CA PHE D 162 7.67 -8.62 23.21
C PHE D 162 8.58 -9.77 22.81
N MET D 163 8.20 -11.01 23.15
CA MET D 163 9.07 -12.15 22.86
C MET D 163 9.13 -12.45 21.38
N THR D 164 8.01 -12.32 20.67
CA THR D 164 8.02 -12.49 19.22
C THR D 164 8.90 -11.43 18.57
N MET D 165 8.66 -10.16 18.91
CA MET D 165 9.48 -9.07 18.40
C MET D 165 10.96 -9.34 18.64
N ALA D 166 11.33 -9.56 19.91
CA ALA D 166 12.73 -9.80 20.24
C ALA D 166 13.29 -10.95 19.43
N ALA D 167 12.47 -11.96 19.13
CA ALA D 167 12.94 -13.09 18.32
C ALA D 167 13.12 -12.68 16.87
N GLU D 168 12.24 -11.82 16.36
CA GLU D 168 12.37 -11.37 14.97
C GLU D 168 13.55 -10.44 14.79
N ILE D 169 13.84 -9.60 15.79
CA ILE D 169 15.06 -8.78 15.74
C ILE D 169 16.29 -9.68 15.78
N LYS D 170 16.29 -10.67 16.67
CA LYS D 170 17.44 -11.54 16.84
C LYS D 170 17.76 -12.30 15.56
N LYS D 171 16.74 -12.83 14.89
CA LYS D 171 16.96 -13.60 13.68
C LYS D 171 17.62 -12.75 12.60
N ARG D 172 17.28 -11.47 12.53
CA ARG D 172 17.91 -10.58 11.55
C ARG D 172 19.40 -10.43 11.81
N MET D 173 19.79 -10.32 13.07
CA MET D 173 21.19 -10.08 13.43
C MET D 173 21.96 -11.39 13.56
N ARG E 6 -11.24 -69.17 -0.49
CA ARG E 6 -11.42 -67.73 -0.45
C ARG E 6 -11.41 -67.14 -1.84
N ILE E 7 -10.53 -67.65 -2.70
CA ILE E 7 -10.43 -67.12 -4.06
C ILE E 7 -11.72 -67.39 -4.81
N GLU E 8 -12.23 -68.62 -4.69
CA GLU E 8 -13.48 -68.97 -5.34
C GLU E 8 -14.66 -68.23 -4.71
N ASN E 9 -14.56 -67.91 -3.42
CA ASN E 9 -15.59 -67.09 -2.80
C ASN E 9 -15.58 -65.69 -3.39
N LEU E 10 -14.38 -65.13 -3.58
CA LEU E 10 -14.27 -63.80 -4.15
C LEU E 10 -14.79 -63.74 -5.57
N GLU E 11 -14.48 -64.76 -6.39
CA GLU E 11 -14.96 -64.68 -7.76
C GLU E 11 -16.48 -64.79 -7.83
N ASN E 12 -17.13 -65.23 -6.76
CA ASN E 12 -18.59 -65.12 -6.68
C ASN E 12 -19.00 -63.72 -6.24
N ALA E 13 -18.38 -63.21 -5.17
CA ALA E 13 -18.65 -61.85 -4.74
C ALA E 13 -18.37 -60.85 -5.85
N LYS E 14 -17.37 -61.11 -6.69
CA LYS E 14 -17.18 -60.33 -7.90
C LYS E 14 -18.48 -60.27 -8.69
N LYS E 15 -19.05 -61.43 -8.99
CA LYS E 15 -20.21 -61.51 -9.88
C LYS E 15 -21.45 -60.94 -9.20
N LEU E 16 -21.57 -61.12 -7.89
CA LEU E 16 -22.67 -60.47 -7.16
C LEU E 16 -22.57 -58.96 -7.25
N TRP E 17 -21.35 -58.42 -7.21
CA TRP E 17 -21.17 -56.97 -7.38
C TRP E 17 -21.57 -56.54 -8.79
N ASP E 18 -21.08 -57.27 -9.81
CA ASP E 18 -21.53 -57.02 -11.18
C ASP E 18 -23.05 -57.03 -11.29
N ASN E 19 -23.70 -58.05 -10.71
CA ASN E 19 -25.15 -58.12 -10.74
C ASN E 19 -25.77 -56.82 -10.25
N ALA E 20 -25.30 -56.33 -9.10
CA ALA E 20 -25.80 -55.05 -8.59
C ALA E 20 -25.48 -53.90 -9.54
N ASN E 21 -24.28 -53.93 -10.13
CA ASN E 21 -23.90 -52.86 -11.06
C ASN E 21 -24.75 -52.90 -12.32
N SER E 22 -25.01 -54.11 -12.85
CA SER E 22 -25.88 -54.23 -14.01
C SER E 22 -27.31 -53.81 -13.70
N MET E 23 -27.83 -54.21 -12.52
CA MET E 23 -29.15 -53.76 -12.10
C MET E 23 -29.22 -52.25 -12.09
N LEU E 24 -28.12 -51.65 -11.68
CA LEU E 24 -28.01 -50.22 -11.60
C LEU E 24 -27.98 -49.57 -12.99
N GLU E 25 -27.23 -50.15 -13.93
CA GLU E 25 -27.19 -49.65 -15.30
C GLU E 25 -28.58 -49.58 -15.93
N LYS E 26 -29.51 -50.44 -15.50
CA LYS E 26 -30.85 -50.46 -16.08
C LYS E 26 -31.83 -49.53 -15.37
N GLY E 27 -31.38 -48.78 -14.37
CA GLY E 27 -32.27 -47.92 -13.62
C GLY E 27 -33.24 -48.67 -12.74
N ASN E 28 -33.01 -49.96 -12.52
CA ASN E 28 -33.84 -50.80 -11.66
C ASN E 28 -33.41 -50.63 -10.21
N ILE E 29 -34.06 -49.72 -9.49
CA ILE E 29 -33.66 -49.48 -8.10
C ILE E 29 -33.97 -50.68 -7.23
N SER E 30 -35.24 -51.07 -7.17
CA SER E 30 -35.60 -52.19 -6.31
C SER E 30 -34.71 -53.40 -6.63
N GLY E 31 -34.43 -53.62 -7.91
CA GLY E 31 -33.54 -54.71 -8.28
C GLY E 31 -32.10 -54.48 -7.86
N TYR E 32 -31.61 -53.25 -7.99
CA TYR E 32 -30.29 -52.92 -7.45
C TYR E 32 -30.26 -53.11 -5.94
N LEU E 33 -31.27 -52.58 -5.25
CA LEU E 33 -31.29 -52.67 -3.80
C LEU E 33 -31.28 -54.10 -3.32
N LYS E 34 -32.03 -54.99 -3.98
CA LYS E 34 -31.99 -56.40 -3.63
C LYS E 34 -30.64 -57.01 -3.97
N ALA E 35 -30.09 -56.66 -5.14
CA ALA E 35 -28.82 -57.24 -5.56
C ALA E 35 -27.67 -56.80 -4.65
N ALA E 36 -27.70 -55.56 -4.18
CA ALA E 36 -26.71 -55.12 -3.21
C ALA E 36 -26.86 -55.88 -1.90
N ASN E 37 -28.10 -56.15 -1.50
CA ASN E 37 -28.37 -56.94 -0.32
C ASN E 37 -27.73 -58.32 -0.43
N GLU E 38 -27.89 -58.96 -1.59
CA GLU E 38 -27.28 -60.27 -1.78
C GLU E 38 -25.77 -60.19 -1.58
N LEU E 39 -25.14 -59.19 -2.19
CA LEU E 39 -23.71 -58.99 -2.04
C LEU E 39 -23.34 -58.86 -0.57
N HIS E 40 -24.05 -57.99 0.15
CA HIS E 40 -23.75 -57.76 1.56
C HIS E 40 -23.88 -59.05 2.38
N LYS E 41 -25.03 -59.73 2.24
CA LYS E 41 -25.25 -60.94 3.02
C LYS E 41 -24.18 -61.99 2.73
N PHE E 42 -23.68 -62.03 1.49
CA PHE E 42 -22.72 -63.06 1.12
C PHE E 42 -21.37 -62.83 1.77
N MET E 43 -20.87 -61.59 1.70
CA MET E 43 -19.57 -61.31 2.26
C MET E 43 -19.56 -61.37 3.77
N LYS E 44 -20.66 -60.97 4.42
CA LYS E 44 -20.76 -61.16 5.86
C LYS E 44 -20.72 -62.64 6.22
N GLU E 45 -21.32 -63.50 5.40
CA GLU E 45 -21.33 -64.93 5.72
C GLU E 45 -19.98 -65.57 5.44
N LYS E 46 -19.30 -65.15 4.36
CA LYS E 46 -17.98 -65.66 4.03
C LYS E 46 -16.87 -64.84 4.67
N ASN E 47 -17.21 -63.83 5.47
CA ASN E 47 -16.24 -63.04 6.24
C ASN E 47 -15.30 -62.24 5.32
N LEU E 48 -15.87 -61.68 4.25
CA LEU E 48 -15.16 -60.78 3.36
C LEU E 48 -15.47 -59.32 3.67
N LYS E 49 -14.48 -58.47 3.54
CA LYS E 49 -14.57 -57.06 3.84
C LYS E 49 -14.33 -56.27 2.56
N GLU E 50 -14.75 -55.00 2.56
CA GLU E 50 -14.61 -54.17 1.35
C GLU E 50 -13.19 -54.25 0.79
N ASP E 51 -12.20 -54.17 1.68
CA ASP E 51 -10.80 -54.14 1.26
C ASP E 51 -10.41 -55.40 0.49
N ASP E 52 -11.00 -56.54 0.84
CA ASP E 52 -10.65 -57.79 0.18
C ASP E 52 -11.06 -57.79 -1.29
N LEU E 53 -12.26 -57.29 -1.58
CA LEU E 53 -12.75 -57.38 -2.96
C LEU E 53 -12.28 -56.20 -3.82
N ARG E 54 -12.10 -55.01 -3.24
CA ARG E 54 -11.76 -53.85 -4.06
C ARG E 54 -10.64 -54.12 -5.05
N PRO E 55 -9.54 -54.78 -4.70
CA PRO E 55 -8.56 -55.13 -5.73
C PRO E 55 -9.17 -55.92 -6.87
N GLU E 56 -10.14 -56.78 -6.54
CA GLU E 56 -10.76 -57.66 -7.53
C GLU E 56 -11.61 -56.89 -8.55
N LEU E 57 -12.01 -55.66 -8.23
CA LEU E 57 -12.85 -54.85 -9.11
C LEU E 57 -12.04 -53.85 -9.93
N SER E 58 -10.72 -54.00 -9.96
CA SER E 58 -9.89 -53.03 -10.67
C SER E 58 -10.37 -52.82 -12.10
N ASP E 59 -10.67 -53.91 -12.80
CA ASP E 59 -11.07 -53.84 -14.20
C ASP E 59 -12.49 -53.34 -14.41
N LYS E 60 -13.30 -53.23 -13.36
CA LYS E 60 -14.69 -52.85 -13.51
C LYS E 60 -14.89 -51.37 -13.21
N THR E 61 -16.09 -50.90 -13.54
CA THR E 61 -16.45 -49.50 -13.36
C THR E 61 -17.95 -49.36 -13.22
N ILE E 62 -18.34 -48.44 -12.35
CA ILE E 62 -19.72 -47.96 -12.26
C ILE E 62 -19.83 -46.74 -13.18
N SER E 63 -20.82 -46.76 -14.08
CA SER E 63 -20.93 -45.73 -15.10
C SER E 63 -21.35 -44.38 -14.51
N PRO E 64 -21.17 -43.29 -15.27
CA PRO E 64 -21.81 -42.01 -14.88
C PRO E 64 -23.31 -42.11 -14.69
N LYS E 65 -24.00 -42.89 -15.53
CA LYS E 65 -25.41 -43.13 -15.29
C LYS E 65 -25.57 -43.71 -13.91
N GLY E 66 -24.70 -44.65 -13.58
CA GLY E 66 -24.77 -45.30 -12.30
C GLY E 66 -24.54 -44.37 -11.13
N TYR E 67 -23.50 -43.55 -11.22
CA TYR E 67 -23.23 -42.57 -10.17
C TYR E 67 -24.42 -41.62 -10.00
N ALA E 68 -25.14 -41.35 -11.09
CA ALA E 68 -26.32 -40.51 -11.03
C ALA E 68 -27.43 -41.14 -10.20
N ILE E 69 -27.68 -42.44 -10.38
CA ILE E 69 -28.76 -43.09 -9.65
C ILE E 69 -28.37 -43.31 -8.19
N LEU E 70 -27.09 -43.59 -7.91
CA LEU E 70 -26.65 -43.70 -6.53
C LEU E 70 -26.81 -42.36 -5.80
N GLN E 71 -26.51 -41.26 -6.48
CA GLN E 71 -26.66 -39.95 -5.87
C GLN E 71 -28.11 -39.62 -5.58
N SER E 72 -29.01 -39.91 -6.52
CA SER E 72 -30.43 -39.74 -6.27
C SER E 72 -30.87 -40.58 -5.08
N LEU E 73 -30.48 -41.85 -5.08
CA LEU E 73 -30.83 -42.76 -3.99
C LEU E 73 -30.27 -42.26 -2.66
N TRP E 74 -29.01 -41.83 -2.65
CA TRP E 74 -28.42 -41.26 -1.44
C TRP E 74 -29.21 -40.05 -0.96
N GLY E 75 -29.43 -39.07 -1.84
CA GLY E 75 -30.15 -37.87 -1.44
C GLY E 75 -31.53 -38.17 -0.91
N ALA E 76 -32.26 -39.07 -1.57
CA ALA E 76 -33.62 -39.39 -1.15
C ALA E 76 -33.63 -40.14 0.18
N ALA E 77 -32.81 -41.18 0.30
CA ALA E 77 -32.76 -41.95 1.54
C ALA E 77 -32.34 -41.09 2.71
N SER E 78 -31.33 -40.24 2.51
CA SER E 78 -30.87 -39.37 3.59
C SER E 78 -31.97 -38.40 4.01
N ASP E 79 -32.74 -37.89 3.04
CA ASP E 79 -33.84 -36.98 3.37
C ASP E 79 -34.98 -37.72 4.04
N TYR E 80 -35.25 -38.96 3.59
CA TYR E 80 -36.34 -39.75 4.14
C TYR E 80 -36.05 -40.19 5.58
N SER E 81 -34.82 -40.63 5.85
CA SER E 81 -34.44 -41.04 7.21
C SER E 81 -34.78 -39.99 8.25
N ARG E 82 -34.48 -38.73 7.95
CA ARG E 82 -34.68 -37.64 8.89
C ARG E 82 -36.13 -37.18 8.94
N ALA E 83 -36.82 -37.17 7.79
CA ALA E 83 -38.22 -36.79 7.81
C ALA E 83 -39.05 -37.80 8.60
N ALA E 84 -38.71 -39.09 8.50
CA ALA E 84 -39.45 -40.13 9.19
C ALA E 84 -39.23 -40.13 10.69
N ALA E 85 -38.29 -39.32 11.20
CA ALA E 85 -38.07 -39.22 12.64
C ALA E 85 -38.97 -38.11 13.18
N THR E 86 -40.05 -38.50 13.84
CA THR E 86 -41.05 -37.56 14.33
C THR E 86 -41.32 -37.81 15.80
N LEU E 87 -42.18 -36.98 16.38
CA LEU E 87 -42.60 -37.16 17.77
C LEU E 87 -43.46 -38.39 17.96
N THR E 88 -44.13 -38.85 16.91
CA THR E 88 -44.87 -40.10 17.02
C THR E 88 -43.91 -41.26 17.26
N GLU E 89 -42.87 -41.37 16.44
CA GLU E 89 -41.87 -42.40 16.61
C GLU E 89 -40.65 -42.04 15.76
N SER E 90 -39.46 -42.32 16.28
CA SER E 90 -38.23 -41.91 15.61
C SER E 90 -37.19 -43.03 15.52
N THR E 91 -37.59 -44.28 15.66
CA THR E 91 -36.64 -45.38 15.68
C THR E 91 -36.73 -46.31 14.48
N VAL E 92 -37.91 -46.84 14.18
CA VAL E 92 -37.98 -47.95 13.24
C VAL E 92 -37.87 -47.47 11.79
N GLU E 93 -38.72 -46.52 11.39
CA GLU E 93 -38.68 -46.08 9.99
C GLU E 93 -37.36 -45.41 9.67
N PRO E 94 -36.83 -44.49 10.49
CA PRO E 94 -35.49 -43.98 10.20
C PRO E 94 -34.44 -45.08 10.15
N GLY E 95 -34.53 -46.07 11.05
CA GLY E 95 -33.59 -47.18 11.02
C GLY E 95 -33.63 -47.95 9.72
N LEU E 96 -34.83 -48.34 9.28
CA LEU E 96 -34.96 -49.13 8.05
C LEU E 96 -34.42 -48.37 6.83
N VAL E 97 -34.84 -47.12 6.65
CA VAL E 97 -34.42 -46.36 5.49
C VAL E 97 -32.92 -46.06 5.56
N SER E 98 -32.44 -45.70 6.76
CA SER E 98 -31.03 -45.41 6.91
C SER E 98 -30.17 -46.64 6.60
N ALA E 99 -30.68 -47.84 6.92
CA ALA E 99 -29.95 -49.05 6.61
C ALA E 99 -29.89 -49.31 5.11
N VAL E 100 -30.92 -48.90 4.37
CA VAL E 100 -30.88 -48.98 2.91
C VAL E 100 -29.75 -48.11 2.38
N ASN E 101 -29.60 -46.90 2.90
CA ASN E 101 -28.54 -46.01 2.45
C ASN E 101 -27.17 -46.64 2.62
N LYS E 102 -26.92 -47.20 3.80
CA LYS E 102 -25.64 -47.82 4.10
C LYS E 102 -25.35 -48.99 3.17
N MET E 103 -26.37 -49.82 2.92
CA MET E 103 -26.21 -50.93 2.00
C MET E 103 -25.72 -50.45 0.64
N SER E 104 -26.22 -49.29 0.20
CA SER E 104 -25.75 -48.71 -1.05
C SER E 104 -24.35 -48.15 -0.89
N ALA E 105 -24.06 -47.55 0.27
CA ALA E 105 -22.69 -47.10 0.54
C ALA E 105 -21.72 -48.28 0.55
N PHE E 106 -22.18 -49.46 0.99
CA PHE E 106 -21.32 -50.63 1.00
C PHE E 106 -20.94 -51.05 -0.41
N PHE E 107 -21.92 -51.08 -1.33
CA PHE E 107 -21.64 -51.36 -2.74
C PHE E 107 -20.55 -50.43 -3.27
N MET E 108 -20.65 -49.16 -2.93
CA MET E 108 -19.68 -48.16 -3.35
C MET E 108 -18.32 -48.40 -2.71
N ASP E 109 -18.30 -48.80 -1.44
CA ASP E 109 -17.04 -49.02 -0.75
C ASP E 109 -16.31 -50.26 -1.26
N CYS E 110 -17.05 -51.27 -1.74
CA CYS E 110 -16.40 -52.42 -2.35
C CYS E 110 -15.57 -52.02 -3.55
N LYS E 111 -15.96 -50.95 -4.25
CA LYS E 111 -15.31 -50.52 -5.47
C LYS E 111 -14.37 -49.34 -5.29
N LEU E 112 -14.66 -48.43 -4.36
CA LEU E 112 -13.98 -47.15 -4.29
C LEU E 112 -13.15 -47.04 -3.02
N SER E 113 -11.97 -46.43 -3.14
CA SER E 113 -11.15 -46.11 -1.98
C SER E 113 -11.79 -44.99 -1.16
N PRO E 114 -11.33 -44.78 0.07
CA PRO E 114 -11.96 -43.75 0.91
C PRO E 114 -11.82 -42.37 0.30
N ASN E 115 -12.93 -41.63 0.30
CA ASN E 115 -13.04 -40.24 -0.15
C ASN E 115 -12.90 -40.07 -1.65
N GLU E 116 -12.93 -41.14 -2.45
CA GLU E 116 -13.01 -40.95 -3.90
C GLU E 116 -14.38 -40.43 -4.27
N ARG E 117 -14.42 -39.33 -5.01
CA ARG E 117 -15.68 -38.68 -5.33
C ARG E 117 -16.39 -39.44 -6.45
N ALA E 118 -17.70 -39.35 -6.44
CA ALA E 118 -18.51 -39.89 -7.52
C ALA E 118 -18.58 -38.89 -8.67
N THR E 119 -18.60 -39.41 -9.91
CA THR E 119 -18.74 -38.59 -11.12
C THR E 119 -20.07 -38.94 -11.79
N PRO E 120 -21.18 -38.36 -11.36
CA PRO E 120 -22.47 -38.68 -11.95
C PRO E 120 -22.75 -37.91 -13.23
N ASP E 121 -23.55 -38.52 -14.11
CA ASP E 121 -23.98 -37.87 -15.33
C ASP E 121 -25.06 -36.85 -14.95
N PRO E 122 -24.79 -35.55 -15.05
CA PRO E 122 -25.77 -34.57 -14.57
C PRO E 122 -27.10 -34.62 -15.29
N ASP E 123 -27.11 -34.99 -16.56
CA ASP E 123 -28.35 -34.97 -17.34
C ASP E 123 -29.17 -36.23 -17.15
N PHE E 124 -28.75 -37.13 -16.27
CA PHE E 124 -29.57 -38.28 -15.95
C PHE E 124 -30.21 -38.09 -14.58
N LYS E 125 -31.54 -37.94 -14.58
CA LYS E 125 -32.31 -37.79 -13.35
C LYS E 125 -33.45 -38.79 -13.33
N VAL E 126 -33.48 -39.62 -12.29
CA VAL E 126 -34.69 -40.36 -11.94
C VAL E 126 -35.43 -39.53 -10.90
N GLY E 127 -36.74 -39.40 -11.08
CA GLY E 127 -37.52 -38.57 -10.19
C GLY E 127 -37.48 -39.05 -8.75
N LYS E 128 -37.50 -38.08 -7.83
CA LYS E 128 -37.47 -38.40 -6.41
C LYS E 128 -38.63 -39.30 -5.99
N SER E 129 -39.81 -39.12 -6.61
CA SER E 129 -40.93 -39.97 -6.25
C SER E 129 -40.69 -41.42 -6.68
N LYS E 130 -39.97 -41.63 -7.78
CA LYS E 130 -39.63 -43.00 -8.19
C LYS E 130 -38.59 -43.60 -7.25
N ILE E 131 -37.59 -42.82 -6.82
CA ILE E 131 -36.62 -43.33 -5.86
C ILE E 131 -37.33 -43.79 -4.59
N LEU E 132 -38.20 -42.94 -4.05
CA LEU E 132 -38.82 -43.21 -2.76
C LEU E 132 -39.67 -44.48 -2.81
N VAL E 133 -40.41 -44.67 -3.91
CA VAL E 133 -41.19 -45.89 -4.04
C VAL E 133 -40.27 -47.10 -4.10
N GLY E 134 -39.16 -46.99 -4.83
CA GLY E 134 -38.22 -48.09 -4.88
C GLY E 134 -37.66 -48.44 -3.52
N ILE E 135 -37.41 -47.42 -2.69
CA ILE E 135 -36.93 -47.66 -1.33
C ILE E 135 -38.00 -48.37 -0.51
N MET E 136 -39.24 -47.87 -0.58
CA MET E 136 -40.31 -48.43 0.24
C MET E 136 -40.64 -49.87 -0.14
N GLN E 137 -40.65 -50.19 -1.44
CA GLN E 137 -40.91 -51.57 -1.83
C GLN E 137 -39.82 -52.51 -1.33
N PHE E 138 -38.57 -52.04 -1.33
CA PHE E 138 -37.49 -52.87 -0.81
C PHE E 138 -37.64 -53.08 0.69
N ILE E 139 -37.98 -52.01 1.42
CA ILE E 139 -38.19 -52.13 2.85
C ILE E 139 -39.35 -53.07 3.12
N LYS E 140 -40.47 -52.88 2.41
CA LYS E 140 -41.58 -53.81 2.50
C LYS E 140 -41.12 -55.26 2.38
N ASP E 141 -40.21 -55.53 1.43
CA ASP E 141 -39.83 -56.90 1.14
C ASP E 141 -38.84 -57.48 2.14
N VAL E 142 -38.02 -56.65 2.80
CA VAL E 142 -37.05 -57.15 3.77
C VAL E 142 -37.52 -56.98 5.22
N ALA E 143 -38.53 -56.16 5.47
CA ALA E 143 -39.01 -55.97 6.83
C ALA E 143 -39.58 -57.28 7.38
N ASP E 144 -39.29 -57.53 8.65
CA ASP E 144 -39.87 -58.67 9.34
C ASP E 144 -41.40 -58.56 9.29
N PRO E 145 -42.12 -59.68 9.05
CA PRO E 145 -43.59 -59.60 9.00
C PRO E 145 -44.25 -59.09 10.27
N THR E 146 -43.59 -59.16 11.42
CA THR E 146 -44.15 -58.61 12.65
C THR E 146 -43.64 -57.20 12.94
N SER E 147 -42.79 -56.66 12.08
CA SER E 147 -42.26 -55.32 12.26
C SER E 147 -43.41 -54.30 12.30
N LYS E 148 -43.25 -53.28 13.14
CA LYS E 148 -44.25 -52.22 13.26
C LYS E 148 -43.59 -50.85 13.23
N ILE E 149 -44.25 -49.90 12.59
CA ILE E 149 -43.92 -48.49 12.68
C ILE E 149 -45.03 -47.85 13.50
N TRP E 150 -44.69 -47.45 14.73
CA TRP E 150 -45.68 -46.93 15.68
C TRP E 150 -46.70 -48.03 15.91
N MET E 151 -47.97 -47.85 15.54
CA MET E 151 -49.01 -48.84 15.76
C MET E 151 -49.34 -49.63 14.50
N HIS E 152 -48.70 -49.30 13.38
CA HIS E 152 -49.01 -49.93 12.10
C HIS E 152 -48.00 -51.02 11.78
N ASN E 153 -48.48 -52.07 11.13
CA ASN E 153 -47.58 -53.05 10.55
C ASN E 153 -46.73 -52.39 9.46
N THR E 154 -45.44 -52.72 9.43
CA THR E 154 -44.51 -52.01 8.57
C THR E 154 -44.81 -52.24 7.10
N LYS E 155 -44.90 -53.50 6.67
CA LYS E 155 -45.25 -53.79 5.29
C LYS E 155 -46.48 -53.00 4.86
N ALA E 156 -47.52 -52.99 5.70
CA ALA E 156 -48.77 -52.34 5.34
C ALA E 156 -48.61 -50.83 5.25
N LEU E 157 -47.84 -50.25 6.16
CA LEU E 157 -47.61 -48.80 6.11
C LEU E 157 -46.82 -48.41 4.87
N MET E 158 -45.90 -49.28 4.43
CA MET E 158 -45.15 -49.00 3.21
C MET E 158 -46.08 -48.99 2.00
N ASN E 159 -46.96 -49.99 1.90
CA ASN E 159 -47.96 -50.00 0.85
C ASN E 159 -48.79 -48.72 0.86
N HIS E 160 -49.20 -48.28 2.05
CA HIS E 160 -49.99 -47.06 2.14
C HIS E 160 -49.21 -45.85 1.63
N LYS E 161 -47.91 -45.77 1.98
CA LYS E 161 -47.11 -44.64 1.53
C LYS E 161 -46.82 -44.73 0.04
N ILE E 162 -46.50 -45.93 -0.46
CA ILE E 162 -46.33 -46.09 -1.91
C ILE E 162 -47.58 -45.61 -2.63
N ALA E 163 -48.75 -46.05 -2.18
CA ALA E 163 -50.00 -45.64 -2.80
C ALA E 163 -50.22 -44.14 -2.62
N ALA E 164 -49.81 -43.60 -1.47
CA ALA E 164 -49.87 -42.15 -1.28
C ALA E 164 -48.98 -41.44 -2.28
N ILE E 165 -47.77 -41.95 -2.48
CA ILE E 165 -46.84 -41.35 -3.44
C ILE E 165 -47.44 -41.40 -4.84
N GLN E 166 -47.99 -42.56 -5.21
CA GLN E 166 -48.56 -42.72 -6.54
C GLN E 166 -49.78 -41.84 -6.76
N LYS E 167 -50.59 -41.59 -5.72
CA LYS E 167 -51.73 -40.69 -5.91
C LYS E 167 -51.27 -39.26 -6.17
N LEU E 168 -50.17 -38.84 -5.54
CA LEU E 168 -49.64 -37.51 -5.79
C LEU E 168 -49.20 -37.38 -7.24
N GLU E 169 -48.57 -38.43 -7.79
CA GLU E 169 -48.18 -38.43 -9.19
C GLU E 169 -49.39 -38.32 -10.11
N ARG E 170 -50.46 -39.09 -9.80
CA ARG E 170 -51.64 -39.07 -10.65
C ARG E 170 -52.33 -37.71 -10.63
N SER E 171 -52.40 -37.09 -9.47
CA SER E 171 -53.03 -35.78 -9.34
C SER E 171 -52.07 -34.64 -9.62
N ASN E 172 -50.87 -34.93 -10.12
CA ASN E 172 -49.90 -33.91 -10.50
C ASN E 172 -49.64 -32.95 -9.33
N ASN E 173 -49.42 -33.51 -8.15
CA ASN E 173 -49.23 -32.74 -6.93
C ASN E 173 -47.98 -33.20 -6.19
N VAL E 174 -46.88 -33.40 -6.92
CA VAL E 174 -45.62 -33.86 -6.33
C VAL E 174 -44.69 -32.68 -6.16
N ASN E 175 -44.35 -32.37 -4.91
CA ASN E 175 -43.37 -31.34 -4.58
C ASN E 175 -42.72 -31.73 -3.26
N CYS E 176 -41.72 -30.96 -2.83
CA CYS E 176 -40.98 -31.38 -1.63
C CYS E 176 -41.86 -31.39 -0.39
N GLU E 177 -42.77 -30.42 -0.25
CA GLU E 177 -43.68 -30.42 0.89
C GLU E 177 -44.60 -31.63 0.88
N THR E 178 -45.34 -31.84 -0.21
CA THR E 178 -46.25 -32.98 -0.24
C THR E 178 -45.51 -34.31 -0.05
N LEU E 179 -44.31 -34.44 -0.61
CA LEU E 179 -43.53 -35.65 -0.36
C LEU E 179 -43.12 -35.74 1.10
N GLU E 180 -42.69 -34.63 1.70
CA GLU E 180 -42.32 -34.65 3.11
C GLU E 180 -43.49 -35.10 3.98
N SER E 181 -44.70 -34.64 3.67
CA SER E 181 -45.88 -35.09 4.42
C SER E 181 -46.00 -36.61 4.40
N VAL E 182 -45.75 -37.22 3.23
CA VAL E 182 -45.83 -38.68 3.16
C VAL E 182 -44.72 -39.32 3.97
N LEU E 183 -43.50 -38.79 3.86
CA LEU E 183 -42.36 -39.43 4.51
C LEU E 183 -42.42 -39.28 6.03
N SER E 184 -42.89 -38.14 6.52
CA SER E 184 -43.05 -37.93 7.96
C SER E 184 -44.30 -38.59 8.53
N SER E 185 -45.27 -38.94 7.68
CA SER E 185 -46.51 -39.51 8.18
C SER E 185 -46.26 -40.85 8.86
N LYS E 186 -47.01 -41.10 9.94
CA LYS E 186 -47.07 -42.42 10.56
C LYS E 186 -48.50 -42.95 10.52
N GLY E 187 -49.26 -42.54 9.51
CA GLY E 187 -50.66 -42.95 9.39
C GLY E 187 -51.53 -42.54 10.57
N GLU E 188 -51.27 -41.36 11.14
CA GLU E 188 -52.05 -40.92 12.30
C GLU E 188 -53.50 -40.63 11.95
N ASN E 189 -53.78 -40.25 10.71
CA ASN E 189 -55.12 -39.89 10.29
C ASN E 189 -55.81 -41.00 9.51
N LEU E 190 -55.29 -42.22 9.59
CA LEU E 190 -56.00 -43.37 9.05
C LEU E 190 -57.11 -43.81 10.00
N SER E 191 -57.96 -44.70 9.50
CA SER E 191 -59.11 -45.18 10.25
C SER E 191 -58.89 -46.55 10.86
N GLU E 192 -57.72 -47.15 10.66
CA GLU E 192 -57.40 -48.45 11.24
C GLU E 192 -55.92 -48.47 11.56
N TYR E 193 -55.57 -49.26 12.57
CA TYR E 193 -54.18 -49.67 12.73
C TYR E 193 -53.93 -50.83 11.79
N LEU E 194 -52.95 -50.69 10.91
CA LEU E 194 -52.80 -51.66 9.83
C LEU E 194 -52.21 -52.97 10.37
N SER E 195 -52.46 -54.03 9.62
CA SER E 195 -52.02 -55.36 10.02
C SER E 195 -51.53 -56.10 8.80
N TYR E 196 -50.71 -57.11 9.03
CA TYR E 196 -50.06 -57.84 7.95
C TYR E 196 -51.03 -58.77 7.22
N GLU F 4 -40.43 -41.20 26.59
CA GLU F 4 -40.76 -39.90 26.01
C GLU F 4 -39.63 -38.90 26.23
N TYR F 5 -39.77 -37.73 25.61
CA TYR F 5 -38.79 -36.66 25.67
C TYR F 5 -39.55 -35.36 25.39
N ASP F 6 -38.92 -34.22 25.66
CA ASP F 6 -39.60 -32.96 25.39
C ASP F 6 -39.27 -32.39 24.01
N TYR F 7 -38.08 -32.66 23.50
CA TYR F 7 -37.65 -32.16 22.21
C TYR F 7 -37.01 -33.29 21.43
N LEU F 8 -37.05 -33.18 20.11
CA LEU F 8 -36.36 -34.06 19.19
C LEU F 8 -35.55 -33.19 18.23
N PHE F 9 -34.23 -33.16 18.43
CA PHE F 9 -33.33 -32.42 17.56
C PHE F 9 -32.63 -33.38 16.61
N LYS F 10 -32.44 -32.96 15.37
CA LYS F 10 -31.80 -33.77 14.35
C LYS F 10 -30.52 -33.07 13.93
N LEU F 11 -29.41 -33.78 14.04
CA LEU F 11 -28.10 -33.20 13.79
C LEU F 11 -27.44 -33.99 12.67
N LEU F 12 -26.69 -33.28 11.83
CA LEU F 12 -25.87 -33.92 10.80
C LEU F 12 -24.41 -33.76 11.16
N LEU F 13 -23.65 -34.81 10.90
CA LEU F 13 -22.21 -34.82 11.10
C LEU F 13 -21.58 -34.93 9.71
N ILE F 14 -20.99 -33.85 9.24
CA ILE F 14 -20.42 -33.76 7.90
C ILE F 14 -18.90 -33.74 7.99
N GLY F 15 -18.25 -34.47 7.09
CA GLY F 15 -16.80 -34.57 7.07
C GLY F 15 -16.31 -35.77 6.29
N ASP F 16 -15.12 -35.67 5.71
CA ASP F 16 -14.58 -36.75 4.90
C ASP F 16 -14.24 -37.96 5.78
N SER F 17 -13.98 -39.08 5.09
CA SER F 17 -13.53 -40.28 5.77
C SER F 17 -12.17 -40.04 6.43
N GLY F 18 -11.96 -40.66 7.59
CA GLY F 18 -10.70 -40.53 8.29
C GLY F 18 -10.63 -39.39 9.28
N VAL F 19 -11.64 -38.52 9.32
CA VAL F 19 -11.56 -37.31 10.13
C VAL F 19 -11.92 -37.54 11.59
N GLY F 20 -12.65 -38.61 11.90
CA GLY F 20 -12.98 -38.95 13.26
C GLY F 20 -14.45 -38.86 13.62
N LYS F 21 -15.36 -38.90 12.65
CA LYS F 21 -16.78 -38.77 12.96
C LYS F 21 -17.27 -39.91 13.85
N SER F 22 -16.88 -41.14 13.53
CA SER F 22 -17.31 -42.29 14.33
C SER F 22 -16.86 -42.16 15.77
N CYS F 23 -15.60 -41.80 15.99
CA CYS F 23 -15.10 -41.68 17.36
C CYS F 23 -15.78 -40.54 18.10
N LEU F 24 -16.06 -39.44 17.41
CA LEU F 24 -16.85 -38.38 18.03
C LEU F 24 -18.23 -38.88 18.41
N LEU F 25 -18.83 -39.73 17.57
CA LEU F 25 -20.14 -40.28 17.92
C LEU F 25 -20.05 -41.43 18.90
N LEU F 26 -19.03 -42.28 18.79
CA LEU F 26 -18.85 -43.32 19.78
C LEU F 26 -18.97 -42.73 21.19
N ARG F 27 -18.38 -41.55 21.39
CA ARG F 27 -18.47 -40.91 22.70
C ARG F 27 -19.91 -40.56 23.04
N PHE F 28 -20.70 -40.17 22.05
CA PHE F 28 -22.10 -39.81 22.25
C PHE F 28 -23.06 -40.94 21.92
N ALA F 29 -22.55 -42.11 21.55
CA ALA F 29 -23.34 -43.28 21.13
C ALA F 29 -24.78 -43.31 21.63
N GLU F 35 -31.34 -54.87 14.02
CA GLU F 35 -32.74 -55.25 13.93
C GLU F 35 -33.09 -55.91 12.60
N SER F 36 -33.17 -57.25 12.60
CA SER F 36 -33.57 -57.99 11.42
C SER F 36 -32.66 -57.67 10.24
N TYR F 37 -33.18 -56.90 9.26
CA TYR F 37 -32.35 -56.41 8.17
C TYR F 37 -31.47 -55.24 8.62
N ILE F 38 -31.94 -54.47 9.61
CA ILE F 38 -31.10 -53.44 10.22
C ILE F 38 -29.86 -54.06 10.85
N SER F 39 -30.02 -55.24 11.47
CA SER F 39 -28.89 -55.85 12.18
C SER F 39 -27.81 -56.35 11.23
N THR F 40 -28.19 -56.76 10.02
CA THR F 40 -27.19 -57.20 9.06
C THR F 40 -26.27 -56.06 8.62
N ILE F 41 -26.76 -54.82 8.67
CA ILE F 41 -26.03 -53.71 8.05
C ILE F 41 -25.75 -52.59 9.07
N GLY F 42 -26.69 -52.35 9.98
CA GLY F 42 -26.58 -51.22 10.87
C GLY F 42 -27.21 -49.96 10.31
N VAL F 43 -27.03 -48.86 11.05
CA VAL F 43 -27.61 -47.58 10.70
C VAL F 43 -26.52 -46.52 10.83
N ASP F 44 -26.78 -45.36 10.23
CA ASP F 44 -25.81 -44.28 10.22
C ASP F 44 -26.08 -43.21 11.28
N PHE F 45 -27.07 -43.39 12.14
CA PHE F 45 -27.36 -42.42 13.19
C PHE F 45 -27.23 -43.06 14.56
N LYS F 46 -26.95 -42.22 15.55
CA LYS F 46 -26.90 -42.62 16.95
C LYS F 46 -27.71 -41.64 17.77
N ILE F 47 -28.05 -42.04 19.00
CA ILE F 47 -28.96 -41.27 19.84
C ILE F 47 -28.28 -40.94 21.16
N ARG F 48 -28.76 -39.86 21.77
CA ARG F 48 -28.33 -39.44 23.10
C ARG F 48 -29.43 -38.56 23.67
N THR F 49 -29.87 -38.87 24.88
CA THR F 49 -30.81 -38.02 25.59
C THR F 49 -30.01 -37.10 26.49
N ILE F 50 -30.46 -35.85 26.63
CA ILE F 50 -29.80 -34.88 27.50
C ILE F 50 -30.88 -34.12 28.25
N GLU F 51 -30.45 -33.24 29.14
CA GLU F 51 -31.36 -32.40 29.91
C GLU F 51 -30.91 -30.96 29.81
N LEU F 52 -31.83 -30.07 29.44
CA LEU F 52 -31.56 -28.64 29.33
C LEU F 52 -32.75 -27.89 29.89
N ASP F 53 -32.51 -27.07 30.92
CA ASP F 53 -33.57 -26.29 31.54
C ASP F 53 -34.71 -27.18 32.03
N GLY F 54 -34.35 -28.31 32.63
CA GLY F 54 -35.34 -29.23 33.15
C GLY F 54 -36.14 -29.98 32.11
N LYS F 55 -35.79 -29.84 30.83
CA LYS F 55 -36.50 -30.52 29.76
C LYS F 55 -35.62 -31.62 29.19
N THR F 56 -36.27 -32.68 28.74
CA THR F 56 -35.56 -33.81 28.16
C THR F 56 -35.46 -33.62 26.64
N ILE F 57 -34.25 -33.75 26.11
CA ILE F 57 -34.01 -33.57 24.67
C ILE F 57 -33.40 -34.85 24.14
N LYS F 58 -34.03 -35.40 23.09
CA LYS F 58 -33.45 -36.51 22.36
C LYS F 58 -32.68 -35.96 21.17
N LEU F 59 -31.37 -36.21 21.16
CA LEU F 59 -30.51 -35.84 20.03
C LEU F 59 -30.34 -37.06 19.13
N GLN F 60 -30.74 -36.92 17.88
CA GLN F 60 -30.56 -37.97 16.87
C GLN F 60 -29.64 -37.42 15.81
N ILE F 61 -28.45 -38.00 15.71
CA ILE F 61 -27.36 -37.40 14.94
C ILE F 61 -26.98 -38.34 13.81
N TRP F 62 -27.03 -37.83 12.58
CA TRP F 62 -26.73 -38.61 11.39
C TRP F 62 -25.30 -38.36 10.95
N ASP F 63 -24.58 -39.45 10.70
CA ASP F 63 -23.25 -39.42 10.09
C ASP F 63 -23.47 -40.15 8.77
N THR F 64 -24.11 -39.45 7.83
CA THR F 64 -24.69 -40.07 6.64
C THR F 64 -23.67 -40.89 5.89
N ALA F 65 -24.00 -42.16 5.65
CA ALA F 65 -23.11 -43.05 4.92
C ALA F 65 -23.09 -42.68 3.45
N GLY F 66 -21.90 -42.70 2.86
CA GLY F 66 -21.71 -42.35 1.46
C GLY F 66 -21.58 -40.87 1.19
N GLN F 67 -21.68 -40.01 2.21
CA GLN F 67 -21.59 -38.57 1.98
C GLN F 67 -20.28 -38.18 1.31
N GLU F 68 -19.18 -38.86 1.64
CA GLU F 68 -17.85 -38.56 1.09
C GLU F 68 -17.84 -38.60 -0.43
N ARG F 69 -18.78 -39.33 -1.02
CA ARG F 69 -18.86 -39.55 -2.45
C ARG F 69 -19.58 -38.43 -3.17
N PHE F 70 -20.48 -37.72 -2.47
CA PHE F 70 -21.42 -36.77 -3.08
C PHE F 70 -21.24 -35.45 -2.34
N ARG F 71 -20.23 -34.69 -2.74
CA ARG F 71 -19.97 -33.39 -2.12
C ARG F 71 -20.52 -32.23 -2.94
N THR F 72 -21.37 -32.50 -3.92
CA THR F 72 -22.26 -31.45 -4.43
C THR F 72 -23.25 -31.11 -3.33
N ILE F 73 -23.30 -29.84 -2.95
CA ILE F 73 -24.11 -29.42 -1.81
C ILE F 73 -25.56 -29.22 -2.25
N THR F 74 -26.32 -30.31 -2.29
CA THR F 74 -27.76 -30.23 -2.55
C THR F 74 -28.48 -29.97 -1.22
N SER F 75 -29.81 -30.06 -1.24
CA SER F 75 -30.59 -29.77 -0.04
C SER F 75 -30.28 -30.75 1.11
N SER F 76 -29.70 -31.91 0.81
CA SER F 76 -29.47 -32.91 1.86
C SER F 76 -28.53 -32.39 2.96
N TYR F 77 -27.61 -31.49 2.63
CA TYR F 77 -26.64 -30.99 3.60
C TYR F 77 -27.15 -29.83 4.45
N TYR F 78 -28.28 -29.22 4.09
CA TYR F 78 -28.76 -28.07 4.87
C TYR F 78 -30.28 -27.99 5.04
N GLY F 80 -33.93 -30.27 6.82
CA GLY F 80 -34.44 -31.36 7.62
C GLY F 80 -33.56 -31.61 8.83
N ALA F 81 -32.68 -30.65 9.15
CA ALA F 81 -31.74 -30.76 10.26
C ALA F 81 -31.74 -29.48 11.08
N HIS F 82 -31.73 -29.64 12.40
CA HIS F 82 -31.64 -28.51 13.32
C HIS F 82 -30.22 -28.02 13.52
N GLY F 83 -29.25 -28.91 13.38
CA GLY F 83 -27.87 -28.55 13.58
C GLY F 83 -27.00 -29.28 12.58
N ILE F 84 -25.93 -28.60 12.18
CA ILE F 84 -24.92 -29.18 11.32
C ILE F 84 -23.60 -29.10 12.06
N ILE F 85 -22.90 -30.22 12.14
CA ILE F 85 -21.57 -30.29 12.74
C ILE F 85 -20.62 -30.67 11.62
N VAL F 86 -19.72 -29.76 11.26
CA VAL F 86 -18.74 -30.01 10.21
C VAL F 86 -17.39 -30.20 10.88
N VAL F 87 -16.72 -31.31 10.57
CA VAL F 87 -15.53 -31.73 11.27
C VAL F 87 -14.38 -31.89 10.26
N TYR F 88 -13.24 -31.29 10.56
CA TYR F 88 -12.02 -31.48 9.78
C TYR F 88 -10.91 -32.06 10.64
N ASP F 89 -9.93 -32.66 9.96
CA ASP F 89 -8.76 -33.25 10.60
C ASP F 89 -7.71 -32.17 10.75
N VAL F 90 -7.39 -31.85 12.00
CA VAL F 90 -6.48 -30.75 12.32
C VAL F 90 -5.07 -31.00 11.81
N THR F 91 -4.70 -32.26 11.55
CA THR F 91 -3.41 -32.60 10.99
C THR F 91 -3.40 -32.68 9.47
N ASP F 92 -4.45 -32.21 8.80
CA ASP F 92 -4.59 -32.39 7.35
C ASP F 92 -5.20 -31.14 6.77
N GLN F 93 -4.42 -30.41 5.96
CA GLN F 93 -4.91 -29.16 5.39
C GLN F 93 -5.99 -29.39 4.35
N GLU F 94 -5.95 -30.50 3.62
CA GLU F 94 -6.92 -30.72 2.55
C GLU F 94 -8.33 -30.93 3.12
N SER F 95 -8.43 -31.58 4.28
CA SER F 95 -9.75 -31.76 4.90
C SER F 95 -10.29 -30.43 5.41
N TYR F 96 -9.41 -29.53 5.88
CA TYR F 96 -9.87 -28.21 6.30
C TYR F 96 -10.32 -27.39 5.10
N ALA F 97 -9.54 -27.40 4.02
CA ALA F 97 -9.92 -26.67 2.82
C ALA F 97 -11.24 -27.17 2.27
N ASN F 98 -11.53 -28.46 2.43
CA ASN F 98 -12.79 -29.01 1.93
C ASN F 98 -13.97 -28.55 2.78
N VAL F 99 -13.87 -28.64 4.11
CA VAL F 99 -15.00 -28.23 4.94
C VAL F 99 -15.24 -26.74 4.80
N LYS F 100 -14.17 -25.96 4.69
CA LYS F 100 -14.31 -24.51 4.51
C LYS F 100 -15.20 -24.21 3.32
N GLN F 101 -14.92 -24.87 2.19
CA GLN F 101 -15.76 -24.73 1.01
C GLN F 101 -17.21 -25.13 1.31
N TRP F 102 -17.42 -26.31 1.90
CA TRP F 102 -18.78 -26.81 2.11
C TRP F 102 -19.54 -25.95 3.09
N LEU F 103 -18.89 -25.55 4.20
CA LEU F 103 -19.57 -24.72 5.18
C LEU F 103 -19.97 -23.37 4.59
N GLN F 104 -19.19 -22.86 3.64
CA GLN F 104 -19.57 -21.59 3.02
C GLN F 104 -20.77 -21.76 2.10
N GLU F 105 -20.92 -22.92 1.46
CA GLU F 105 -22.14 -23.19 0.70
C GLU F 105 -23.32 -23.50 1.63
N ILE F 106 -23.09 -24.27 2.70
CA ILE F 106 -24.17 -24.53 3.65
C ILE F 106 -24.69 -23.20 4.20
N ASP F 107 -23.78 -22.36 4.70
CA ASP F 107 -24.17 -21.10 5.32
C ASP F 107 -24.95 -20.22 4.34
N ARG F 108 -24.66 -20.32 3.05
CA ARG F 108 -25.33 -19.49 2.06
C ARG F 108 -26.80 -19.88 1.89
N TYR F 109 -27.08 -21.18 1.75
CA TYR F 109 -28.42 -21.69 1.51
C TYR F 109 -29.19 -22.02 2.80
N ALA F 110 -28.50 -22.43 3.86
CA ALA F 110 -29.19 -22.87 5.06
C ALA F 110 -30.07 -21.76 5.64
N SER F 111 -31.27 -22.15 6.06
CA SER F 111 -32.11 -21.23 6.83
C SER F 111 -31.37 -20.75 8.07
N GLU F 112 -31.73 -19.56 8.54
CA GLU F 112 -31.15 -19.04 9.77
C GLU F 112 -31.44 -19.95 10.96
N ASN F 113 -32.50 -20.76 10.88
CA ASN F 113 -32.84 -21.66 11.97
C ASN F 113 -31.85 -22.81 12.13
N VAL F 114 -31.14 -23.17 11.07
CA VAL F 114 -30.14 -24.23 11.17
C VAL F 114 -28.91 -23.68 11.89
N ASN F 115 -28.50 -24.35 12.94
CA ASN F 115 -27.31 -23.97 13.70
C ASN F 115 -26.12 -24.75 13.17
N LYS F 116 -24.93 -24.18 13.34
CA LYS F 116 -23.75 -24.71 12.70
C LYS F 116 -22.59 -24.68 13.69
N LEU F 117 -21.71 -25.67 13.57
CA LEU F 117 -20.54 -25.75 14.42
C LEU F 117 -19.39 -26.33 13.61
N LEU F 118 -18.25 -25.65 13.67
CA LEU F 118 -17.01 -26.14 13.08
C LEU F 118 -16.20 -26.86 14.15
N VAL F 119 -15.71 -28.05 13.83
CA VAL F 119 -14.93 -28.86 14.76
C VAL F 119 -13.64 -29.29 14.09
N GLY F 120 -12.50 -28.85 14.63
CA GLY F 120 -11.22 -29.46 14.33
C GLY F 120 -10.94 -30.62 15.25
N ASN F 121 -10.77 -31.82 14.69
CA ASN F 121 -10.57 -33.02 15.50
C ASN F 121 -9.12 -33.47 15.44
N LYS F 122 -8.74 -34.28 16.44
CA LYS F 122 -7.40 -34.80 16.62
C LYS F 122 -6.46 -33.73 17.15
N SER F 123 -6.93 -32.93 18.11
CA SER F 123 -6.11 -31.87 18.68
C SER F 123 -4.93 -32.42 19.47
N ASP F 124 -5.00 -33.67 19.94
CA ASP F 124 -3.92 -34.25 20.72
C ASP F 124 -2.68 -34.54 19.89
N LEU F 125 -2.83 -34.63 18.56
CA LEU F 125 -1.69 -34.80 17.66
C LEU F 125 -1.05 -33.43 17.42
N THR F 126 -0.41 -32.92 18.48
CA THR F 126 0.10 -31.55 18.46
C THR F 126 1.41 -31.44 17.68
N THR F 127 2.17 -32.54 17.56
CA THR F 127 3.38 -32.51 16.75
C THR F 127 3.07 -32.56 15.26
N LYS F 128 1.98 -33.21 14.87
CA LYS F 128 1.57 -33.33 13.48
C LYS F 128 0.56 -32.26 13.06
N LYS F 129 0.23 -31.33 13.95
CA LYS F 129 -0.86 -30.39 13.71
C LYS F 129 -0.43 -29.33 12.70
N VAL F 130 -1.17 -29.23 11.60
CA VAL F 130 -0.87 -28.28 10.54
C VAL F 130 -1.89 -27.13 10.48
N VAL F 131 -3.15 -27.37 10.80
CA VAL F 131 -4.18 -26.35 10.70
C VAL F 131 -4.18 -25.58 12.02
N ASP F 132 -3.83 -24.30 11.94
CA ASP F 132 -3.74 -23.45 13.13
C ASP F 132 -5.14 -23.00 13.53
N ASN F 133 -5.46 -23.10 14.82
CA ASN F 133 -6.83 -22.82 15.25
C ASN F 133 -7.21 -21.37 14.99
N THR F 134 -6.24 -20.45 15.04
CA THR F 134 -6.55 -19.04 14.83
C THR F 134 -7.09 -18.79 13.42
N THR F 135 -6.64 -19.59 12.46
CA THR F 135 -7.20 -19.55 11.11
C THR F 135 -8.63 -20.09 11.09
N ALA F 136 -8.87 -21.25 11.71
CA ALA F 136 -10.21 -21.81 11.77
C ALA F 136 -11.13 -20.93 12.61
N LYS F 137 -10.63 -20.45 13.76
CA LYS F 137 -11.40 -19.52 14.58
C LYS F 137 -11.89 -18.33 13.76
N GLU F 138 -11.00 -17.69 13.00
CA GLU F 138 -11.39 -16.48 12.28
C GLU F 138 -12.24 -16.80 11.05
N PHE F 139 -12.13 -18.00 10.49
CA PHE F 139 -13.06 -18.42 9.45
C PHE F 139 -14.45 -18.62 10.05
N ALA F 140 -14.52 -19.29 11.20
CA ALA F 140 -15.80 -19.49 11.88
C ALA F 140 -16.43 -18.16 12.28
N ASP F 141 -15.62 -17.27 12.85
CA ASP F 141 -16.11 -15.93 13.18
C ASP F 141 -16.70 -15.24 11.95
N SER F 142 -16.03 -15.37 10.80
CA SER F 142 -16.48 -14.67 9.60
C SER F 142 -17.89 -15.08 9.19
N LEU F 143 -18.28 -16.31 9.49
CA LEU F 143 -19.63 -16.78 9.19
C LEU F 143 -20.55 -16.73 10.41
N GLY F 144 -20.07 -16.25 11.54
CA GLY F 144 -20.88 -16.14 12.74
C GLY F 144 -21.21 -17.45 13.42
N ILE F 145 -20.31 -18.42 13.39
CA ILE F 145 -20.59 -19.76 13.94
C ILE F 145 -19.55 -20.14 15.00
N PRO F 146 -19.92 -20.94 15.99
CA PRO F 146 -18.94 -21.39 16.99
C PRO F 146 -17.89 -22.34 16.42
N PHE F 147 -16.73 -22.34 17.07
CA PHE F 147 -15.62 -23.20 16.72
C PHE F 147 -15.15 -23.95 17.96
N LEU F 148 -14.73 -25.20 17.77
CA LEU F 148 -14.22 -25.97 18.90
C LEU F 148 -13.22 -27.00 18.38
N GLU F 149 -12.09 -27.15 19.06
CA GLU F 149 -11.16 -28.23 18.77
C GLU F 149 -11.42 -29.40 19.73
N THR F 150 -11.35 -30.61 19.20
CA THR F 150 -11.71 -31.80 19.96
C THR F 150 -10.68 -32.89 19.74
N SER F 151 -10.56 -33.77 20.73
CA SER F 151 -9.90 -35.06 20.56
C SER F 151 -10.92 -36.15 20.90
N ALA F 152 -11.47 -36.80 19.88
CA ALA F 152 -12.37 -37.92 20.14
C ALA F 152 -11.63 -39.02 20.88
N LYS F 153 -10.36 -39.23 20.55
CA LYS F 153 -9.58 -40.29 21.15
C LYS F 153 -9.41 -40.07 22.66
N ASN F 154 -9.23 -38.82 23.08
CA ASN F 154 -9.11 -38.49 24.49
C ASN F 154 -10.42 -37.99 25.09
N ALA F 155 -11.47 -37.84 24.28
CA ALA F 155 -12.79 -37.37 24.71
C ALA F 155 -12.79 -35.91 25.13
N THR F 156 -11.76 -35.15 24.79
CA THR F 156 -11.72 -33.74 25.13
C THR F 156 -12.70 -32.92 24.29
N ASN F 157 -13.55 -32.17 24.97
CA ASN F 157 -14.45 -31.20 24.34
C ASN F 157 -15.49 -31.83 23.43
N VAL F 158 -15.59 -33.16 23.38
CA VAL F 158 -16.54 -33.80 22.48
C VAL F 158 -17.97 -33.53 22.95
N GLU F 159 -18.23 -33.78 24.23
CA GLU F 159 -19.57 -33.59 24.79
C GLU F 159 -19.95 -32.11 24.83
N GLN F 160 -18.99 -31.24 25.13
CA GLN F 160 -19.24 -29.81 25.13
C GLN F 160 -19.73 -29.34 23.76
N ALA F 161 -19.20 -29.94 22.69
CA ALA F 161 -19.57 -29.55 21.34
C ALA F 161 -21.06 -29.80 21.09
N PHE F 162 -21.51 -31.02 21.37
CA PHE F 162 -22.92 -31.36 21.15
C PHE F 162 -23.84 -30.56 22.08
N MET F 163 -23.47 -30.41 23.35
CA MET F 163 -24.32 -29.70 24.30
C MET F 163 -24.50 -28.24 23.90
N THR F 164 -23.39 -27.54 23.60
CA THR F 164 -23.50 -26.17 23.13
C THR F 164 -24.42 -26.08 21.93
N MET F 165 -24.18 -26.94 20.93
CA MET F 165 -25.06 -26.98 19.76
C MET F 165 -26.51 -27.21 20.18
N ALA F 166 -26.76 -28.22 21.00
CA ALA F 166 -28.12 -28.51 21.46
C ALA F 166 -28.73 -27.35 22.21
N ALA F 167 -27.93 -26.64 23.02
CA ALA F 167 -28.43 -25.47 23.71
C ALA F 167 -28.70 -24.32 22.75
N GLU F 168 -27.92 -24.19 21.68
CA GLU F 168 -28.14 -23.13 20.72
C GLU F 168 -29.41 -23.40 19.92
N ILE F 169 -29.68 -24.66 19.60
CA ILE F 169 -30.95 -25.01 18.98
C ILE F 169 -32.11 -24.70 19.91
N LYS F 170 -31.98 -25.10 21.18
CA LYS F 170 -33.07 -24.91 22.12
C LYS F 170 -33.44 -23.44 22.28
N LYS F 171 -32.44 -22.55 22.44
CA LYS F 171 -32.75 -21.14 22.63
C LYS F 171 -33.53 -20.57 21.46
N ARG F 172 -33.28 -21.07 20.25
CA ARG F 172 -34.01 -20.61 19.07
C ARG F 172 -35.48 -20.99 19.13
N MET F 173 -35.78 -22.18 19.64
CA MET F 173 -37.16 -22.65 19.70
C MET F 173 -37.87 -22.15 20.97
N THR G 5 51.52 -43.78 -33.51
CA THR G 5 52.31 -44.02 -32.30
C THR G 5 52.21 -42.83 -31.34
N ARG G 6 52.72 -43.06 -30.13
CA ARG G 6 52.30 -42.33 -28.93
C ARG G 6 53.18 -41.14 -28.61
N ILE G 7 54.47 -41.18 -28.97
CA ILE G 7 55.40 -40.16 -28.52
C ILE G 7 55.03 -38.79 -29.09
N GLU G 8 54.61 -38.74 -30.36
CA GLU G 8 54.26 -37.46 -30.96
C GLU G 8 52.86 -37.02 -30.57
N ASN G 9 51.92 -37.96 -30.44
CA ASN G 9 50.59 -37.62 -29.94
C ASN G 9 50.69 -36.94 -28.57
N LEU G 10 51.55 -37.44 -27.70
CA LEU G 10 51.72 -36.83 -26.39
C LEU G 10 52.26 -35.41 -26.50
N GLU G 11 53.16 -35.18 -27.45
CA GLU G 11 53.81 -33.87 -27.56
C GLU G 11 52.87 -32.84 -28.19
N ASN G 12 51.98 -33.26 -29.09
CA ASN G 12 50.91 -32.36 -29.54
C ASN G 12 49.99 -32.01 -28.38
N ALA G 13 49.58 -33.02 -27.59
CA ALA G 13 48.72 -32.77 -26.44
C ALA G 13 49.40 -31.86 -25.42
N LYS G 14 50.72 -31.97 -25.29
CA LYS G 14 51.47 -31.03 -24.45
C LYS G 14 51.31 -29.60 -24.97
N LYS G 15 51.43 -29.43 -26.30
CA LYS G 15 51.25 -28.11 -26.88
C LYS G 15 49.82 -27.62 -26.66
N LEU G 16 48.84 -28.48 -26.89
CA LEU G 16 47.45 -28.10 -26.67
C LEU G 16 47.22 -27.68 -25.22
N TRP G 17 47.86 -28.36 -24.28
CA TRP G 17 47.73 -27.98 -22.88
C TRP G 17 48.34 -26.61 -22.63
N ASP G 18 49.56 -26.37 -23.13
CA ASP G 18 50.17 -25.05 -23.07
C ASP G 18 49.26 -23.96 -23.61
N ASN G 19 48.63 -24.22 -24.77
CA ASN G 19 47.71 -23.26 -25.34
C ASN G 19 46.63 -22.88 -24.33
N ALA G 20 46.02 -23.87 -23.69
CA ALA G 20 45.01 -23.59 -22.68
C ALA G 20 45.61 -22.84 -21.50
N ASN G 21 46.82 -23.21 -21.08
CA ASN G 21 47.46 -22.55 -19.94
C ASN G 21 47.80 -21.09 -20.28
N SER G 22 48.30 -20.83 -21.48
CA SER G 22 48.57 -19.46 -21.89
C SER G 22 47.29 -18.66 -21.96
N MET G 23 46.23 -19.24 -22.53
CA MET G 23 44.91 -18.63 -22.48
C MET G 23 44.52 -18.38 -21.03
N LEU G 24 44.92 -19.27 -20.13
CA LEU G 24 44.58 -19.15 -18.72
C LEU G 24 45.31 -17.95 -18.11
N GLU G 25 46.60 -17.82 -18.41
CA GLU G 25 47.39 -16.69 -17.90
C GLU G 25 46.80 -15.34 -18.30
N LYS G 26 46.21 -15.25 -19.50
CA LYS G 26 45.69 -13.98 -19.99
C LYS G 26 44.38 -13.57 -19.35
N GLY G 27 43.73 -14.45 -18.59
CA GLY G 27 42.39 -14.16 -18.14
C GLY G 27 41.34 -14.23 -19.22
N ASN G 28 41.66 -14.85 -20.36
CA ASN G 28 40.70 -15.05 -21.44
C ASN G 28 39.88 -16.29 -21.11
N ILE G 29 38.69 -16.08 -20.52
CA ILE G 29 37.89 -17.20 -20.05
C ILE G 29 37.47 -18.07 -21.23
N SER G 30 36.67 -17.52 -22.13
CA SER G 30 36.17 -18.29 -23.27
C SER G 30 37.31 -18.93 -24.05
N GLY G 31 38.41 -18.21 -24.23
CA GLY G 31 39.53 -18.78 -24.95
C GLY G 31 40.14 -19.96 -24.23
N TYR G 32 40.22 -19.90 -22.90
CA TYR G 32 40.66 -21.05 -22.13
C TYR G 32 39.73 -22.23 -22.30
N LEU G 33 38.41 -22.01 -22.18
CA LEU G 33 37.46 -23.11 -22.29
C LEU G 33 37.54 -23.77 -23.66
N LYS G 34 37.68 -22.97 -24.72
CA LYS G 34 37.81 -23.54 -26.05
C LYS G 34 39.12 -24.32 -26.19
N ALA G 35 40.21 -23.79 -25.65
CA ALA G 35 41.48 -24.52 -25.73
C ALA G 35 41.43 -25.81 -24.93
N ALA G 36 40.77 -25.78 -23.76
CA ALA G 36 40.58 -27.00 -22.99
C ALA G 36 39.70 -27.98 -23.75
N ASN G 37 38.68 -27.47 -24.44
CA ASN G 37 37.86 -28.32 -25.30
C ASN G 37 38.73 -29.00 -26.35
N GLU G 38 39.60 -28.23 -27.00
CA GLU G 38 40.49 -28.80 -28.02
C GLU G 38 41.36 -29.90 -27.43
N LEU G 39 41.99 -29.63 -26.28
CA LEU G 39 42.77 -30.66 -25.61
C LEU G 39 41.94 -31.90 -25.33
N HIS G 40 40.73 -31.72 -24.80
CA HIS G 40 39.87 -32.85 -24.50
C HIS G 40 39.53 -33.65 -25.76
N LYS G 41 39.08 -32.97 -26.82
CA LYS G 41 38.71 -33.69 -28.05
C LYS G 41 39.88 -34.51 -28.57
N PHE G 42 41.09 -33.94 -28.50
CA PHE G 42 42.25 -34.60 -29.07
C PHE G 42 42.62 -35.86 -28.28
N MET G 43 42.64 -35.76 -26.94
CA MET G 43 43.02 -36.92 -26.14
C MET G 43 41.99 -38.04 -26.21
N LYS G 44 40.70 -37.69 -26.35
CA LYS G 44 39.68 -38.72 -26.56
C LYS G 44 39.87 -39.39 -27.92
N GLU G 45 40.20 -38.61 -28.95
CA GLU G 45 40.35 -39.19 -30.29
C GLU G 45 41.56 -40.10 -30.36
N LYS G 46 42.69 -39.67 -29.80
CA LYS G 46 43.92 -40.46 -29.82
C LYS G 46 43.99 -41.46 -28.67
N ASN G 47 42.96 -41.52 -27.82
CA ASN G 47 42.86 -42.49 -26.74
C ASN G 47 43.96 -42.28 -25.70
N LEU G 48 44.25 -41.03 -25.39
CA LEU G 48 45.18 -40.66 -24.32
C LEU G 48 44.41 -40.31 -23.07
N LYS G 49 44.98 -40.66 -21.92
CA LYS G 49 44.39 -40.44 -20.61
C LYS G 49 45.25 -39.45 -19.84
N GLU G 50 44.64 -38.82 -18.82
CA GLU G 50 45.37 -37.87 -18.00
C GLU G 50 46.72 -38.43 -17.57
N ASP G 51 46.75 -39.70 -17.17
CA ASP G 51 47.97 -40.29 -16.61
C ASP G 51 49.10 -40.27 -17.64
N ASP G 52 48.77 -40.45 -18.91
CA ASP G 52 49.79 -40.51 -19.96
C ASP G 52 50.49 -39.17 -20.12
N LEU G 53 49.73 -38.08 -20.05
CA LEU G 53 50.25 -36.76 -20.33
C LEU G 53 50.91 -36.12 -19.11
N ARG G 54 50.43 -36.42 -17.91
CA ARG G 54 50.98 -35.78 -16.70
C ARG G 54 52.50 -35.84 -16.61
N PRO G 55 53.18 -36.96 -16.87
CA PRO G 55 54.65 -36.93 -16.87
C PRO G 55 55.25 -35.89 -17.79
N GLU G 56 54.65 -35.69 -18.97
CA GLU G 56 55.16 -34.71 -19.92
C GLU G 56 55.01 -33.26 -19.45
N LEU G 57 54.17 -33.01 -18.44
CA LEU G 57 53.95 -31.66 -17.90
C LEU G 57 54.76 -31.35 -16.66
N SER G 58 55.72 -32.21 -16.29
CA SER G 58 56.50 -31.96 -15.08
C SER G 58 57.14 -30.58 -15.10
N ASP G 59 57.75 -30.20 -16.23
CA ASP G 59 58.47 -28.92 -16.33
C ASP G 59 57.56 -27.71 -16.42
N LYS G 60 56.25 -27.89 -16.60
CA LYS G 60 55.33 -26.77 -16.77
C LYS G 60 54.65 -26.43 -15.46
N THR G 61 53.92 -25.32 -15.47
CA THR G 61 53.33 -24.79 -14.25
C THR G 61 52.09 -23.97 -14.55
N ILE G 62 51.08 -24.12 -13.70
CA ILE G 62 49.94 -23.21 -13.64
C ILE G 62 50.24 -22.19 -12.55
N SER G 63 50.17 -20.91 -12.90
CA SER G 63 50.53 -19.88 -11.95
C SER G 63 49.50 -19.80 -10.82
N PRO G 64 49.86 -19.16 -9.70
CA PRO G 64 48.84 -18.80 -8.71
C PRO G 64 47.69 -18.02 -9.31
N LYS G 65 47.97 -17.15 -10.30
CA LYS G 65 46.90 -16.47 -11.02
C LYS G 65 45.98 -17.48 -11.69
N GLY G 66 46.58 -18.44 -12.40
CA GLY G 66 45.78 -19.43 -13.11
C GLY G 66 44.91 -20.24 -12.17
N TYR G 67 45.46 -20.68 -11.04
CA TYR G 67 44.66 -21.41 -10.07
C TYR G 67 43.54 -20.54 -9.51
N ALA G 68 43.78 -19.23 -9.40
CA ALA G 68 42.74 -18.31 -8.93
C ALA G 68 41.56 -18.24 -9.90
N ILE G 69 41.85 -18.19 -11.20
CA ILE G 69 40.76 -18.12 -12.18
C ILE G 69 40.07 -19.47 -12.31
N LEU G 70 40.83 -20.57 -12.24
CA LEU G 70 40.21 -21.89 -12.26
C LEU G 70 39.27 -22.06 -11.09
N GLN G 71 39.67 -21.60 -9.90
CA GLN G 71 38.81 -21.71 -8.73
C GLN G 71 37.55 -20.88 -8.92
N SER G 72 37.69 -19.65 -9.41
CA SER G 72 36.51 -18.84 -9.71
C SER G 72 35.61 -19.55 -10.71
N LEU G 73 36.20 -20.10 -11.76
CA LEU G 73 35.42 -20.82 -12.77
C LEU G 73 34.73 -22.03 -12.15
N TRP G 74 35.46 -22.79 -11.33
CA TRP G 74 34.86 -23.92 -10.62
C TRP G 74 33.69 -23.46 -9.75
N GLY G 75 33.94 -22.49 -8.87
CA GLY G 75 32.89 -22.03 -7.99
C GLY G 75 31.68 -21.52 -8.74
N ALA G 76 31.90 -20.77 -9.82
CA ALA G 76 30.79 -20.20 -10.57
C ALA G 76 30.01 -21.30 -11.30
N ALA G 77 30.73 -22.19 -12.00
CA ALA G 77 30.05 -23.26 -12.74
C ALA G 77 29.29 -24.17 -11.79
N SER G 78 29.88 -24.51 -10.65
CA SER G 78 29.22 -25.37 -9.68
C SER G 78 27.94 -24.73 -9.16
N ASP G 79 27.96 -23.43 -8.85
CA ASP G 79 26.75 -22.76 -8.36
C ASP G 79 25.73 -22.59 -9.46
N TYR G 80 26.19 -22.32 -10.69
CA TYR G 80 25.28 -22.13 -11.82
C TYR G 80 24.58 -23.43 -12.18
N SER G 81 25.33 -24.55 -12.21
CA SER G 81 24.73 -25.84 -12.51
C SER G 81 23.54 -26.13 -11.62
N ARG G 82 23.65 -25.82 -10.33
CA ARG G 82 22.54 -26.15 -9.42
C ARG G 82 21.43 -25.12 -9.52
N ALA G 83 21.77 -23.85 -9.66
CA ALA G 83 20.74 -22.82 -9.77
C ALA G 83 19.89 -23.05 -11.02
N ALA G 84 20.51 -23.51 -12.10
CA ALA G 84 19.78 -23.75 -13.34
C ALA G 84 18.87 -24.97 -13.26
N ALA G 85 18.95 -25.76 -12.18
CA ALA G 85 18.06 -26.90 -12.00
C ALA G 85 16.80 -26.41 -11.29
N THR G 86 15.70 -26.30 -12.05
CA THR G 86 14.47 -25.73 -11.54
C THR G 86 13.30 -26.65 -11.88
N LEU G 87 12.12 -26.25 -11.42
CA LEU G 87 10.90 -26.98 -11.73
C LEU G 87 10.51 -26.87 -13.19
N THR G 88 10.94 -25.81 -13.88
CA THR G 88 10.70 -25.72 -15.31
C THR G 88 11.47 -26.79 -16.06
N GLU G 89 12.77 -26.91 -15.76
CA GLU G 89 13.65 -27.86 -16.44
C GLU G 89 14.92 -28.00 -15.61
N SER G 90 15.43 -29.22 -15.50
CA SER G 90 16.62 -29.47 -14.69
C SER G 90 17.64 -30.35 -15.39
N THR G 91 17.57 -30.48 -16.72
CA THR G 91 18.44 -31.41 -17.42
C THR G 91 19.46 -30.72 -18.35
N VAL G 92 19.01 -29.88 -19.27
CA VAL G 92 19.92 -29.39 -20.33
C VAL G 92 20.87 -28.33 -19.80
N GLU G 93 20.36 -27.25 -19.19
CA GLU G 93 21.25 -26.20 -18.74
C GLU G 93 22.19 -26.70 -17.61
N PRO G 94 21.69 -27.41 -16.61
CA PRO G 94 22.66 -27.98 -15.64
C PRO G 94 23.66 -28.90 -16.31
N GLY G 95 23.20 -29.68 -17.29
CA GLY G 95 24.13 -30.52 -18.04
C GLY G 95 25.23 -29.73 -18.71
N LEU G 96 24.86 -28.69 -19.47
CA LEU G 96 25.84 -27.88 -20.18
C LEU G 96 26.85 -27.27 -19.23
N VAL G 97 26.37 -26.61 -18.17
CA VAL G 97 27.28 -25.95 -17.24
C VAL G 97 28.14 -26.97 -16.53
N SER G 98 27.55 -28.09 -16.11
CA SER G 98 28.31 -29.11 -15.41
C SER G 98 29.38 -29.72 -16.30
N ALA G 99 29.11 -29.80 -17.61
CA ALA G 99 30.08 -30.33 -18.56
C ALA G 99 31.23 -29.35 -18.76
N VAL G 100 30.97 -28.04 -18.69
CA VAL G 100 32.05 -27.07 -18.70
C VAL G 100 32.97 -27.29 -17.51
N ASN G 101 32.38 -27.50 -16.32
CA ASN G 101 33.19 -27.74 -15.13
C ASN G 101 34.09 -28.95 -15.30
N LYS G 102 33.52 -30.06 -15.78
CA LYS G 102 34.34 -31.26 -15.99
C LYS G 102 35.46 -31.01 -16.97
N MET G 103 35.21 -30.22 -18.01
CA MET G 103 36.25 -29.92 -18.99
C MET G 103 37.41 -29.17 -18.36
N SER G 104 37.11 -28.25 -17.44
CA SER G 104 38.17 -27.54 -16.72
C SER G 104 38.87 -28.45 -15.74
N ALA G 105 38.13 -29.35 -15.08
CA ALA G 105 38.75 -30.33 -14.20
C ALA G 105 39.70 -31.24 -14.97
N PHE G 106 39.37 -31.52 -16.23
CA PHE G 106 40.23 -32.37 -17.05
C PHE G 106 41.58 -31.70 -17.29
N PHE G 107 41.56 -30.41 -17.61
CA PHE G 107 42.79 -29.65 -17.77
C PHE G 107 43.70 -29.77 -16.55
N MET G 108 43.13 -29.61 -15.35
CA MET G 108 43.96 -29.73 -14.15
C MET G 108 44.43 -31.16 -13.93
N ASP G 109 43.60 -32.15 -14.26
CA ASP G 109 43.98 -33.54 -14.01
C ASP G 109 45.12 -33.97 -14.92
N CYS G 110 45.20 -33.40 -16.12
CA CYS G 110 46.35 -33.64 -16.98
C CYS G 110 47.64 -33.22 -16.31
N LYS G 111 47.58 -32.22 -15.43
CA LYS G 111 48.75 -31.68 -14.78
C LYS G 111 48.96 -32.20 -13.37
N LEU G 112 47.89 -32.52 -12.64
CA LEU G 112 48.00 -32.81 -11.22
C LEU G 112 47.66 -34.26 -10.87
N SER G 113 48.44 -34.81 -9.91
CA SER G 113 48.16 -36.10 -9.33
C SER G 113 46.85 -36.02 -8.54
N PRO G 114 46.23 -37.17 -8.25
CA PRO G 114 44.94 -37.16 -7.54
C PRO G 114 45.05 -36.55 -6.14
N ASN G 115 44.11 -35.67 -5.81
CA ASN G 115 44.00 -35.00 -4.52
C ASN G 115 45.11 -33.99 -4.26
N GLU G 116 45.89 -33.62 -5.27
CA GLU G 116 46.77 -32.48 -5.16
C GLU G 116 45.97 -31.20 -5.11
N ARG G 117 46.24 -30.38 -4.12
CA ARG G 117 45.53 -29.13 -4.00
C ARG G 117 46.02 -28.13 -5.04
N ALA G 118 45.11 -27.26 -5.44
CA ALA G 118 45.47 -26.13 -6.25
C ALA G 118 46.09 -25.08 -5.35
N THR G 119 47.00 -24.31 -5.90
CA THR G 119 47.59 -23.26 -5.10
C THR G 119 47.14 -21.92 -5.70
N PRO G 120 45.92 -21.50 -5.37
CA PRO G 120 45.40 -20.23 -5.93
C PRO G 120 45.89 -19.00 -5.18
N ASP G 121 45.98 -17.90 -5.92
CA ASP G 121 46.30 -16.59 -5.36
C ASP G 121 45.05 -16.01 -4.72
N PRO G 122 44.99 -15.87 -3.39
CA PRO G 122 43.76 -15.35 -2.77
C PRO G 122 43.39 -13.94 -3.21
N ASP G 123 44.38 -13.07 -3.41
CA ASP G 123 44.12 -11.67 -3.71
C ASP G 123 43.87 -11.40 -5.18
N PHE G 124 43.80 -12.42 -6.03
CA PHE G 124 43.42 -12.23 -7.42
C PHE G 124 41.98 -12.70 -7.59
N LYS G 125 41.10 -11.77 -7.96
CA LYS G 125 39.69 -12.06 -8.19
C LYS G 125 39.31 -11.59 -9.59
N VAL G 126 38.87 -12.53 -10.42
CA VAL G 126 38.03 -12.20 -11.56
C VAL G 126 36.60 -12.13 -11.06
N GLY G 127 35.88 -11.08 -11.44
CA GLY G 127 34.53 -10.92 -10.94
C GLY G 127 33.64 -12.06 -11.38
N LYS G 128 32.76 -12.49 -10.48
CA LYS G 128 31.87 -13.62 -10.77
C LYS G 128 31.03 -13.38 -12.00
N SER G 129 30.65 -12.12 -12.26
CA SER G 129 29.86 -11.80 -13.45
C SER G 129 30.65 -12.02 -14.72
N LYS G 130 31.98 -11.87 -14.67
CA LYS G 130 32.81 -12.08 -15.84
C LYS G 130 32.97 -13.57 -16.13
N ILE G 131 33.17 -14.39 -15.09
CA ILE G 131 33.26 -15.84 -15.29
C ILE G 131 31.97 -16.36 -15.92
N LEU G 132 30.82 -15.95 -15.38
CA LEU G 132 29.54 -16.47 -15.88
C LEU G 132 29.33 -16.13 -17.34
N VAL G 133 29.62 -14.89 -17.73
CA VAL G 133 29.53 -14.52 -19.15
C VAL G 133 30.45 -15.40 -19.98
N GLY G 134 31.68 -15.60 -19.53
CA GLY G 134 32.58 -16.48 -20.25
C GLY G 134 32.05 -17.89 -20.41
N ILE G 135 31.41 -18.42 -19.36
CA ILE G 135 30.82 -19.75 -19.46
C ILE G 135 29.69 -19.75 -20.48
N MET G 136 28.80 -18.74 -20.39
CA MET G 136 27.67 -18.68 -21.31
C MET G 136 28.13 -18.47 -22.75
N GLN G 137 29.16 -17.64 -22.95
CA GLN G 137 29.69 -17.43 -24.29
C GLN G 137 30.24 -18.71 -24.89
N PHE G 138 30.90 -19.53 -24.06
CA PHE G 138 31.42 -20.81 -24.53
C PHE G 138 30.29 -21.78 -24.86
N ILE G 139 29.27 -21.84 -23.99
CA ILE G 139 28.14 -22.74 -24.24
C ILE G 139 27.43 -22.33 -25.53
N LYS G 140 27.15 -21.04 -25.67
CA LYS G 140 26.57 -20.52 -26.90
C LYS G 140 27.33 -21.02 -28.13
N ASP G 141 28.66 -21.08 -28.04
CA ASP G 141 29.48 -21.41 -29.21
C ASP G 141 29.55 -22.92 -29.47
N VAL G 142 29.44 -23.76 -28.44
CA VAL G 142 29.51 -25.21 -28.64
C VAL G 142 28.14 -25.86 -28.73
N ALA G 143 27.08 -25.21 -28.26
CA ALA G 143 25.75 -25.80 -28.27
C ALA G 143 25.31 -26.11 -29.69
N ASP G 144 24.67 -27.26 -29.85
CA ASP G 144 24.10 -27.63 -31.14
C ASP G 144 23.11 -26.54 -31.59
N PRO G 145 23.06 -26.21 -32.88
CA PRO G 145 22.10 -25.18 -33.34
C PRO G 145 20.65 -25.50 -33.03
N THR G 146 20.29 -26.78 -32.85
CA THR G 146 18.94 -27.17 -32.51
C THR G 146 18.74 -27.38 -31.01
N SER G 147 19.80 -27.22 -30.21
CA SER G 147 19.69 -27.41 -28.77
C SER G 147 18.65 -26.47 -28.18
N LYS G 148 17.94 -26.95 -27.16
CA LYS G 148 16.95 -26.13 -26.48
C LYS G 148 17.09 -26.29 -24.98
N ILE G 149 16.85 -25.18 -24.26
CA ILE G 149 16.68 -25.18 -22.82
C ILE G 149 15.21 -24.90 -22.58
N TRP G 150 14.47 -25.90 -22.11
CA TRP G 150 13.01 -25.83 -22.00
C TRP G 150 12.51 -25.60 -23.43
N MET G 151 11.81 -24.50 -23.72
CA MET G 151 11.31 -24.22 -25.07
C MET G 151 12.15 -23.20 -25.83
N HIS G 152 13.20 -22.66 -25.22
CA HIS G 152 14.02 -21.65 -25.85
C HIS G 152 15.21 -22.32 -26.52
N ASN G 153 15.60 -21.79 -27.67
CA ASN G 153 16.86 -22.19 -28.27
C ASN G 153 18.01 -21.81 -27.34
N THR G 154 19.00 -22.70 -27.23
CA THR G 154 20.03 -22.57 -26.21
C THR G 154 20.89 -21.33 -26.47
N LYS G 155 21.44 -21.21 -27.68
CA LYS G 155 22.24 -20.03 -28.03
C LYS G 155 21.50 -18.74 -27.70
N ALA G 156 20.23 -18.67 -28.12
CA ALA G 156 19.48 -17.44 -27.92
C ALA G 156 19.26 -17.15 -26.45
N LEU G 157 18.98 -18.19 -25.65
CA LEU G 157 18.82 -17.97 -24.22
C LEU G 157 20.12 -17.53 -23.55
N MET G 158 21.26 -18.05 -24.03
CA MET G 158 22.55 -17.64 -23.49
C MET G 158 22.79 -16.15 -23.77
N ASN G 159 22.50 -15.71 -24.99
CA ASN G 159 22.59 -14.27 -25.29
C ASN G 159 21.74 -13.46 -24.33
N HIS G 160 20.50 -13.91 -24.09
CA HIS G 160 19.62 -13.17 -23.20
C HIS G 160 20.18 -13.09 -21.78
N LYS G 161 20.77 -14.18 -21.30
CA LYS G 161 21.35 -14.17 -19.95
C LYS G 161 22.62 -13.33 -19.90
N ILE G 162 23.48 -13.45 -20.91
CA ILE G 162 24.67 -12.58 -21.00
C ILE G 162 24.26 -11.12 -20.93
N ALA G 163 23.26 -10.74 -21.73
CA ALA G 163 22.82 -9.34 -21.75
C ALA G 163 22.23 -8.94 -20.41
N ALA G 164 21.51 -9.85 -19.75
CA ALA G 164 20.97 -9.57 -18.43
C ALA G 164 22.09 -9.30 -17.42
N ILE G 165 23.13 -10.14 -17.43
CA ILE G 165 24.25 -9.96 -16.51
C ILE G 165 24.95 -8.64 -16.80
N GLN G 166 25.17 -8.33 -18.07
CA GLN G 166 25.83 -7.09 -18.43
C GLN G 166 24.99 -5.87 -18.02
N LYS G 167 23.67 -6.00 -18.02
CA LYS G 167 22.83 -4.88 -17.58
C LYS G 167 23.05 -4.58 -16.10
N LEU G 168 23.12 -5.60 -15.25
CA LEU G 168 23.44 -5.35 -13.85
C LEU G 168 24.82 -4.75 -13.68
N GLU G 169 25.80 -5.21 -14.46
CA GLU G 169 27.13 -4.64 -14.35
C GLU G 169 27.10 -3.14 -14.63
N ARG G 170 26.31 -2.74 -15.63
CA ARG G 170 26.17 -1.32 -15.92
C ARG G 170 25.47 -0.57 -14.79
N SER G 171 24.43 -1.16 -14.22
CA SER G 171 23.69 -0.54 -13.12
C SER G 171 24.35 -0.78 -11.76
N ASN G 172 25.55 -1.36 -11.74
CA ASN G 172 26.29 -1.61 -10.50
C ASN G 172 25.41 -2.31 -9.46
N ASN G 173 24.75 -3.38 -9.90
CA ASN G 173 23.81 -4.11 -9.05
C ASN G 173 24.04 -5.60 -9.14
N VAL G 174 25.29 -6.05 -9.10
CA VAL G 174 25.62 -7.47 -9.20
C VAL G 174 25.86 -8.01 -7.80
N ASN G 175 25.02 -8.96 -7.40
CA ASN G 175 25.14 -9.64 -6.12
C ASN G 175 24.63 -11.06 -6.30
N CYS G 176 24.69 -11.86 -5.24
CA CYS G 176 24.33 -13.27 -5.35
C CYS G 176 22.88 -13.44 -5.76
N GLU G 177 21.98 -12.66 -5.15
CA GLU G 177 20.55 -12.77 -5.45
C GLU G 177 20.27 -12.44 -6.90
N THR G 178 20.67 -11.26 -7.35
CA THR G 178 20.37 -10.84 -8.71
C THR G 178 21.02 -11.77 -9.73
N LEU G 179 22.21 -12.31 -9.42
CA LEU G 179 22.82 -13.29 -10.31
C LEU G 179 22.02 -14.59 -10.32
N GLU G 180 21.60 -15.06 -9.13
CA GLU G 180 20.82 -16.29 -9.08
C GLU G 180 19.55 -16.18 -9.91
N SER G 181 18.89 -15.01 -9.87
CA SER G 181 17.70 -14.81 -10.68
C SER G 181 17.98 -15.08 -12.16
N VAL G 182 19.12 -14.60 -12.66
CA VAL G 182 19.47 -14.82 -14.06
C VAL G 182 19.80 -16.29 -14.31
N LEU G 183 20.55 -16.91 -13.40
CA LEU G 183 21.00 -18.27 -13.64
C LEU G 183 19.86 -19.28 -13.53
N SER G 184 18.92 -19.05 -12.62
CA SER G 184 17.76 -19.93 -12.50
C SER G 184 16.70 -19.67 -13.57
N SER G 185 16.72 -18.51 -14.22
CA SER G 185 15.69 -18.16 -15.18
C SER G 185 15.70 -19.09 -16.39
N LYS G 186 14.51 -19.43 -16.86
CA LYS G 186 14.33 -20.10 -18.15
C LYS G 186 13.53 -19.23 -19.10
N GLY G 187 13.60 -17.92 -18.91
CA GLY G 187 12.85 -17.02 -19.77
C GLY G 187 11.36 -17.27 -19.71
N GLU G 188 10.83 -17.59 -18.53
CA GLU G 188 9.40 -17.86 -18.41
C GLU G 188 8.57 -16.61 -18.64
N ASN G 189 9.12 -15.43 -18.35
CA ASN G 189 8.39 -14.18 -18.47
C ASN G 189 8.77 -13.41 -19.73
N LEU G 190 9.42 -14.07 -20.69
CA LEU G 190 9.59 -13.45 -21.99
C LEU G 190 8.30 -13.54 -22.78
N SER G 191 8.24 -12.82 -23.89
CA SER G 191 7.07 -12.79 -24.74
C SER G 191 7.20 -13.67 -25.97
N GLU G 192 8.33 -14.34 -26.15
CA GLU G 192 8.54 -15.22 -27.28
C GLU G 192 9.34 -16.43 -26.85
N TYR G 193 9.11 -17.55 -27.52
CA TYR G 193 10.04 -18.67 -27.43
C TYR G 193 11.19 -18.39 -28.39
N LEU G 194 12.40 -18.41 -27.87
CA LEU G 194 13.51 -17.90 -28.65
C LEU G 194 13.88 -18.90 -29.74
N SER G 195 14.51 -18.38 -30.79
CA SER G 195 14.87 -19.15 -31.97
C SER G 195 16.31 -18.86 -32.35
N TYR G 196 16.88 -19.74 -33.17
CA TYR G 196 18.24 -19.60 -33.63
C TYR G 196 18.38 -18.45 -34.64
N GLU H 4 7.15 -36.59 -13.43
CA GLU H 4 7.22 -35.51 -12.45
C GLU H 4 7.34 -36.05 -11.02
N TYR H 5 7.41 -35.12 -10.06
CA TYR H 5 7.70 -35.42 -8.67
C TYR H 5 7.03 -34.36 -7.80
N ASP H 6 7.08 -34.56 -6.48
CA ASP H 6 6.57 -33.55 -5.56
C ASP H 6 7.66 -32.60 -5.10
N TYR H 7 8.89 -33.10 -4.94
CA TYR H 7 9.99 -32.32 -4.41
C TYR H 7 11.24 -32.53 -5.27
N LEU H 8 12.05 -31.48 -5.32
CA LEU H 8 13.35 -31.49 -5.98
C LEU H 8 14.40 -31.09 -4.96
N PHE H 9 15.15 -32.06 -4.45
CA PHE H 9 16.22 -31.77 -3.51
C PHE H 9 17.55 -31.80 -4.23
N LYS H 10 18.42 -30.88 -3.84
CA LYS H 10 19.74 -30.76 -4.44
C LYS H 10 20.76 -31.10 -3.37
N LEU H 11 21.59 -32.07 -3.67
CA LEU H 11 22.55 -32.61 -2.73
C LEU H 11 23.94 -32.40 -3.28
N LEU H 12 24.90 -32.15 -2.38
CA LEU H 12 26.30 -32.17 -2.75
C LEU H 12 26.96 -33.38 -2.12
N LEU H 13 27.85 -34.00 -2.88
CA LEU H 13 28.65 -35.13 -2.41
C LEU H 13 30.10 -34.67 -2.35
N ILE H 14 30.57 -34.39 -1.14
CA ILE H 14 31.91 -33.84 -0.92
C ILE H 14 32.81 -34.95 -0.39
N GLY H 15 34.03 -35.00 -0.93
CA GLY H 15 35.01 -35.99 -0.55
C GLY H 15 36.15 -36.09 -1.54
N ASP H 16 37.34 -36.46 -1.05
CA ASP H 16 38.50 -36.56 -1.92
C ASP H 16 38.34 -37.72 -2.90
N SER H 17 39.24 -37.77 -3.87
CA SER H 17 39.28 -38.88 -4.81
C SER H 17 39.68 -40.17 -4.10
N GLY H 18 39.10 -41.29 -4.55
CA GLY H 18 39.41 -42.60 -4.04
C GLY H 18 38.54 -43.10 -2.90
N VAL H 19 37.69 -42.24 -2.31
CA VAL H 19 36.92 -42.63 -1.13
C VAL H 19 35.63 -43.40 -1.46
N GLY H 20 35.13 -43.35 -2.68
CA GLY H 20 33.97 -44.13 -3.06
C GLY H 20 32.71 -43.34 -3.44
N LYS H 21 32.84 -42.09 -3.87
CA LYS H 21 31.69 -41.28 -4.22
C LYS H 21 30.91 -41.91 -5.37
N SER H 22 31.61 -42.36 -6.41
CA SER H 22 30.94 -42.95 -7.55
C SER H 22 30.11 -44.16 -7.16
N CYS H 23 30.69 -45.04 -6.34
CA CYS H 23 29.98 -46.25 -5.95
C CYS H 23 28.79 -45.93 -5.03
N LEU H 24 28.90 -44.91 -4.18
CA LEU H 24 27.76 -44.50 -3.36
C LEU H 24 26.56 -44.16 -4.25
N LEU H 25 26.82 -43.56 -5.41
CA LEU H 25 25.79 -43.16 -6.36
C LEU H 25 25.31 -44.33 -7.26
N LEU H 26 25.57 -45.59 -6.91
CA LEU H 26 25.21 -46.69 -7.83
C LEU H 26 23.72 -46.72 -8.11
N ARG H 27 22.89 -46.45 -7.10
CA ARG H 27 21.45 -46.49 -7.33
C ARG H 27 20.95 -45.33 -8.19
N PHE H 28 21.76 -44.29 -8.41
CA PHE H 28 21.35 -43.13 -9.20
C PHE H 28 21.64 -43.36 -10.68
N ALA H 29 20.96 -42.59 -11.53
CA ALA H 29 21.04 -42.77 -12.96
C ALA H 29 21.68 -41.56 -13.64
N ASP H 30 22.31 -41.83 -14.79
CA ASP H 30 22.84 -40.77 -15.63
C ASP H 30 21.73 -40.22 -16.51
N ASP H 31 21.58 -38.89 -16.51
CA ASP H 31 20.65 -38.28 -17.44
C ASP H 31 21.19 -38.41 -18.87
N THR H 32 20.28 -38.33 -19.82
CA THR H 32 20.62 -38.58 -21.22
C THR H 32 20.55 -37.28 -22.01
N TYR H 33 21.43 -37.13 -22.99
CA TYR H 33 21.52 -35.87 -23.70
C TYR H 33 21.71 -36.09 -25.20
N THR H 34 20.90 -35.39 -25.97
CA THR H 34 21.10 -35.27 -27.40
C THR H 34 22.18 -34.26 -27.75
N GLU H 35 22.61 -33.47 -26.77
CA GLU H 35 23.64 -32.47 -27.00
C GLU H 35 24.97 -33.16 -27.31
N SER H 36 25.54 -32.84 -28.46
CA SER H 36 26.81 -33.46 -28.85
C SER H 36 27.91 -33.13 -27.86
N TYR H 37 28.03 -31.85 -27.47
CA TYR H 37 29.06 -31.45 -26.53
C TYR H 37 28.94 -32.22 -25.21
N ILE H 38 27.71 -32.38 -24.71
CA ILE H 38 27.51 -33.12 -23.47
C ILE H 38 27.96 -34.56 -23.63
N SER H 39 27.65 -35.17 -24.77
CA SER H 39 27.90 -36.59 -24.95
C SER H 39 29.40 -36.89 -24.99
N THR H 40 30.21 -35.92 -25.41
CA THR H 40 31.66 -36.12 -25.41
C THR H 40 32.22 -36.25 -24.00
N ILE H 41 31.65 -35.55 -23.02
CA ILE H 41 32.31 -35.50 -21.72
C ILE H 41 31.42 -35.91 -20.54
N GLY H 42 30.11 -35.71 -20.65
CA GLY H 42 29.23 -36.09 -19.57
C GLY H 42 29.07 -34.98 -18.53
N VAL H 43 28.43 -35.34 -17.42
CA VAL H 43 28.08 -34.39 -16.37
C VAL H 43 28.48 -34.97 -15.03
N ASP H 44 28.56 -34.09 -14.02
CA ASP H 44 28.99 -34.48 -12.67
C ASP H 44 27.83 -34.73 -11.69
N PHE H 45 26.58 -34.74 -12.15
CA PHE H 45 25.46 -35.02 -11.26
C PHE H 45 24.70 -36.23 -11.77
N LYS H 46 23.96 -36.86 -10.85
CA LYS H 46 23.10 -37.99 -11.17
C LYS H 46 21.75 -37.78 -10.47
N ILE H 47 20.72 -38.47 -10.96
CA ILE H 47 19.35 -38.24 -10.48
C ILE H 47 18.71 -39.55 -10.06
N ARG H 48 17.77 -39.44 -9.12
CA ARG H 48 17.02 -40.58 -8.62
C ARG H 48 15.73 -40.09 -8.00
N THR H 49 14.61 -40.69 -8.39
CA THR H 49 13.32 -40.42 -7.77
C THR H 49 13.06 -41.49 -6.72
N ILE H 50 12.51 -41.07 -5.58
CA ILE H 50 12.20 -41.95 -4.47
C ILE H 50 10.82 -41.59 -3.93
N GLU H 51 10.31 -42.46 -3.06
CA GLU H 51 9.08 -42.20 -2.33
C GLU H 51 9.41 -42.07 -0.86
N LEU H 52 8.88 -41.02 -0.22
CA LEU H 52 9.07 -40.80 1.21
C LEU H 52 7.81 -40.20 1.79
N ASP H 53 7.17 -40.93 2.72
CA ASP H 53 5.97 -40.48 3.41
C ASP H 53 4.86 -40.09 2.43
N GLY H 54 4.69 -40.91 1.39
CA GLY H 54 3.65 -40.62 0.42
C GLY H 54 3.93 -39.45 -0.50
N LYS H 55 5.14 -38.92 -0.48
CA LYS H 55 5.58 -37.92 -1.44
C LYS H 55 6.69 -38.50 -2.30
N THR H 56 6.70 -38.13 -3.58
CA THR H 56 7.75 -38.53 -4.50
C THR H 56 8.77 -37.41 -4.57
N ILE H 57 10.04 -37.76 -4.40
CA ILE H 57 11.15 -36.81 -4.33
C ILE H 57 12.15 -37.15 -5.41
N LYS H 58 12.52 -36.15 -6.21
CA LYS H 58 13.64 -36.28 -7.12
C LYS H 58 14.91 -35.79 -6.41
N LEU H 59 15.89 -36.66 -6.25
CA LEU H 59 17.18 -36.27 -5.71
C LEU H 59 18.15 -36.03 -6.86
N GLN H 60 18.69 -34.81 -6.91
CA GLN H 60 19.70 -34.44 -7.89
C GLN H 60 20.96 -34.14 -7.10
N ILE H 61 21.96 -34.99 -7.25
CA ILE H 61 23.12 -35.00 -6.37
C ILE H 61 24.36 -34.68 -7.20
N TRP H 62 25.08 -33.63 -6.81
CA TRP H 62 26.26 -33.20 -7.53
C TRP H 62 27.50 -33.77 -6.85
N ASP H 63 28.37 -34.37 -7.66
CA ASP H 63 29.68 -34.83 -7.24
C ASP H 63 30.67 -33.98 -8.04
N THR H 64 30.77 -32.72 -7.62
CA THR H 64 31.38 -31.67 -8.46
C THR H 64 32.79 -32.03 -8.89
N ALA H 65 33.04 -31.95 -10.19
CA ALA H 65 34.36 -32.24 -10.72
C ALA H 65 35.35 -31.17 -10.32
N GLY H 66 36.55 -31.59 -9.95
CA GLY H 66 37.60 -30.68 -9.55
C GLY H 66 37.54 -30.23 -8.10
N GLN H 67 36.53 -30.65 -7.33
CA GLN H 67 36.43 -30.20 -5.94
C GLN H 67 37.68 -30.54 -5.13
N GLU H 68 38.32 -31.67 -5.44
CA GLU H 68 39.54 -32.05 -4.74
C GLU H 68 40.64 -31.00 -4.85
N ARG H 69 40.60 -30.17 -5.90
CA ARG H 69 41.62 -29.15 -6.10
C ARG H 69 41.44 -27.93 -5.21
N PHE H 70 40.20 -27.62 -4.81
CA PHE H 70 39.86 -26.34 -4.17
C PHE H 70 39.17 -26.61 -2.84
N ARG H 71 39.95 -26.86 -1.79
CA ARG H 71 39.41 -27.18 -0.49
C ARG H 71 39.37 -26.00 0.48
N THR H 72 39.57 -24.78 0.02
CA THR H 72 39.14 -23.64 0.81
C THR H 72 37.63 -23.57 0.75
N ILE H 73 36.99 -23.41 1.91
CA ILE H 73 35.53 -23.49 1.98
C ILE H 73 34.95 -22.11 1.77
N THR H 74 34.13 -21.99 0.72
CA THR H 74 33.46 -20.77 0.36
C THR H 74 31.96 -21.05 0.34
N SER H 75 31.21 -20.04 -0.08
CA SER H 75 29.79 -20.20 -0.37
C SER H 75 29.54 -21.49 -1.14
N SER H 76 30.39 -21.77 -2.14
CA SER H 76 30.15 -22.89 -3.05
C SER H 76 29.86 -24.19 -2.30
N TYR H 77 30.53 -24.42 -1.17
CA TYR H 77 30.32 -25.67 -0.44
C TYR H 77 29.06 -25.68 0.41
N TYR H 78 28.46 -24.52 0.68
CA TYR H 78 27.28 -24.46 1.55
C TYR H 78 26.17 -23.54 1.01
N GLY H 80 23.12 -23.11 -2.22
CA GLY H 80 22.44 -23.68 -3.38
C GLY H 80 22.22 -25.17 -3.25
N ALA H 81 22.31 -25.68 -2.03
CA ALA H 81 22.13 -27.09 -1.76
C ALA H 81 21.20 -27.27 -0.56
N HIS H 82 20.31 -28.25 -0.67
CA HIS H 82 19.47 -28.64 0.45
C HIS H 82 20.20 -29.56 1.42
N GLY H 83 21.14 -30.34 0.91
CA GLY H 83 21.86 -31.29 1.74
C GLY H 83 23.30 -31.40 1.31
N ILE H 84 24.15 -31.72 2.28
CA ILE H 84 25.58 -31.91 2.08
C ILE H 84 25.94 -33.27 2.66
N ILE H 85 26.59 -34.10 1.86
CA ILE H 85 27.06 -35.40 2.30
C ILE H 85 28.58 -35.38 2.19
N VAL H 86 29.27 -35.45 3.32
CA VAL H 86 30.72 -35.41 3.38
C VAL H 86 31.20 -36.83 3.68
N VAL H 87 32.11 -37.33 2.84
CA VAL H 87 32.52 -38.73 2.81
C VAL H 87 34.02 -38.81 3.08
N TYR H 88 34.41 -39.65 4.03
CA TYR H 88 35.82 -39.98 4.25
C TYR H 88 36.04 -41.48 4.08
N ASP H 89 37.31 -41.84 3.86
CA ASP H 89 37.71 -43.23 3.71
C ASP H 89 38.07 -43.76 5.09
N VAL H 90 37.33 -44.77 5.54
CA VAL H 90 37.54 -45.31 6.87
C VAL H 90 38.91 -45.96 7.03
N THR H 91 39.56 -46.35 5.92
CA THR H 91 40.89 -46.95 6.01
C THR H 91 42.01 -45.93 5.88
N ASP H 92 41.72 -44.63 6.00
CA ASP H 92 42.72 -43.60 5.74
C ASP H 92 42.48 -42.43 6.70
N GLN H 93 43.42 -42.23 7.63
CA GLN H 93 43.27 -41.19 8.63
C GLN H 93 43.30 -39.80 8.01
N GLU H 94 44.14 -39.61 6.97
CA GLU H 94 44.28 -38.27 6.40
C GLU H 94 42.97 -37.77 5.83
N SER H 95 42.19 -38.67 5.21
CA SER H 95 40.90 -38.27 4.65
C SER H 95 39.91 -37.92 5.73
N TYR H 96 39.97 -38.59 6.88
CA TYR H 96 39.11 -38.23 7.99
C TYR H 96 39.51 -36.88 8.56
N ALA H 97 40.82 -36.66 8.75
CA ALA H 97 41.28 -35.37 9.25
C ALA H 97 40.88 -34.25 8.31
N ASN H 98 40.81 -34.53 7.00
CA ASN H 98 40.44 -33.50 6.05
C ASN H 98 38.95 -33.16 6.11
N VAL H 99 38.07 -34.16 6.10
CA VAL H 99 36.64 -33.86 6.13
C VAL H 99 36.27 -33.18 7.44
N LYS H 100 36.86 -33.64 8.54
CA LYS H 100 36.61 -33.01 9.84
C LYS H 100 36.92 -31.52 9.77
N GLN H 101 38.06 -31.18 9.17
CA GLN H 101 38.41 -29.78 8.94
C GLN H 101 37.34 -29.08 8.11
N TRP H 102 36.96 -29.67 6.99
CA TRP H 102 36.00 -29.02 6.09
C TRP H 102 34.62 -28.93 6.75
N LEU H 103 34.19 -30.01 7.38
CA LEU H 103 32.87 -30.02 8.01
C LEU H 103 32.79 -28.96 9.10
N GLN H 104 33.89 -28.79 9.84
CA GLN H 104 33.94 -27.73 10.84
C GLN H 104 33.76 -26.36 10.21
N GLU H 105 34.25 -26.20 9.00
CA GLU H 105 34.22 -24.92 8.29
C GLU H 105 32.84 -24.69 7.69
N ILE H 106 32.26 -25.73 7.11
CA ILE H 106 30.92 -25.68 6.54
C ILE H 106 29.89 -25.29 7.61
N ASP H 107 29.88 -26.02 8.73
CA ASP H 107 28.86 -25.80 9.74
C ASP H 107 28.86 -24.37 10.26
N ARG H 108 30.05 -23.76 10.39
CA ARG H 108 30.11 -22.40 10.91
C ARG H 108 29.39 -21.42 9.98
N TYR H 109 29.56 -21.57 8.67
CA TYR H 109 28.95 -20.68 7.68
C TYR H 109 27.58 -21.16 7.20
N ALA H 110 27.37 -22.47 7.11
CA ALA H 110 26.15 -22.99 6.53
C ALA H 110 24.92 -22.54 7.30
N SER H 111 23.89 -22.13 6.56
CA SER H 111 22.59 -21.88 7.16
C SER H 111 22.10 -23.13 7.88
N GLU H 112 21.34 -22.92 8.96
CA GLU H 112 20.78 -24.06 9.69
C GLU H 112 19.88 -24.89 8.79
N ASN H 113 19.26 -24.26 7.77
CA ASN H 113 18.38 -24.99 6.87
C ASN H 113 19.13 -26.02 6.04
N VAL H 114 20.44 -25.86 5.87
CA VAL H 114 21.24 -26.86 5.17
C VAL H 114 21.44 -28.06 6.08
N ASN H 115 21.08 -29.23 5.58
CA ASN H 115 21.27 -30.48 6.30
C ASN H 115 22.60 -31.10 5.92
N LYS H 116 23.16 -31.86 6.85
CA LYS H 116 24.52 -32.35 6.71
C LYS H 116 24.59 -33.80 7.17
N LEU H 117 25.47 -34.56 6.55
CA LEU H 117 25.65 -35.96 6.93
C LEU H 117 27.11 -36.35 6.74
N LEU H 118 27.70 -36.92 7.79
CA LEU H 118 29.05 -37.47 7.73
C LEU H 118 28.97 -38.96 7.43
N VAL H 119 29.76 -39.39 6.45
CA VAL H 119 29.76 -40.79 6.01
C VAL H 119 31.19 -41.30 6.00
N GLY H 120 31.48 -42.28 6.84
CA GLY H 120 32.67 -43.10 6.69
C GLY H 120 32.38 -44.26 5.76
N ASN H 121 33.09 -44.37 4.65
CA ASN H 121 32.84 -45.42 3.68
C ASN H 121 33.94 -46.47 3.73
N LYS H 122 33.61 -47.66 3.23
CA LYS H 122 34.53 -48.79 3.12
C LYS H 122 34.62 -49.56 4.43
N SER H 123 33.54 -49.57 5.21
CA SER H 123 33.53 -50.26 6.49
C SER H 123 33.83 -51.75 6.34
N ASP H 124 33.56 -52.32 5.16
CA ASP H 124 33.81 -53.75 4.96
C ASP H 124 35.30 -54.07 4.94
N LEU H 125 36.17 -53.07 4.79
CA LEU H 125 37.62 -53.28 4.86
C LEU H 125 38.03 -53.23 6.33
N THR H 126 37.58 -54.24 7.06
CA THR H 126 37.69 -54.20 8.52
C THR H 126 39.11 -54.47 9.00
N THR H 127 39.91 -55.21 8.22
CA THR H 127 41.31 -55.43 8.61
C THR H 127 42.16 -54.20 8.38
N LYS H 128 41.80 -53.36 7.39
CA LYS H 128 42.54 -52.15 7.08
C LYS H 128 41.93 -50.91 7.73
N LYS H 129 40.92 -51.07 8.58
CA LYS H 129 40.18 -49.93 9.13
C LYS H 129 41.00 -49.24 10.21
N VAL H 130 41.22 -47.94 10.05
CA VAL H 130 42.03 -47.16 10.98
C VAL H 130 41.22 -46.16 11.80
N VAL H 131 40.13 -45.61 11.27
CA VAL H 131 39.37 -44.57 11.97
C VAL H 131 38.36 -45.24 12.89
N ASP H 132 38.46 -44.96 14.18
CA ASP H 132 37.50 -45.53 15.10
C ASP H 132 36.19 -44.77 14.99
N ASN H 133 35.09 -45.51 14.80
CA ASN H 133 33.80 -44.86 14.55
C ASN H 133 33.30 -44.07 15.76
N THR H 134 33.68 -44.44 16.99
CA THR H 134 33.20 -43.72 18.16
C THR H 134 33.71 -42.28 18.19
N THR H 135 34.92 -42.04 17.67
CA THR H 135 35.39 -40.66 17.53
C THR H 135 34.62 -39.93 16.44
N ALA H 136 34.45 -40.55 15.28
CA ALA H 136 33.68 -39.89 14.22
C ALA H 136 32.26 -39.64 14.68
N LYS H 137 31.65 -40.64 15.32
CA LYS H 137 30.35 -40.47 15.96
C LYS H 137 30.36 -39.29 16.92
N GLU H 138 31.41 -39.19 17.74
CA GLU H 138 31.45 -38.12 18.75
C GLU H 138 31.82 -36.77 18.14
N PHE H 139 32.58 -36.77 17.04
CA PHE H 139 32.76 -35.52 16.30
C PHE H 139 31.45 -35.06 15.68
N ALA H 140 30.72 -35.97 15.06
CA ALA H 140 29.44 -35.63 14.46
C ALA H 140 28.46 -35.13 15.52
N ASP H 141 28.40 -35.84 16.65
CA ASP H 141 27.56 -35.39 17.75
C ASP H 141 27.93 -33.98 18.19
N SER H 142 29.23 -33.67 18.24
CA SER H 142 29.67 -32.37 18.73
C SER H 142 29.11 -31.23 17.88
N LEU H 143 28.87 -31.48 16.60
CA LEU H 143 28.32 -30.47 15.71
C LEU H 143 26.82 -30.65 15.47
N GLY H 144 26.19 -31.63 16.11
CA GLY H 144 24.76 -31.85 15.92
C GLY H 144 24.43 -32.42 14.56
N ILE H 145 25.28 -33.30 14.04
CA ILE H 145 25.16 -33.84 12.68
C ILE H 145 25.01 -35.35 12.73
N PRO H 146 24.19 -35.95 11.86
CA PRO H 146 24.13 -37.41 11.82
C PRO H 146 25.40 -37.99 11.24
N PHE H 147 25.72 -39.19 11.69
CA PHE H 147 26.88 -39.94 11.22
C PHE H 147 26.44 -41.33 10.81
N LEU H 148 27.09 -41.86 9.79
CA LEU H 148 26.80 -43.23 9.35
C LEU H 148 28.07 -43.81 8.73
N GLU H 149 28.16 -45.13 8.78
CA GLU H 149 29.24 -45.87 8.13
C GLU H 149 28.63 -46.73 7.04
N THR H 150 29.27 -46.74 5.88
CA THR H 150 28.71 -47.35 4.69
C THR H 150 29.74 -48.26 4.04
N SER H 151 29.23 -49.25 3.31
CA SER H 151 30.01 -50.00 2.34
C SER H 151 29.29 -49.79 1.00
N ALA H 152 29.83 -48.91 0.17
CA ALA H 152 29.24 -48.74 -1.15
C ALA H 152 29.25 -50.06 -1.92
N LYS H 153 30.33 -50.83 -1.79
CA LYS H 153 30.44 -52.12 -2.47
C LYS H 153 29.28 -53.05 -2.10
N ASN H 154 29.03 -53.22 -0.81
CA ASN H 154 27.91 -54.04 -0.34
C ASN H 154 26.59 -53.30 -0.32
N ALA H 155 26.60 -51.98 -0.50
CA ALA H 155 25.39 -51.14 -0.45
C ALA H 155 24.82 -51.02 0.96
N THR H 156 25.59 -51.36 2.00
CA THR H 156 25.06 -51.33 3.36
C THR H 156 25.03 -49.89 3.86
N ASN H 157 23.88 -49.48 4.37
CA ASN H 157 23.64 -48.15 4.92
C ASN H 157 23.65 -47.05 3.86
N VAL H 158 23.82 -47.39 2.58
CA VAL H 158 23.82 -46.37 1.53
C VAL H 158 22.42 -45.81 1.37
N GLU H 159 21.46 -46.70 1.08
CA GLU H 159 20.05 -46.30 1.02
C GLU H 159 19.65 -45.48 2.24
N GLN H 160 19.98 -45.98 3.43
CA GLN H 160 19.58 -45.29 4.66
C GLN H 160 20.17 -43.90 4.74
N ALA H 161 21.38 -43.70 4.20
CA ALA H 161 21.99 -42.37 4.24
C ALA H 161 21.14 -41.38 3.48
N PHE H 162 20.80 -41.70 2.22
CA PHE H 162 19.99 -40.78 1.42
C PHE H 162 18.58 -40.64 2.00
N MET H 163 17.98 -41.72 2.48
CA MET H 163 16.62 -41.63 2.99
C MET H 163 16.54 -40.72 4.21
N THR H 164 17.41 -40.91 5.19
CA THR H 164 17.39 -40.04 6.36
C THR H 164 17.54 -38.58 5.96
N MET H 165 18.56 -38.27 5.16
CA MET H 165 18.75 -36.88 4.72
C MET H 165 17.51 -36.35 4.02
N ALA H 166 16.99 -37.11 3.05
CA ALA H 166 15.80 -36.67 2.35
C ALA H 166 14.65 -36.42 3.31
N ALA H 167 14.53 -37.26 4.35
CA ALA H 167 13.50 -37.07 5.35
C ALA H 167 13.78 -35.82 6.19
N GLU H 168 15.05 -35.56 6.50
CA GLU H 168 15.37 -34.39 7.32
C GLU H 168 15.13 -33.10 6.54
N ILE H 169 15.53 -33.08 5.26
CA ILE H 169 15.20 -31.96 4.39
C ILE H 169 13.69 -31.78 4.32
N LYS H 170 12.98 -32.88 4.06
CA LYS H 170 11.52 -32.84 3.89
C LYS H 170 10.84 -32.19 5.08
N LYS H 171 11.20 -32.62 6.29
CA LYS H 171 10.50 -32.13 7.48
C LYS H 171 10.70 -30.63 7.64
N ARG H 172 11.86 -30.10 7.22
CA ARG H 172 12.09 -28.67 7.36
C ARG H 172 11.18 -27.86 6.44
N MET H 173 10.91 -28.39 5.24
CA MET H 173 10.03 -27.70 4.29
C MET H 173 8.56 -28.01 4.55
N MET I 3 8.40 59.53 -0.70
CA MET I 3 7.23 58.78 -1.12
C MET I 3 7.21 57.43 -0.40
N VAL I 4 6.09 56.71 -0.50
CA VAL I 4 5.85 55.51 0.30
C VAL I 4 5.69 54.31 -0.63
N THR I 5 6.37 53.22 -0.29
CA THR I 5 6.27 51.97 -1.01
C THR I 5 5.19 51.08 -0.39
N ARG I 6 4.91 49.97 -1.08
CA ARG I 6 3.91 49.02 -0.60
C ARG I 6 4.34 48.42 0.73
N ILE I 7 5.62 48.06 0.85
CA ILE I 7 6.11 47.32 2.02
C ILE I 7 5.71 48.02 3.31
N GLU I 8 5.78 49.36 3.34
CA GLU I 8 5.42 50.08 4.56
C GLU I 8 3.95 50.48 4.61
N ASN I 9 3.28 50.57 3.47
CA ASN I 9 1.81 50.62 3.48
C ASN I 9 1.24 49.39 4.17
N LEU I 10 1.79 48.21 3.86
CA LEU I 10 1.34 46.98 4.49
C LEU I 10 1.64 47.00 5.99
N GLU I 11 2.81 47.52 6.38
CA GLU I 11 3.16 47.54 7.79
C GLU I 11 2.28 48.52 8.57
N ASN I 12 1.84 49.60 7.93
CA ASN I 12 0.92 50.52 8.60
C ASN I 12 -0.48 49.92 8.69
N ALA I 13 -0.90 49.18 7.66
CA ALA I 13 -2.15 48.44 7.73
C ALA I 13 -2.10 47.41 8.85
N LYS I 14 -0.92 46.81 9.07
CA LYS I 14 -0.76 45.89 10.18
C LYS I 14 -0.98 46.61 11.51
N LYS I 15 -0.43 47.80 11.67
CA LYS I 15 -0.61 48.53 12.91
C LYS I 15 -2.05 48.96 13.10
N LEU I 16 -2.71 49.40 12.02
CA LEU I 16 -4.13 49.71 12.09
C LEU I 16 -4.94 48.48 12.46
N TRP I 17 -4.55 47.30 11.97
CA TRP I 17 -5.21 46.07 12.38
C TRP I 17 -4.99 45.79 13.86
N ASP I 18 -3.74 45.90 14.33
CA ASP I 18 -3.46 45.76 15.76
C ASP I 18 -4.34 46.67 16.59
N ASN I 19 -4.47 47.94 16.17
CA ASN I 19 -5.29 48.89 16.90
C ASN I 19 -6.72 48.38 17.04
N ALA I 20 -7.28 47.86 15.96
CA ALA I 20 -8.61 47.27 16.04
C ALA I 20 -8.62 46.08 16.98
N ASN I 21 -7.57 45.24 16.93
CA ASN I 21 -7.48 44.09 17.81
C ASN I 21 -7.31 44.52 19.27
N SER I 22 -6.49 45.55 19.52
CA SER I 22 -6.36 46.07 20.88
C SER I 22 -7.68 46.63 21.38
N MET I 23 -8.40 47.35 20.52
CA MET I 23 -9.76 47.78 20.85
C MET I 23 -10.64 46.58 21.17
N LEU I 24 -10.44 45.48 20.45
CA LEU I 24 -11.25 44.28 20.67
C LEU I 24 -10.96 43.68 22.04
N GLU I 25 -9.67 43.58 22.39
CA GLU I 25 -9.28 43.01 23.68
C GLU I 25 -9.92 43.75 24.85
N LYS I 26 -10.13 45.06 24.72
CA LYS I 26 -10.67 45.85 25.82
C LYS I 26 -12.19 45.79 25.91
N GLY I 27 -12.86 45.08 25.01
CA GLY I 27 -14.31 45.10 25.00
C GLY I 27 -14.91 46.40 24.53
N ASN I 28 -14.12 47.25 23.89
CA ASN I 28 -14.60 48.54 23.37
C ASN I 28 -15.26 48.30 22.01
N ILE I 29 -16.59 48.16 22.02
CA ILE I 29 -17.31 47.83 20.78
C ILE I 29 -17.18 48.97 19.78
N SER I 30 -17.68 50.15 20.13
CA SER I 30 -17.62 51.29 19.22
C SER I 30 -16.19 51.58 18.79
N GLY I 31 -15.24 51.51 19.73
CA GLY I 31 -13.86 51.77 19.38
C GLY I 31 -13.29 50.72 18.42
N TYR I 32 -13.66 49.46 18.62
CA TYR I 32 -13.28 48.43 17.66
C TYR I 32 -13.84 48.76 16.27
N LEU I 33 -15.14 49.06 16.21
CA LEU I 33 -15.78 49.30 14.92
C LEU I 33 -15.14 50.48 14.19
N LYS I 34 -14.82 51.55 14.92
CA LYS I 34 -14.16 52.68 14.29
C LYS I 34 -12.75 52.32 13.82
N ALA I 35 -11.99 51.58 14.64
CA ALA I 35 -10.66 51.17 14.22
C ALA I 35 -10.72 50.26 13.00
N ALA I 36 -11.73 49.39 12.93
CA ALA I 36 -11.91 48.56 11.75
C ALA I 36 -12.27 49.42 10.54
N ASN I 37 -13.09 50.44 10.76
CA ASN I 37 -13.39 51.39 9.70
C ASN I 37 -12.12 52.07 9.20
N GLU I 38 -11.26 52.50 10.13
CA GLU I 38 -9.99 53.13 9.74
C GLU I 38 -9.17 52.18 8.89
N LEU I 39 -9.01 50.95 9.34
CA LEU I 39 -8.26 49.95 8.58
C LEU I 39 -8.84 49.79 7.18
N HIS I 40 -10.17 49.65 7.09
CA HIS I 40 -10.82 49.50 5.79
C HIS I 40 -10.59 50.69 4.87
N LYS I 41 -10.74 51.91 5.39
CA LYS I 41 -10.54 53.09 4.56
C LYS I 41 -9.10 53.19 4.07
N PHE I 42 -8.14 52.80 4.91
CA PHE I 42 -6.74 52.85 4.52
C PHE I 42 -6.42 51.84 3.43
N MET I 43 -6.88 50.60 3.58
CA MET I 43 -6.59 49.59 2.57
C MET I 43 -7.28 49.91 1.25
N LYS I 44 -8.45 50.54 1.32
CA LYS I 44 -9.10 50.99 0.09
C LYS I 44 -8.29 52.07 -0.60
N GLU I 45 -7.72 53.00 0.19
CA GLU I 45 -6.99 54.11 -0.38
C GLU I 45 -5.65 53.66 -0.96
N LYS I 46 -4.95 52.77 -0.28
CA LYS I 46 -3.66 52.28 -0.75
C LYS I 46 -3.79 51.06 -1.66
N ASN I 47 -5.02 50.64 -1.96
CA ASN I 47 -5.28 49.57 -2.91
C ASN I 47 -4.77 48.21 -2.42
N LEU I 48 -4.93 47.96 -1.13
CA LEU I 48 -4.59 46.69 -0.52
C LEU I 48 -5.86 45.85 -0.37
N LYS I 49 -5.71 44.53 -0.52
CA LYS I 49 -6.79 43.60 -0.31
C LYS I 49 -6.45 42.68 0.86
N GLU I 50 -7.47 42.01 1.40
CA GLU I 50 -7.23 41.11 2.53
C GLU I 50 -6.05 40.18 2.28
N ASP I 51 -5.97 39.60 1.08
CA ASP I 51 -4.92 38.62 0.80
C ASP I 51 -3.53 39.23 0.98
N ASP I 52 -3.38 40.51 0.66
CA ASP I 52 -2.07 41.16 0.79
C ASP I 52 -1.63 41.24 2.25
N LEU I 53 -2.56 41.54 3.15
CA LEU I 53 -2.23 41.74 4.56
C LEU I 53 -2.14 40.44 5.33
N ARG I 54 -2.96 39.44 4.99
CA ARG I 54 -3.01 38.21 5.77
C ARG I 54 -1.64 37.58 6.03
N PRO I 55 -0.75 37.44 5.05
CA PRO I 55 0.59 36.90 5.38
C PRO I 55 1.29 37.70 6.45
N GLU I 56 1.16 39.03 6.44
CA GLU I 56 1.83 39.88 7.41
C GLU I 56 1.27 39.71 8.82
N LEU I 57 0.08 39.14 8.98
CA LEU I 57 -0.52 38.97 10.29
C LEU I 57 -0.30 37.59 10.88
N SER I 58 0.57 36.78 10.28
CA SER I 58 0.80 35.42 10.77
C SER I 58 1.16 35.42 12.26
N ASP I 59 2.07 36.31 12.66
CA ASP I 59 2.53 36.35 14.05
C ASP I 59 1.52 36.95 15.01
N LYS I 60 0.41 37.50 14.50
CA LYS I 60 -0.63 38.05 15.35
C LYS I 60 -1.71 37.00 15.58
N THR I 61 -2.61 37.30 16.50
CA THR I 61 -3.75 36.44 16.76
C THR I 61 -4.84 37.21 17.50
N ILE I 62 -6.07 36.79 17.23
CA ILE I 62 -7.26 37.22 17.94
C ILE I 62 -7.46 36.30 19.12
N SER I 63 -7.57 36.86 20.32
CA SER I 63 -7.71 36.03 21.50
C SER I 63 -9.05 35.30 21.52
N PRO I 64 -9.18 34.26 22.34
CA PRO I 64 -10.53 33.70 22.58
C PRO I 64 -11.52 34.75 23.06
N LYS I 65 -11.07 35.70 23.87
CA LYS I 65 -11.94 36.80 24.27
C LYS I 65 -12.41 37.59 23.06
N GLY I 66 -11.48 37.95 22.19
CA GLY I 66 -11.84 38.73 21.01
C GLY I 66 -12.85 38.02 20.13
N TYR I 67 -12.61 36.73 19.87
CA TYR I 67 -13.55 35.96 19.08
C TYR I 67 -14.91 35.86 19.75
N ALA I 68 -14.93 35.88 21.09
CA ALA I 68 -16.20 35.89 21.80
C ALA I 68 -16.97 37.17 21.52
N ILE I 69 -16.28 38.31 21.55
CA ILE I 69 -16.93 39.58 21.29
C ILE I 69 -17.31 39.73 19.82
N LEU I 70 -16.49 39.16 18.93
CA LEU I 70 -16.85 39.19 17.51
C LEU I 70 -18.08 38.34 17.25
N GLN I 71 -18.19 37.19 17.93
CA GLN I 71 -19.35 36.33 17.75
C GLN I 71 -20.63 37.01 18.23
N SER I 72 -20.56 37.61 19.42
CA SER I 72 -21.71 38.34 19.94
C SER I 72 -22.10 39.47 19.00
N LEU I 73 -21.11 40.23 18.53
CA LEU I 73 -21.35 41.32 17.59
C LEU I 73 -21.98 40.80 16.30
N TRP I 74 -21.46 39.69 15.78
CA TRP I 74 -22.06 39.06 14.61
C TRP I 74 -23.51 38.70 14.87
N GLY I 75 -23.77 37.94 15.94
CA GLY I 75 -25.12 37.51 16.22
C GLY I 75 -26.07 38.68 16.40
N ALA I 76 -25.63 39.71 17.12
CA ALA I 76 -26.51 40.86 17.38
C ALA I 76 -26.78 41.64 16.10
N ALA I 77 -25.73 41.95 15.34
CA ALA I 77 -25.91 42.71 14.10
C ALA I 77 -26.79 41.94 13.12
N SER I 78 -26.56 40.63 12.99
CA SER I 78 -27.36 39.82 12.08
C SER I 78 -28.83 39.80 12.45
N ASP I 79 -29.14 39.69 13.75
CA ASP I 79 -30.54 39.69 14.15
C ASP I 79 -31.15 41.08 14.02
N TYR I 80 -30.37 42.11 14.34
CA TYR I 80 -30.84 43.49 14.28
C TYR I 80 -31.15 43.90 12.85
N SER I 81 -30.27 43.56 11.91
CA SER I 81 -30.51 43.87 10.50
C SER I 81 -31.88 43.36 10.05
N ARG I 82 -32.24 42.17 10.49
CA ARG I 82 -33.48 41.54 10.03
C ARG I 82 -34.69 42.11 10.75
N ALA I 83 -34.54 42.39 12.05
CA ALA I 83 -35.64 42.97 12.82
C ALA I 83 -35.98 44.37 12.32
N ALA I 84 -34.96 45.14 11.93
CA ALA I 84 -35.16 46.51 11.47
C ALA I 84 -35.80 46.59 10.09
N ALA I 85 -35.98 45.47 9.39
CA ALA I 85 -36.66 45.45 8.11
C ALA I 85 -38.15 45.30 8.36
N THR I 86 -38.89 46.38 8.18
CA THR I 86 -40.28 46.47 8.61
C THR I 86 -41.15 46.99 7.46
N LEU I 87 -42.48 47.02 7.69
CA LEU I 87 -43.40 47.57 6.69
C LEU I 87 -43.25 49.07 6.55
N THR I 88 -42.88 49.75 7.64
CA THR I 88 -42.59 51.17 7.59
C THR I 88 -41.39 51.46 6.69
N GLU I 89 -40.29 50.73 6.91
CA GLU I 89 -39.07 50.93 6.17
C GLU I 89 -38.21 49.68 6.32
N SER I 90 -37.56 49.27 5.23
CA SER I 90 -36.76 48.07 5.22
C SER I 90 -35.41 48.24 4.52
N THR I 91 -34.95 49.47 4.32
CA THR I 91 -33.73 49.69 3.55
C THR I 91 -32.61 50.35 4.34
N VAL I 92 -32.86 51.47 5.01
CA VAL I 92 -31.77 52.26 5.57
C VAL I 92 -31.22 51.60 6.84
N GLU I 93 -32.08 51.32 7.81
CA GLU I 93 -31.60 50.73 9.06
C GLU I 93 -31.04 49.34 8.84
N PRO I 94 -31.69 48.44 8.09
CA PRO I 94 -31.03 47.17 7.77
C PRO I 94 -29.71 47.37 7.04
N GLY I 95 -29.64 48.32 6.12
CA GLY I 95 -28.39 48.60 5.42
C GLY I 95 -27.28 49.01 6.36
N LEU I 96 -27.55 49.96 7.26
CA LEU I 96 -26.51 50.44 8.16
C LEU I 96 -26.01 49.32 9.07
N VAL I 97 -26.92 48.57 9.68
CA VAL I 97 -26.52 47.50 10.58
C VAL I 97 -25.78 46.41 9.81
N SER I 98 -26.28 46.07 8.62
CA SER I 98 -25.64 45.06 7.81
C SER I 98 -24.25 45.48 7.38
N ALA I 99 -24.04 46.78 7.17
CA ALA I 99 -22.71 47.28 6.81
C ALA I 99 -21.75 47.20 7.99
N VAL I 100 -22.24 47.37 9.22
CA VAL I 100 -21.41 47.16 10.39
C VAL I 100 -20.93 45.72 10.44
N ASN I 101 -21.82 44.77 10.17
CA ASN I 101 -21.45 43.36 10.18
C ASN I 101 -20.35 43.07 9.16
N LYS I 102 -20.49 43.57 7.93
CA LYS I 102 -19.46 43.33 6.91
C LYS I 102 -18.13 43.94 7.31
N MET I 103 -18.15 45.11 7.95
CA MET I 103 -16.89 45.72 8.36
C MET I 103 -16.17 44.85 9.38
N SER I 104 -16.91 44.21 10.30
CA SER I 104 -16.27 43.30 11.23
C SER I 104 -15.83 42.02 10.53
N ALA I 105 -16.60 41.56 9.55
CA ALA I 105 -16.16 40.42 8.75
C ALA I 105 -14.87 40.73 8.00
N PHE I 106 -14.70 41.99 7.60
CA PHE I 106 -13.49 42.40 6.90
C PHE I 106 -12.26 42.28 7.80
N PHE I 107 -12.39 42.72 9.05
CA PHE I 107 -11.32 42.59 10.02
C PHE I 107 -10.86 41.13 10.16
N MET I 108 -11.81 40.21 10.28
CA MET I 108 -11.45 38.80 10.38
C MET I 108 -10.84 38.27 9.08
N ASP I 109 -11.32 38.74 7.93
CA ASP I 109 -10.78 38.25 6.66
C ASP I 109 -9.34 38.69 6.45
N CYS I 110 -8.96 39.85 6.98
CA CYS I 110 -7.56 40.26 6.92
C CYS I 110 -6.66 39.25 7.62
N LYS I 111 -7.18 38.55 8.62
CA LYS I 111 -6.37 37.64 9.42
C LYS I 111 -6.55 36.18 9.08
N LEU I 112 -7.76 35.76 8.68
CA LEU I 112 -8.11 34.35 8.57
C LEU I 112 -8.38 33.96 7.13
N SER I 113 -7.97 32.74 6.78
CA SER I 113 -8.25 32.16 5.47
C SER I 113 -9.74 31.88 5.33
N PRO I 114 -10.20 31.64 4.10
CA PRO I 114 -11.63 31.40 3.90
C PRO I 114 -12.10 30.18 4.69
N ASN I 115 -13.23 30.36 5.38
CA ASN I 115 -13.91 29.31 6.15
C ASN I 115 -13.15 28.87 7.40
N GLU I 116 -12.10 29.58 7.81
CA GLU I 116 -11.49 29.30 9.10
C GLU I 116 -12.40 29.76 10.22
N ARG I 117 -12.69 28.87 11.17
CA ARG I 117 -13.63 29.17 12.24
C ARG I 117 -13.00 30.01 13.35
N ALA I 118 -13.84 30.78 14.01
CA ALA I 118 -13.43 31.50 15.21
C ALA I 118 -13.45 30.56 16.43
N THR I 119 -12.54 30.82 17.37
CA THR I 119 -12.47 30.06 18.61
C THR I 119 -12.77 30.98 19.78
N PRO I 120 -14.05 31.23 20.07
CA PRO I 120 -14.39 32.11 21.19
C PRO I 120 -14.33 31.40 22.53
N ASP I 121 -14.07 32.20 23.56
CA ASP I 121 -14.09 31.69 24.93
C ASP I 121 -15.56 31.51 25.32
N PRO I 122 -16.05 30.28 25.47
CA PRO I 122 -17.49 30.12 25.75
C PRO I 122 -17.92 30.77 27.06
N ASP I 123 -17.00 30.93 28.02
CA ASP I 123 -17.35 31.51 29.30
C ASP I 123 -17.27 33.03 29.32
N PHE I 124 -17.01 33.67 28.18
CA PHE I 124 -17.02 35.13 28.09
C PHE I 124 -18.26 35.56 27.30
N LYS I 125 -19.22 36.17 27.99
CA LYS I 125 -20.40 36.74 27.35
C LYS I 125 -20.55 38.19 27.80
N VAL I 126 -20.43 39.11 26.86
CA VAL I 126 -20.87 40.48 27.08
C VAL I 126 -22.33 40.55 26.64
N GLY I 127 -23.15 41.24 27.43
CA GLY I 127 -24.58 41.23 27.19
C GLY I 127 -24.99 41.80 25.84
N LYS I 128 -26.06 41.23 25.29
CA LYS I 128 -26.60 41.69 24.00
C LYS I 128 -26.91 43.18 24.05
N SER I 129 -27.43 43.67 25.18
CA SER I 129 -27.82 45.08 25.25
C SER I 129 -26.62 46.00 25.16
N LYS I 130 -25.44 45.53 25.59
CA LYS I 130 -24.25 46.37 25.48
C LYS I 130 -23.73 46.41 24.05
N ILE I 131 -23.76 45.28 23.34
CA ILE I 131 -23.33 45.29 21.95
C ILE I 131 -24.24 46.15 21.11
N LEU I 132 -25.55 46.00 21.28
CA LEU I 132 -26.49 46.73 20.45
C LEU I 132 -26.27 48.24 20.60
N VAL I 133 -26.09 48.71 21.83
CA VAL I 133 -25.73 50.11 22.05
C VAL I 133 -24.42 50.43 21.34
N GLY I 134 -23.44 49.55 21.44
CA GLY I 134 -22.17 49.78 20.76
C GLY I 134 -22.32 49.88 19.26
N ILE I 135 -23.19 49.05 18.68
CA ILE I 135 -23.48 49.15 17.25
C ILE I 135 -24.17 50.48 16.94
N MET I 136 -25.18 50.83 17.73
CA MET I 136 -25.95 52.04 17.47
C MET I 136 -25.08 53.30 17.64
N GLN I 137 -24.18 53.29 18.62
CA GLN I 137 -23.28 54.43 18.80
C GLN I 137 -22.36 54.59 17.61
N PHE I 138 -21.93 53.47 17.01
CA PHE I 138 -21.10 53.56 15.82
C PHE I 138 -21.90 54.05 14.62
N ILE I 139 -23.12 53.53 14.43
CA ILE I 139 -23.95 53.96 13.32
C ILE I 139 -24.26 55.45 13.44
N LYS I 140 -24.65 55.89 14.63
CA LYS I 140 -24.85 57.31 14.89
C LYS I 140 -23.67 58.14 14.39
N ASP I 141 -22.45 57.65 14.61
CA ASP I 141 -21.25 58.44 14.30
C ASP I 141 -20.85 58.38 12.83
N VAL I 142 -21.20 57.31 12.10
CA VAL I 142 -20.87 57.24 10.68
C VAL I 142 -22.05 57.60 9.78
N ALA I 143 -23.27 57.58 10.29
CA ALA I 143 -24.41 57.96 9.47
C ALA I 143 -24.27 59.40 8.97
N ASP I 144 -24.63 59.60 7.71
CA ASP I 144 -24.65 60.93 7.13
C ASP I 144 -25.57 61.84 7.95
N PRO I 145 -25.20 63.11 8.16
CA PRO I 145 -26.06 64.01 8.94
C PRO I 145 -27.45 64.19 8.36
N THR I 146 -27.64 63.91 7.07
CA THR I 146 -28.95 64.01 6.44
C THR I 146 -29.64 62.66 6.34
N SER I 147 -29.00 61.59 6.77
CA SER I 147 -29.60 60.26 6.71
C SER I 147 -30.89 60.22 7.52
N LYS I 148 -31.88 59.49 7.02
CA LYS I 148 -33.16 59.33 7.71
C LYS I 148 -33.59 57.89 7.70
N ILE I 149 -34.15 57.44 8.82
CA ILE I 149 -34.82 56.15 8.91
C ILE I 149 -36.30 56.46 8.92
N TRP I 150 -36.98 56.12 7.83
CA TRP I 150 -38.39 56.50 7.66
C TRP I 150 -38.42 58.03 7.72
N MET I 151 -39.13 58.62 8.68
CA MET I 151 -39.26 60.07 8.77
C MET I 151 -38.33 60.68 9.80
N HIS I 152 -37.55 59.88 10.52
CA HIS I 152 -36.68 60.35 11.58
C HIS I 152 -35.26 60.51 11.09
N ASN I 153 -34.56 61.51 11.61
CA ASN I 153 -33.13 61.60 11.40
C ASN I 153 -32.45 60.40 12.06
N THR I 154 -31.46 59.85 11.36
CA THR I 154 -30.88 58.58 11.77
C THR I 154 -30.14 58.71 13.10
N LYS I 155 -29.23 59.69 13.20
CA LYS I 155 -28.53 59.91 14.46
C LYS I 155 -29.52 59.99 15.62
N ALA I 156 -30.55 60.82 15.47
CA ALA I 156 -31.50 61.05 16.55
C ALA I 156 -32.27 59.78 16.91
N LEU I 157 -32.64 58.98 15.90
CA LEU I 157 -33.32 57.73 16.21
C LEU I 157 -32.40 56.77 16.95
N MET I 158 -31.11 56.76 16.60
CA MET I 158 -30.16 55.89 17.30
C MET I 158 -30.06 56.27 18.78
N ASN I 159 -29.97 57.57 19.05
CA ASN I 159 -30.02 58.03 20.44
C ASN I 159 -31.29 57.54 21.14
N HIS I 160 -32.42 57.63 20.45
CA HIS I 160 -33.68 57.19 21.05
C HIS I 160 -33.63 55.69 21.35
N LYS I 161 -33.08 54.90 20.44
CA LYS I 161 -33.01 53.47 20.68
C LYS I 161 -32.01 53.13 21.77
N ILE I 162 -30.84 53.79 21.77
CA ILE I 162 -29.89 53.62 22.85
C ILE I 162 -30.58 53.91 24.19
N ALA I 163 -31.27 55.05 24.26
CA ALA I 163 -31.93 55.41 25.52
C ALA I 163 -33.02 54.40 25.88
N ALA I 164 -33.72 53.87 24.88
CA ALA I 164 -34.72 52.85 25.15
C ALA I 164 -34.08 51.60 25.75
N ILE I 165 -32.97 51.14 25.16
CA ILE I 165 -32.29 49.96 25.68
C ILE I 165 -31.79 50.22 27.10
N GLN I 166 -31.20 51.39 27.32
CA GLN I 166 -30.72 51.72 28.67
C GLN I 166 -31.87 51.79 29.67
N LYS I 167 -33.06 52.21 29.23
CA LYS I 167 -34.21 52.19 30.13
C LYS I 167 -34.60 50.76 30.47
N LEU I 168 -34.48 49.84 29.50
CA LEU I 168 -34.77 48.44 29.77
C LEU I 168 -33.81 47.89 30.81
N GLU I 169 -32.53 48.25 30.70
CA GLU I 169 -31.53 47.82 31.68
C GLU I 169 -31.89 48.34 33.07
N ARG I 170 -32.21 49.63 33.16
CA ARG I 170 -32.54 50.24 34.45
C ARG I 170 -33.77 49.59 35.07
N SER I 171 -34.77 49.26 34.24
CA SER I 171 -35.97 48.56 34.69
C SER I 171 -35.74 47.06 34.84
N ASN I 172 -34.54 46.56 34.57
CA ASN I 172 -34.24 45.13 34.61
C ASN I 172 -35.24 44.34 33.77
N ASN I 173 -35.53 44.88 32.58
CA ASN I 173 -36.55 44.32 31.71
C ASN I 173 -35.96 44.02 30.33
N VAL I 174 -34.78 43.38 30.28
CA VAL I 174 -34.10 43.06 29.04
C VAL I 174 -34.30 41.58 28.70
N ASN I 175 -34.96 41.32 27.58
CA ASN I 175 -35.15 39.98 27.03
C ASN I 175 -35.23 40.11 25.51
N CYS I 176 -35.33 38.97 24.80
CA CYS I 176 -35.28 39.04 23.34
C CYS I 176 -36.46 39.83 22.79
N GLU I 177 -37.66 39.63 23.35
CA GLU I 177 -38.85 40.32 22.87
C GLU I 177 -38.72 41.83 23.01
N THR I 178 -38.47 42.29 24.24
CA THR I 178 -38.37 43.73 24.46
C THR I 178 -37.25 44.34 23.64
N LEU I 179 -36.17 43.60 23.44
CA LEU I 179 -35.10 44.09 22.56
C LEU I 179 -35.58 44.13 21.12
N GLU I 180 -36.28 43.08 20.68
CA GLU I 180 -36.81 43.09 19.32
C GLU I 180 -37.74 44.26 19.09
N SER I 181 -38.57 44.58 20.08
CA SER I 181 -39.45 45.74 19.96
C SER I 181 -38.65 47.01 19.67
N VAL I 182 -37.53 47.20 20.37
CA VAL I 182 -36.70 48.38 20.14
C VAL I 182 -36.08 48.31 18.75
N LEU I 183 -35.57 47.14 18.35
CA LEU I 183 -34.86 47.04 17.09
C LEU I 183 -35.83 47.16 15.91
N SER I 184 -37.05 46.65 16.05
CA SER I 184 -38.02 46.76 14.97
C SER I 184 -38.66 48.14 14.91
N SER I 185 -38.59 48.90 16.00
CA SER I 185 -39.26 50.19 16.06
C SER I 185 -38.67 51.16 15.04
N LYS I 186 -39.54 51.97 14.45
CA LYS I 186 -39.14 53.12 13.65
C LYS I 186 -39.70 54.39 14.29
N GLY I 187 -39.90 54.36 15.60
CA GLY I 187 -40.45 55.52 16.31
C GLY I 187 -41.84 55.93 15.88
N GLU I 188 -42.69 54.96 15.51
CA GLU I 188 -44.03 55.29 15.03
C GLU I 188 -44.90 55.92 16.11
N ASN I 189 -44.63 55.63 17.39
CA ASN I 189 -45.42 56.17 18.49
C ASN I 189 -44.73 57.32 19.20
N LEU I 190 -43.73 57.94 18.58
CA LEU I 190 -43.19 59.18 19.11
C LEU I 190 -44.11 60.35 18.78
N SER I 191 -43.82 61.49 19.43
CA SER I 191 -44.61 62.69 19.24
C SER I 191 -43.96 63.69 18.30
N GLU I 192 -42.79 63.37 17.75
CA GLU I 192 -42.14 64.24 16.79
C GLU I 192 -41.37 63.37 15.80
N TYR I 193 -41.17 63.94 14.62
CA TYR I 193 -40.14 63.45 13.72
C TYR I 193 -38.84 64.05 14.23
N LEU I 194 -37.84 63.20 14.46
CA LEU I 194 -36.75 63.56 15.35
C LEU I 194 -35.76 64.60 14.81
N SER I 195 -35.50 64.67 13.51
CA SER I 195 -34.52 65.66 13.03
C SER I 195 -33.15 65.45 13.66
N GLU J 4 -44.67 50.11 -3.68
CA GLU J 4 -45.18 49.15 -2.71
C GLU J 4 -45.07 47.68 -3.09
N TYR J 5 -45.48 46.87 -2.13
CA TYR J 5 -45.54 45.43 -2.24
C TYR J 5 -46.66 44.99 -1.31
N ASP J 6 -47.11 43.75 -1.46
CA ASP J 6 -48.11 43.22 -0.54
C ASP J 6 -47.47 42.50 0.63
N TYR J 7 -46.31 41.88 0.41
CA TYR J 7 -45.66 41.05 1.41
C TYR J 7 -44.18 41.38 1.51
N LEU J 8 -43.62 41.15 2.69
CA LEU J 8 -42.19 41.25 2.92
C LEU J 8 -41.71 39.98 3.60
N PHE J 9 -41.02 39.12 2.85
CA PHE J 9 -40.45 37.90 3.38
C PHE J 9 -38.96 38.09 3.61
N LYS J 10 -38.47 37.49 4.70
CA LYS J 10 -37.07 37.59 5.09
C LYS J 10 -36.46 36.21 5.00
N LEU J 11 -35.41 36.09 4.20
CA LEU J 11 -34.76 34.82 3.94
C LEU J 11 -33.31 34.89 4.41
N LEU J 12 -32.81 33.77 4.89
CA LEU J 12 -31.40 33.63 5.19
C LEU J 12 -30.73 32.70 4.19
N LEU J 13 -29.50 33.05 3.81
CA LEU J 13 -28.68 32.22 2.95
C LEU J 13 -27.47 31.77 3.76
N ILE J 14 -27.46 30.50 4.17
CA ILE J 14 -26.41 29.94 5.00
C ILE J 14 -25.52 29.07 4.12
N GLY J 15 -24.22 29.15 4.35
CA GLY J 15 -23.25 28.37 3.60
C GLY J 15 -21.84 28.93 3.70
N ASP J 16 -20.83 28.07 3.61
CA ASP J 16 -19.44 28.49 3.73
C ASP J 16 -19.03 29.36 2.54
N SER J 17 -17.85 29.97 2.65
CA SER J 17 -17.29 30.72 1.53
C SER J 17 -16.93 29.78 0.39
N GLY J 18 -17.09 30.27 -0.84
CA GLY J 18 -16.76 29.50 -2.02
C GLY J 18 -17.91 28.66 -2.56
N VAL J 19 -19.04 28.61 -1.86
CA VAL J 19 -20.10 27.67 -2.20
C VAL J 19 -20.98 28.17 -3.33
N GLY J 20 -21.00 29.48 -3.56
CA GLY J 20 -21.75 30.07 -4.65
C GLY J 20 -22.93 30.92 -4.24
N LYS J 21 -22.94 31.45 -3.00
CA LYS J 21 -24.08 32.22 -2.54
C LYS J 21 -24.31 33.47 -3.38
N SER J 22 -23.24 34.21 -3.70
CA SER J 22 -23.41 35.43 -4.47
C SER J 22 -24.06 35.17 -5.82
N CYS J 23 -23.60 34.14 -6.54
CA CYS J 23 -24.19 33.83 -7.84
C CYS J 23 -25.63 33.35 -7.72
N LEU J 24 -25.97 32.65 -6.65
CA LEU J 24 -27.37 32.28 -6.42
C LEU J 24 -28.25 33.52 -6.38
N LEU J 25 -27.74 34.60 -5.78
CA LEU J 25 -28.44 35.86 -5.67
C LEU J 25 -28.34 36.71 -6.93
N LEU J 26 -28.01 36.09 -8.07
CA LEU J 26 -27.77 36.83 -9.31
C LEU J 26 -28.98 37.65 -9.71
N ARG J 27 -30.18 37.13 -9.51
CA ARG J 27 -31.39 37.82 -9.93
C ARG J 27 -31.86 38.85 -8.92
N PHE J 28 -31.21 38.96 -7.76
CA PHE J 28 -31.54 39.96 -6.76
C PHE J 28 -30.69 41.22 -7.00
N ALA J 29 -31.15 42.33 -6.42
CA ALA J 29 -30.50 43.62 -6.58
C ALA J 29 -30.14 44.20 -5.21
N ASP J 30 -29.22 45.16 -5.22
CA ASP J 30 -28.96 45.98 -4.05
C ASP J 30 -29.99 47.10 -3.97
N ASP J 31 -30.43 47.41 -2.76
CA ASP J 31 -31.34 48.53 -2.57
C ASP J 31 -30.58 49.84 -2.78
N THR J 32 -31.34 50.93 -2.92
CA THR J 32 -30.74 52.23 -3.13
C THR J 32 -30.36 52.87 -1.80
N TYR J 33 -29.18 53.49 -1.76
CA TYR J 33 -28.71 54.20 -0.58
C TYR J 33 -27.97 55.46 -1.00
N THR J 34 -28.37 56.59 -0.44
CA THR J 34 -27.58 57.81 -0.51
C THR J 34 -26.46 57.82 0.50
N GLU J 35 -26.35 56.78 1.32
CA GLU J 35 -25.51 56.78 2.51
C GLU J 35 -24.05 56.56 2.13
N SER J 36 -23.20 57.51 2.48
CA SER J 36 -21.78 57.41 2.14
C SER J 36 -21.15 56.21 2.82
N TYR J 37 -21.39 56.04 4.13
CA TYR J 37 -20.79 54.92 4.84
C TYR J 37 -21.17 53.58 4.21
N ILE J 38 -22.44 53.44 3.80
CA ILE J 38 -22.90 52.17 3.24
C ILE J 38 -22.16 51.86 1.94
N SER J 39 -21.92 52.87 1.11
CA SER J 39 -21.31 52.63 -0.19
C SER J 39 -19.83 52.27 -0.06
N THR J 40 -19.14 52.72 0.99
CA THR J 40 -17.75 52.34 1.18
C THR J 40 -17.62 50.83 1.42
N ILE J 41 -18.63 50.20 2.01
CA ILE J 41 -18.52 48.83 2.51
C ILE J 41 -19.55 47.91 1.87
N GLY J 42 -20.75 48.40 1.62
CA GLY J 42 -21.82 47.57 1.10
C GLY J 42 -22.59 46.87 2.20
N VAL J 43 -23.52 46.02 1.76
CA VAL J 43 -24.42 45.33 2.66
C VAL J 43 -24.45 43.85 2.30
N ASP J 44 -24.94 43.03 3.24
CA ASP J 44 -25.00 41.59 3.05
C ASP J 44 -26.37 41.08 2.60
N PHE J 45 -27.34 41.96 2.35
CA PHE J 45 -28.66 41.51 1.89
C PHE J 45 -28.96 42.13 0.53
N LYS J 46 -29.82 41.42 -0.21
CA LYS J 46 -30.28 41.87 -1.52
C LYS J 46 -31.79 41.70 -1.58
N ILE J 47 -32.44 42.42 -2.50
CA ILE J 47 -33.89 42.46 -2.55
C ILE J 47 -34.36 42.11 -3.95
N ARG J 48 -35.59 41.62 -4.02
CA ARG J 48 -36.19 41.21 -5.29
C ARG J 48 -37.70 41.18 -5.12
N THR J 49 -38.42 41.78 -6.07
CA THR J 49 -39.87 41.70 -6.07
C THR J 49 -40.34 40.63 -7.04
N ILE J 50 -41.36 39.90 -6.62
CA ILE J 50 -41.99 38.84 -7.42
C ILE J 50 -43.49 38.92 -7.26
N GLU J 51 -44.21 38.35 -8.22
CA GLU J 51 -45.65 38.28 -8.17
C GLU J 51 -46.07 36.82 -7.92
N LEU J 52 -46.97 36.63 -6.96
CA LEU J 52 -47.55 35.31 -6.70
C LEU J 52 -49.06 35.48 -6.52
N ASP J 53 -49.84 34.81 -7.37
CA ASP J 53 -51.30 34.87 -7.34
C ASP J 53 -51.79 36.30 -7.42
N GLY J 54 -51.17 37.10 -8.29
CA GLY J 54 -51.55 38.48 -8.42
C GLY J 54 -51.15 39.37 -7.26
N LYS J 55 -50.40 38.84 -6.30
CA LYS J 55 -49.93 39.60 -5.15
C LYS J 55 -48.43 39.81 -5.26
N THR J 56 -47.97 40.99 -4.87
CA THR J 56 -46.57 41.37 -5.04
C THR J 56 -45.82 41.08 -3.74
N ILE J 57 -44.69 40.40 -3.85
CA ILE J 57 -43.90 39.99 -2.69
C ILE J 57 -42.51 40.57 -2.83
N LYS J 58 -42.06 41.27 -1.79
CA LYS J 58 -40.67 41.68 -1.68
C LYS J 58 -39.91 40.62 -0.90
N LEU J 59 -38.90 40.02 -1.54
CA LEU J 59 -38.00 39.09 -0.87
C LEU J 59 -36.74 39.83 -0.46
N GLN J 60 -36.44 39.81 0.83
CA GLN J 60 -35.22 40.41 1.37
C GLN J 60 -34.40 39.27 1.95
N ILE J 61 -33.25 38.98 1.33
CA ILE J 61 -32.48 37.79 1.63
C ILE J 61 -31.11 38.20 2.15
N TRP J 62 -30.74 37.65 3.31
CA TRP J 62 -29.47 37.95 3.95
C TRP J 62 -28.48 36.82 3.65
N ASP J 63 -27.28 37.20 3.23
CA ASP J 63 -26.16 36.27 3.10
C ASP J 63 -25.15 36.79 4.12
N THR J 64 -25.47 36.56 5.40
CA THR J 64 -24.84 37.27 6.49
C THR J 64 -23.32 37.18 6.42
N ALA J 65 -22.68 38.34 6.44
CA ALA J 65 -21.23 38.41 6.38
C ALA J 65 -20.62 37.93 7.70
N GLY J 66 -19.53 37.16 7.58
CA GLY J 66 -18.85 36.64 8.75
C GLY J 66 -19.45 35.37 9.31
N GLN J 67 -20.53 34.86 8.72
CA GLN J 67 -21.15 33.64 9.25
C GLN J 67 -20.18 32.47 9.26
N GLU J 68 -19.28 32.39 8.28
CA GLU J 68 -18.33 31.28 8.22
C GLU J 68 -17.49 31.18 9.49
N ARG J 69 -17.35 32.28 10.23
CA ARG J 69 -16.52 32.28 11.44
C ARG J 69 -17.22 31.66 12.63
N PHE J 70 -18.57 31.70 12.67
CA PHE J 70 -19.35 31.36 13.87
C PHE J 70 -20.38 30.30 13.52
N ARG J 71 -19.96 29.03 13.53
CA ARG J 71 -20.85 27.92 13.17
C ARG J 71 -21.41 27.15 14.36
N THR J 72 -21.33 27.69 15.57
CA THR J 72 -22.21 27.21 16.63
C THR J 72 -23.60 27.78 16.39
N ILE J 73 -24.60 26.91 16.30
CA ILE J 73 -25.91 27.30 15.75
C ILE J 73 -26.72 27.93 16.87
N THR J 74 -26.84 29.26 16.83
CA THR J 74 -27.63 30.06 17.75
C THR J 74 -28.92 30.50 17.04
N SER J 75 -29.82 31.14 17.79
CA SER J 75 -31.01 31.73 17.21
C SER J 75 -30.71 32.55 15.96
N SER J 76 -29.53 33.18 15.90
CA SER J 76 -29.16 33.97 14.72
C SER J 76 -29.40 33.19 13.42
N TYR J 77 -29.31 31.87 13.48
CA TYR J 77 -29.54 31.04 12.30
C TYR J 77 -30.99 30.59 12.14
N TYR J 78 -31.80 30.59 13.19
CA TYR J 78 -33.17 30.06 13.08
C TYR J 78 -34.27 30.95 13.64
N GLY J 80 -36.17 35.18 13.26
CA GLY J 80 -36.28 36.42 12.51
C GLY J 80 -36.27 36.18 11.01
N ALA J 81 -36.51 34.94 10.60
CA ALA J 81 -36.51 34.60 9.19
C ALA J 81 -37.73 33.77 8.82
N HIS J 82 -38.34 34.10 7.69
CA HIS J 82 -39.45 33.30 7.15
C HIS J 82 -38.95 32.07 6.43
N GLY J 83 -37.74 32.14 5.86
CA GLY J 83 -37.19 31.03 5.11
C GLY J 83 -35.69 30.94 5.32
N ILE J 84 -35.17 29.72 5.40
CA ILE J 84 -33.75 29.49 5.53
C ILE J 84 -33.31 28.60 4.39
N ILE J 85 -32.31 29.06 3.63
CA ILE J 85 -31.78 28.29 2.50
C ILE J 85 -30.34 27.90 2.82
N VAL J 86 -30.09 26.60 2.88
CA VAL J 86 -28.82 26.01 3.27
C VAL J 86 -28.13 25.47 2.02
N VAL J 87 -26.91 25.94 1.78
CA VAL J 87 -26.19 25.71 0.52
C VAL J 87 -24.89 24.97 0.81
N TYR J 88 -24.66 23.88 0.07
CA TYR J 88 -23.36 23.22 0.07
C TYR J 88 -22.81 23.14 -1.35
N ASP J 89 -21.51 22.86 -1.45
CA ASP J 89 -20.81 22.73 -2.72
C ASP J 89 -20.84 21.26 -3.14
N VAL J 90 -21.47 20.98 -4.29
CA VAL J 90 -21.63 19.60 -4.74
C VAL J 90 -20.30 18.91 -5.01
N THR J 91 -19.24 19.68 -5.25
CA THR J 91 -17.92 19.12 -5.53
C THR J 91 -17.04 18.98 -4.30
N ASP J 92 -17.59 19.12 -3.08
CA ASP J 92 -16.78 19.16 -1.87
C ASP J 92 -17.53 18.47 -0.74
N GLN J 93 -16.98 17.36 -0.25
CA GLN J 93 -17.64 16.59 0.80
C GLN J 93 -17.68 17.36 2.12
N GLU J 94 -16.59 18.06 2.47
CA GLU J 94 -16.55 18.70 3.78
C GLU J 94 -17.62 19.78 3.92
N SER J 95 -17.94 20.48 2.83
CA SER J 95 -19.03 21.45 2.91
C SER J 95 -20.37 20.75 3.09
N TYR J 96 -20.54 19.56 2.52
CA TYR J 96 -21.76 18.79 2.73
C TYR J 96 -21.83 18.26 4.16
N ALA J 97 -20.73 17.72 4.67
CA ALA J 97 -20.71 17.22 6.05
C ALA J 97 -21.00 18.35 7.04
N ASN J 98 -20.55 19.55 6.73
CA ASN J 98 -20.78 20.70 7.61
C ASN J 98 -22.23 21.16 7.56
N VAL J 99 -22.81 21.28 6.35
CA VAL J 99 -24.18 21.76 6.22
C VAL J 99 -25.14 20.78 6.87
N LYS J 100 -24.90 19.49 6.72
CA LYS J 100 -25.70 18.47 7.38
C LYS J 100 -25.76 18.71 8.88
N GLN J 101 -24.59 18.92 9.49
CA GLN J 101 -24.52 19.23 10.91
C GLN J 101 -25.38 20.44 11.25
N TRP J 102 -25.23 21.53 10.50
CA TRP J 102 -25.95 22.76 10.81
C TRP J 102 -27.44 22.59 10.56
N LEU J 103 -27.82 22.00 9.43
CA LEU J 103 -29.23 21.80 9.11
C LEU J 103 -29.92 20.92 10.15
N GLN J 104 -29.21 19.93 10.70
CA GLN J 104 -29.78 19.13 11.78
C GLN J 104 -30.06 19.99 13.01
N GLU J 105 -29.16 20.91 13.33
CA GLU J 105 -29.35 21.71 14.54
C GLU J 105 -30.38 22.82 14.32
N ILE J 106 -30.34 23.46 13.14
CA ILE J 106 -31.34 24.49 12.86
C ILE J 106 -32.74 23.87 12.91
N ASP J 107 -32.91 22.74 12.22
CA ASP J 107 -34.21 22.08 12.18
C ASP J 107 -34.70 21.70 13.58
N ARG J 108 -33.78 21.34 14.47
CA ARG J 108 -34.20 20.97 15.82
C ARG J 108 -34.81 22.15 16.57
N TYR J 109 -34.18 23.32 16.50
CA TYR J 109 -34.61 24.47 17.28
C TYR J 109 -35.60 25.34 16.52
N ALA J 110 -35.51 25.38 15.20
CA ALA J 110 -36.35 26.24 14.40
C ALA J 110 -37.82 25.91 14.58
N SER J 111 -38.63 26.95 14.73
CA SER J 111 -40.08 26.80 14.71
C SER J 111 -40.53 26.12 13.41
N GLU J 112 -41.62 25.36 13.51
CA GLU J 112 -42.13 24.64 12.36
C GLU J 112 -42.60 25.58 11.23
N ASN J 113 -42.99 26.81 11.55
CA ASN J 113 -43.46 27.72 10.51
C ASN J 113 -42.31 28.31 9.69
N VAL J 114 -41.07 28.23 10.17
CA VAL J 114 -39.93 28.64 9.37
C VAL J 114 -39.72 27.61 8.27
N ASN J 115 -39.63 28.07 7.03
CA ASN J 115 -39.41 27.16 5.92
C ASN J 115 -37.92 26.97 5.65
N LYS J 116 -37.59 25.80 5.13
CA LYS J 116 -36.21 25.36 4.97
C LYS J 116 -36.06 24.62 3.64
N LEU J 117 -34.90 24.79 3.00
CA LEU J 117 -34.57 24.11 1.75
C LEU J 117 -33.07 23.87 1.65
N LEU J 118 -32.71 22.65 1.32
CA LEU J 118 -31.33 22.30 1.06
C LEU J 118 -31.00 22.40 -0.42
N VAL J 119 -29.88 23.07 -0.73
CA VAL J 119 -29.46 23.28 -2.10
C VAL J 119 -28.00 22.87 -2.24
N GLY J 120 -27.73 21.87 -3.07
CA GLY J 120 -26.40 21.60 -3.56
C GLY J 120 -26.10 22.40 -4.80
N ASN J 121 -25.06 23.23 -4.76
CA ASN J 121 -24.69 24.09 -5.88
C ASN J 121 -23.43 23.56 -6.55
N LYS J 122 -23.39 23.66 -7.88
CA LYS J 122 -22.21 23.23 -8.65
C LYS J 122 -21.26 24.39 -8.90
N LYS J 129 -17.23 16.39 -8.85
CA LYS J 129 -18.59 16.30 -8.34
C LYS J 129 -18.77 15.06 -7.46
N VAL J 130 -18.61 15.24 -6.16
CA VAL J 130 -18.38 14.12 -5.24
C VAL J 130 -19.64 13.78 -4.45
N VAL J 131 -20.47 14.77 -4.14
CA VAL J 131 -21.63 14.55 -3.29
C VAL J 131 -22.80 14.09 -4.17
N ASP J 132 -23.25 12.85 -3.96
CA ASP J 132 -24.32 12.29 -4.76
C ASP J 132 -25.66 12.80 -4.26
N ASN J 133 -26.53 13.23 -5.19
CA ASN J 133 -27.77 13.90 -4.78
C ASN J 133 -28.66 12.97 -3.96
N THR J 134 -28.62 11.67 -4.25
CA THR J 134 -29.47 10.72 -3.54
C THR J 134 -29.11 10.64 -2.07
N THR J 135 -27.86 10.95 -1.72
CA THR J 135 -27.48 11.11 -0.32
C THR J 135 -28.13 12.33 0.30
N ALA J 136 -28.01 13.48 -0.37
CA ALA J 136 -28.62 14.71 0.13
C ALA J 136 -30.13 14.63 0.12
N LYS J 137 -30.70 14.11 -0.97
CA LYS J 137 -32.15 13.90 -1.05
C LYS J 137 -32.66 13.13 0.16
N GLU J 138 -32.02 12.01 0.49
CA GLU J 138 -32.49 11.19 1.60
C GLU J 138 -32.22 11.83 2.95
N PHE J 139 -31.14 12.61 3.07
CA PHE J 139 -30.95 13.39 4.29
C PHE J 139 -32.02 14.45 4.44
N ALA J 140 -32.34 15.15 3.34
CA ALA J 140 -33.39 16.17 3.39
C ALA J 140 -34.73 15.55 3.75
N ASP J 141 -35.08 14.43 3.11
CA ASP J 141 -36.31 13.73 3.42
C ASP J 141 -36.40 13.36 4.90
N SER J 142 -35.27 12.95 5.50
CA SER J 142 -35.30 12.48 6.89
C SER J 142 -35.78 13.57 7.86
N LEU J 143 -35.51 14.84 7.55
CA LEU J 143 -35.98 15.96 8.36
C LEU J 143 -37.20 16.65 7.77
N GLY J 144 -37.75 16.15 6.67
CA GLY J 144 -38.94 16.73 6.06
C GLY J 144 -38.70 18.05 5.37
N ILE J 145 -37.56 18.19 4.69
CA ILE J 145 -37.17 19.46 4.07
C ILE J 145 -37.00 19.24 2.57
N PRO J 146 -37.37 20.19 1.72
CA PRO J 146 -37.13 20.02 0.28
C PRO J 146 -35.66 20.12 -0.06
N PHE J 147 -35.30 19.49 -1.17
CA PHE J 147 -33.95 19.48 -1.68
C PHE J 147 -33.94 19.90 -3.14
N LEU J 148 -32.87 20.59 -3.54
CA LEU J 148 -32.69 21.04 -4.92
C LEU J 148 -31.21 21.18 -5.24
N GLU J 149 -30.79 20.55 -6.33
CA GLU J 149 -29.48 20.80 -6.89
C GLU J 149 -29.59 21.96 -7.87
N THR J 150 -28.63 22.88 -7.80
CA THR J 150 -28.61 24.04 -8.67
C THR J 150 -27.24 24.15 -9.32
N SER J 151 -27.22 24.75 -10.50
CA SER J 151 -26.00 25.23 -11.13
C SER J 151 -26.17 26.73 -11.31
N ALA J 152 -25.49 27.50 -10.46
CA ALA J 152 -25.60 28.95 -10.51
C ALA J 152 -25.17 29.50 -11.87
N LYS J 153 -24.05 29.00 -12.40
CA LYS J 153 -23.61 29.44 -13.72
C LYS J 153 -24.75 29.32 -14.73
N ASN J 154 -25.30 28.11 -14.87
CA ASN J 154 -26.41 27.92 -15.78
C ASN J 154 -27.68 28.58 -15.28
N ALA J 155 -27.75 28.92 -13.99
CA ALA J 155 -28.92 29.55 -13.39
C ALA J 155 -30.11 28.60 -13.40
N THR J 156 -29.81 27.30 -13.37
CA THR J 156 -30.82 26.25 -13.40
C THR J 156 -31.26 25.90 -11.99
N ASN J 157 -32.58 25.87 -11.79
CA ASN J 157 -33.22 25.50 -10.53
C ASN J 157 -33.12 26.61 -9.48
N VAL J 158 -32.55 27.76 -9.83
CA VAL J 158 -32.48 28.88 -8.89
C VAL J 158 -33.84 29.54 -8.72
N GLU J 159 -34.41 30.05 -9.81
CA GLU J 159 -35.68 30.77 -9.72
C GLU J 159 -36.74 29.92 -9.04
N GLN J 160 -36.84 28.65 -9.45
CA GLN J 160 -37.81 27.75 -8.85
C GLN J 160 -37.63 27.66 -7.34
N ALA J 161 -36.38 27.56 -6.88
CA ALA J 161 -36.12 27.44 -5.45
C ALA J 161 -36.76 28.57 -4.68
N PHE J 162 -36.50 29.82 -5.09
CA PHE J 162 -37.08 30.97 -4.39
C PHE J 162 -38.60 31.02 -4.55
N MET J 163 -39.10 30.76 -5.76
CA MET J 163 -40.54 30.88 -5.97
C MET J 163 -41.32 29.84 -5.18
N THR J 164 -40.84 28.59 -5.16
CA THR J 164 -41.49 27.58 -4.33
C THR J 164 -41.45 27.98 -2.86
N MET J 165 -40.27 28.33 -2.35
CA MET J 165 -40.15 28.79 -0.97
C MET J 165 -41.13 29.92 -0.69
N ALA J 166 -41.12 30.95 -1.53
CA ALA J 166 -42.01 32.09 -1.34
C ALA J 166 -43.48 31.65 -1.34
N ALA J 167 -43.83 30.71 -2.21
CA ALA J 167 -45.21 30.23 -2.23
C ALA J 167 -45.56 29.46 -0.97
N GLU J 168 -44.61 28.68 -0.44
CA GLU J 168 -44.84 27.98 0.82
C GLU J 168 -44.90 28.96 1.98
N ILE J 169 -44.15 30.06 1.90
CA ILE J 169 -44.21 31.07 2.95
C ILE J 169 -45.59 31.71 2.97
N LYS J 170 -46.08 32.10 1.80
CA LYS J 170 -47.36 32.80 1.70
C LYS J 170 -48.51 31.92 2.17
N LYS J 171 -48.59 30.69 1.68
CA LYS J 171 -49.72 29.85 2.05
C LYS J 171 -49.91 29.77 3.55
N ARG J 172 -48.82 29.82 4.32
CA ARG J 172 -48.93 29.74 5.76
C ARG J 172 -49.56 30.98 6.36
N MET J 173 -49.41 32.11 5.71
CA MET J 173 -49.91 33.33 6.26
C MET J 173 -51.34 33.64 5.78
N THR K 5 -12.92 24.55 -21.79
CA THR K 5 -12.71 25.88 -21.23
C THR K 5 -11.60 25.85 -20.18
N ARG K 6 -11.49 26.93 -19.41
CA ARG K 6 -10.34 27.11 -18.52
C ARG K 6 -10.43 26.20 -17.30
N ILE K 7 -11.63 25.99 -16.77
CA ILE K 7 -11.76 25.28 -15.49
C ILE K 7 -11.22 23.86 -15.58
N GLU K 8 -11.44 23.18 -16.71
CA GLU K 8 -10.97 21.80 -16.85
C GLU K 8 -9.53 21.70 -17.33
N ASN K 9 -9.05 22.70 -18.08
CA ASN K 9 -7.62 22.77 -18.34
C ASN K 9 -6.82 22.91 -17.05
N LEU K 10 -7.31 23.72 -16.11
CA LEU K 10 -6.63 23.87 -14.83
C LEU K 10 -6.63 22.55 -14.06
N GLU K 11 -7.73 21.79 -14.12
CA GLU K 11 -7.78 20.54 -13.38
C GLU K 11 -6.93 19.47 -14.06
N ASN K 12 -6.80 19.53 -15.39
CA ASN K 12 -5.87 18.63 -16.07
C ASN K 12 -4.43 18.95 -15.66
N ALA K 13 -4.11 20.25 -15.58
CA ALA K 13 -2.77 20.66 -15.15
C ALA K 13 -2.52 20.26 -13.70
N LYS K 14 -3.57 20.29 -12.86
CA LYS K 14 -3.43 19.87 -11.48
C LYS K 14 -2.99 18.40 -11.40
N LYS K 15 -3.63 17.54 -12.19
CA LYS K 15 -3.26 16.12 -12.17
C LYS K 15 -1.84 15.92 -12.69
N LEU K 16 -1.47 16.67 -13.74
CA LEU K 16 -0.11 16.60 -14.25
C LEU K 16 0.89 17.01 -13.18
N TRP K 17 0.54 18.02 -12.39
CA TRP K 17 1.39 18.42 -11.27
C TRP K 17 1.46 17.32 -10.23
N ASP K 18 0.31 16.73 -9.90
CA ASP K 18 0.28 15.57 -9.01
C ASP K 18 1.22 14.49 -9.51
N ASN K 19 1.10 14.12 -10.78
CA ASN K 19 1.97 13.10 -11.36
C ASN K 19 3.44 13.39 -11.09
N ALA K 20 3.86 14.63 -11.32
CA ALA K 20 5.25 15.00 -11.06
C ALA K 20 5.58 14.88 -9.57
N ASN K 21 4.66 15.29 -8.70
CA ASN K 21 4.89 15.23 -7.26
C ASN K 21 4.99 13.78 -6.77
N SER K 22 4.13 12.90 -7.26
CA SER K 22 4.24 11.48 -6.90
C SER K 22 5.53 10.87 -7.44
N MET K 23 5.87 11.18 -8.69
CA MET K 23 7.18 10.79 -9.21
C MET K 23 8.27 11.30 -8.30
N LEU K 24 8.05 12.47 -7.71
CA LEU K 24 9.02 13.08 -6.81
C LEU K 24 9.11 12.27 -5.52
N GLU K 25 7.96 11.90 -4.96
CA GLU K 25 7.90 11.10 -3.74
C GLU K 25 8.65 9.78 -3.87
N LYS K 26 8.65 9.19 -5.06
CA LYS K 26 9.28 7.90 -5.29
C LYS K 26 10.79 8.00 -5.54
N GLY K 27 11.36 9.20 -5.56
CA GLY K 27 12.77 9.35 -5.87
C GLY K 27 13.13 9.02 -7.30
N ASN K 28 12.14 8.93 -8.17
CA ASN K 28 12.36 8.66 -9.60
C ASN K 28 12.74 9.97 -10.27
N ILE K 29 14.04 10.20 -10.44
CA ILE K 29 14.52 11.48 -10.96
C ILE K 29 14.03 11.67 -12.40
N SER K 30 14.46 10.81 -13.31
CA SER K 30 14.07 10.95 -14.71
C SER K 30 12.56 11.02 -14.87
N GLY K 31 11.82 10.22 -14.10
CA GLY K 31 10.37 10.26 -14.20
C GLY K 31 9.79 11.57 -13.73
N TYR K 32 10.37 12.16 -12.68
CA TYR K 32 9.95 13.49 -12.26
C TYR K 32 10.20 14.52 -13.35
N LEU K 33 11.40 14.51 -13.93
CA LEU K 33 11.75 15.50 -14.95
C LEU K 33 10.82 15.40 -16.16
N LYS K 34 10.51 14.18 -16.60
CA LYS K 34 9.58 14.04 -17.71
C LYS K 34 8.19 14.54 -17.34
N ALA K 35 7.70 14.17 -16.15
CA ALA K 35 6.39 14.63 -15.74
C ALA K 35 6.35 16.15 -15.63
N ALA K 36 7.41 16.75 -15.12
CA ALA K 36 7.50 18.20 -15.09
C ALA K 36 7.54 18.78 -16.50
N ASN K 37 8.24 18.10 -17.41
CA ASN K 37 8.24 18.49 -18.81
C ASN K 37 6.82 18.48 -19.39
N GLU K 38 6.07 17.41 -19.13
CA GLU K 38 4.71 17.32 -19.65
C GLU K 38 3.87 18.47 -19.14
N LEU K 39 3.92 18.71 -17.83
CA LEU K 39 3.17 19.80 -17.24
C LEU K 39 3.53 21.13 -17.89
N HIS K 40 4.82 21.40 -18.04
CA HIS K 40 5.25 22.65 -18.66
C HIS K 40 4.74 22.76 -20.10
N LYS K 41 4.88 21.70 -20.88
CA LYS K 41 4.36 21.71 -22.26
C LYS K 41 2.88 22.01 -22.27
N PHE K 42 2.12 21.39 -21.36
CA PHE K 42 0.67 21.58 -21.34
C PHE K 42 0.30 23.03 -21.02
N MET K 43 0.90 23.60 -19.98
CA MET K 43 0.54 24.97 -19.60
C MET K 43 0.91 25.96 -20.69
N LYS K 44 2.01 25.72 -21.40
CA LYS K 44 2.38 26.60 -22.49
C LYS K 44 1.37 26.52 -23.64
N GLU K 45 0.88 25.31 -23.95
CA GLU K 45 0.02 25.16 -25.12
C GLU K 45 -1.40 25.69 -24.88
N LYS K 46 -1.94 25.51 -23.67
CA LYS K 46 -3.23 26.13 -23.34
C LYS K 46 -3.09 27.51 -22.69
N ASN K 47 -1.87 28.05 -22.59
CA ASN K 47 -1.66 29.45 -22.18
C ASN K 47 -2.01 29.71 -20.72
N LEU K 48 -1.67 28.77 -19.84
CA LEU K 48 -1.76 29.01 -18.41
C LEU K 48 -0.42 29.35 -17.80
N LYS K 49 -0.47 30.12 -16.73
CA LYS K 49 0.70 30.61 -16.04
C LYS K 49 0.73 30.05 -14.62
N GLU K 50 1.92 30.14 -14.02
CA GLU K 50 2.09 29.75 -12.62
C GLU K 50 0.95 30.23 -11.74
N ASP K 51 0.58 31.51 -11.89
CA ASP K 51 -0.42 32.13 -11.02
C ASP K 51 -1.78 31.47 -11.15
N ASP K 52 -2.14 31.00 -12.35
CA ASP K 52 -3.47 30.43 -12.56
C ASP K 52 -3.66 29.15 -11.76
N LEU K 53 -2.64 28.29 -11.73
CA LEU K 53 -2.77 26.99 -11.09
C LEU K 53 -2.53 27.02 -9.59
N ARG K 54 -1.66 27.92 -9.11
CA ARG K 54 -1.31 27.94 -7.70
C ARG K 54 -2.51 27.89 -6.77
N PRO K 55 -3.58 28.66 -7.01
CA PRO K 55 -4.77 28.51 -6.14
C PRO K 55 -5.30 27.08 -6.10
N GLU K 56 -5.28 26.36 -7.23
CA GLU K 56 -5.81 25.00 -7.23
C GLU K 56 -4.96 24.03 -6.43
N LEU K 57 -3.71 24.35 -6.10
CA LEU K 57 -2.85 23.42 -5.38
C LEU K 57 -2.80 23.71 -3.88
N SER K 58 -3.68 24.57 -3.37
CA SER K 58 -3.64 24.91 -1.95
C SER K 58 -3.70 23.66 -1.08
N ASP K 59 -4.57 22.71 -1.43
CA ASP K 59 -4.75 21.52 -0.61
C ASP K 59 -3.61 20.51 -0.74
N LYS K 60 -2.68 20.71 -1.66
CA LYS K 60 -1.59 19.76 -1.88
C LYS K 60 -0.30 20.26 -1.25
N THR K 61 0.69 19.39 -1.21
CA THR K 61 1.96 19.72 -0.58
C THR K 61 3.07 18.87 -1.18
N ILE K 62 4.26 19.46 -1.28
CA ILE K 62 5.49 18.73 -1.56
C ILE K 62 6.11 18.36 -0.23
N SER K 63 6.43 17.07 -0.06
CA SER K 63 6.92 16.60 1.23
C SER K 63 8.32 17.14 1.51
N PRO K 64 8.76 17.09 2.78
CA PRO K 64 10.19 17.36 3.06
C PRO K 64 11.11 16.49 2.26
N LYS K 65 10.73 15.24 2.00
CA LYS K 65 11.52 14.39 1.12
C LYS K 65 11.62 15.03 -0.26
N GLY K 66 10.48 15.47 -0.79
CA GLY K 66 10.48 16.03 -2.12
C GLY K 66 11.37 17.26 -2.25
N TYR K 67 11.27 18.18 -1.30
CA TYR K 67 12.14 19.35 -1.32
C TYR K 67 13.60 18.96 -1.20
N ALA K 68 13.90 17.87 -0.48
CA ALA K 68 15.28 17.40 -0.43
C ALA K 68 15.76 16.98 -1.80
N ILE K 69 14.92 16.27 -2.56
CA ILE K 69 15.32 15.83 -3.89
C ILE K 69 15.37 17.00 -4.86
N LEU K 70 14.46 17.97 -4.72
CA LEU K 70 14.50 19.14 -5.58
C LEU K 70 15.76 19.96 -5.33
N GLN K 71 16.16 20.09 -4.06
CA GLN K 71 17.37 20.82 -3.73
C GLN K 71 18.60 20.13 -4.32
N SER K 72 18.68 18.81 -4.16
CA SER K 72 19.78 18.06 -4.74
C SER K 72 19.81 18.24 -6.26
N LEU K 73 18.66 18.12 -6.90
CA LEU K 73 18.55 18.31 -8.34
C LEU K 73 18.96 19.73 -8.73
N TRP K 74 18.49 20.72 -7.96
CA TRP K 74 18.90 22.11 -8.20
C TRP K 74 20.41 22.23 -8.11
N GLY K 75 20.99 21.81 -6.99
CA GLY K 75 22.43 21.96 -6.82
C GLY K 75 23.22 21.27 -7.92
N ALA K 76 22.82 20.05 -8.28
CA ALA K 76 23.55 19.31 -9.30
C ALA K 76 23.43 19.96 -10.67
N ALA K 77 22.20 20.31 -11.05
CA ALA K 77 22.00 20.94 -12.36
C ALA K 77 22.73 22.27 -12.44
N SER K 78 22.68 23.06 -11.37
CA SER K 78 23.38 24.34 -11.35
C SER K 78 24.89 24.17 -11.50
N ASP K 79 25.48 23.18 -10.81
CA ASP K 79 26.92 22.96 -10.91
C ASP K 79 27.29 22.38 -12.27
N TYR K 80 26.44 21.50 -12.80
CA TYR K 80 26.70 20.87 -14.09
C TYR K 80 26.62 21.89 -15.22
N SER K 81 25.62 22.77 -15.19
CA SER K 81 25.50 23.80 -16.21
C SER K 81 26.79 24.59 -16.37
N ARG K 82 27.41 24.99 -15.25
CA ARG K 82 28.60 25.82 -15.33
C ARG K 82 29.84 25.00 -15.68
N ALA K 83 29.94 23.79 -15.15
CA ALA K 83 31.07 22.94 -15.46
C ALA K 83 31.10 22.59 -16.94
N ALA K 84 29.92 22.37 -17.52
CA ALA K 84 29.84 21.99 -18.93
C ALA K 84 30.18 23.15 -19.87
N ALA K 85 30.35 24.36 -19.35
CA ALA K 85 30.77 25.51 -20.15
C ALA K 85 32.29 25.54 -20.15
N THR K 86 32.89 25.15 -21.27
CA THR K 86 34.35 25.05 -21.39
C THR K 86 34.82 25.77 -22.64
N LEU K 87 36.14 25.76 -22.85
CA LEU K 87 36.74 26.34 -24.05
C LEU K 87 36.40 25.53 -25.29
N THR K 88 36.15 24.23 -25.14
CA THR K 88 35.72 23.43 -26.28
C THR K 88 34.34 23.87 -26.77
N GLU K 89 33.40 24.05 -25.84
CA GLU K 89 32.05 24.45 -26.19
C GLU K 89 31.38 24.96 -24.91
N SER K 90 30.60 26.03 -25.05
CA SER K 90 29.98 26.65 -23.88
C SER K 90 28.50 26.96 -24.08
N THR K 91 27.84 26.40 -25.08
CA THR K 91 26.47 26.78 -25.36
C THR K 91 25.46 25.66 -25.20
N VAL K 92 25.66 24.52 -25.87
CA VAL K 92 24.60 23.53 -25.94
C VAL K 92 24.43 22.79 -24.62
N GLU K 93 25.52 22.24 -24.07
CA GLU K 93 25.39 21.48 -22.83
C GLU K 93 24.92 22.37 -21.68
N PRO K 94 25.51 23.55 -21.46
CA PRO K 94 24.92 24.44 -20.44
C PRO K 94 23.47 24.78 -20.73
N GLY K 95 23.13 25.02 -21.99
CA GLY K 95 21.74 25.29 -22.33
C GLY K 95 20.81 24.16 -21.91
N LEU K 96 21.13 22.94 -22.32
CA LEU K 96 20.26 21.80 -21.99
C LEU K 96 20.13 21.62 -20.49
N VAL K 97 21.25 21.61 -19.76
CA VAL K 97 21.18 21.39 -18.32
C VAL K 97 20.46 22.54 -17.64
N SER K 98 20.75 23.77 -18.05
CA SER K 98 20.10 24.92 -17.44
C SER K 98 18.60 24.90 -17.67
N ALA K 99 18.15 24.37 -18.83
CA ALA K 99 16.72 24.27 -19.09
C ALA K 99 16.06 23.23 -18.20
N VAL K 100 16.78 22.16 -17.84
CA VAL K 100 16.27 21.20 -16.88
C VAL K 100 16.02 21.87 -15.53
N ASN K 101 17.00 22.65 -15.06
CA ASN K 101 16.86 23.34 -13.78
C ASN K 101 15.63 24.23 -13.80
N LYS K 102 15.45 24.96 -14.90
CA LYS K 102 14.31 25.86 -15.04
C LYS K 102 13.00 25.10 -14.95
N MET K 103 12.94 23.97 -15.64
CA MET K 103 11.74 23.15 -15.64
C MET K 103 11.36 22.72 -14.22
N SER K 104 12.36 22.40 -13.40
CA SER K 104 12.09 22.04 -12.01
C SER K 104 11.68 23.25 -11.20
N ALA K 105 12.26 24.42 -11.49
CA ALA K 105 11.83 25.65 -10.84
C ALA K 105 10.39 25.97 -11.18
N PHE K 106 9.95 25.64 -12.40
CA PHE K 106 8.59 25.90 -12.81
C PHE K 106 7.60 25.07 -11.99
N PHE K 107 7.92 23.80 -11.78
CA PHE K 107 7.10 22.94 -10.93
C PHE K 107 6.89 23.56 -9.56
N MET K 108 7.96 24.06 -8.94
CA MET K 108 7.83 24.67 -7.62
C MET K 108 7.03 25.96 -7.69
N ASP K 109 7.20 26.74 -8.76
CA ASP K 109 6.48 28.02 -8.87
C ASP K 109 4.99 27.81 -9.04
N CYS K 110 4.59 26.71 -9.67
CA CYS K 110 3.18 26.38 -9.74
C CYS K 110 2.58 26.22 -8.35
N LYS K 111 3.40 25.85 -7.37
CA LYS K 111 2.92 25.57 -6.01
C LYS K 111 3.20 26.69 -5.01
N LEU K 112 4.29 27.44 -5.18
CA LEU K 112 4.79 28.33 -4.15
C LEU K 112 4.71 29.80 -4.54
N SER K 113 4.45 30.66 -3.54
CA SER K 113 4.51 32.10 -3.72
C SER K 113 5.96 32.54 -3.91
N PRO K 114 6.17 33.73 -4.44
CA PRO K 114 7.54 34.21 -4.67
C PRO K 114 8.28 34.35 -3.35
N ASN K 115 9.50 33.81 -3.31
CA ASN K 115 10.41 33.88 -2.18
C ASN K 115 9.98 33.07 -0.96
N GLU K 116 8.97 32.20 -1.07
CA GLU K 116 8.76 31.24 0.01
C GLU K 116 9.84 30.18 -0.07
N ARG K 117 10.51 29.96 1.04
CA ARG K 117 11.61 29.00 1.06
C ARG K 117 11.10 27.58 1.06
N ALA K 118 11.92 26.71 0.48
CA ALA K 118 11.70 25.29 0.58
C ALA K 118 12.19 24.82 1.94
N THR K 119 11.47 23.84 2.50
CA THR K 119 11.81 23.17 3.76
C THR K 119 12.19 21.74 3.43
N PRO K 120 13.45 21.49 3.03
CA PRO K 120 13.87 20.13 2.73
C PRO K 120 14.20 19.34 3.97
N ASP K 121 14.04 18.03 3.86
CA ASP K 121 14.45 17.14 4.94
C ASP K 121 15.97 17.08 4.88
N PRO K 122 16.68 17.66 5.87
CA PRO K 122 18.15 17.70 5.77
C PRO K 122 18.78 16.33 5.71
N ASP K 123 18.16 15.35 6.34
CA ASP K 123 18.75 14.03 6.52
C ASP K 123 18.45 13.08 5.35
N PHE K 124 17.75 13.55 4.32
CA PHE K 124 17.52 12.76 3.13
C PHE K 124 18.43 13.26 2.01
N LYS K 125 19.32 12.39 1.54
CA LYS K 125 20.21 12.70 0.44
C LYS K 125 20.08 11.64 -0.64
N VAL K 126 19.79 12.07 -1.86
CA VAL K 126 20.08 11.27 -3.04
C VAL K 126 21.52 11.54 -3.45
N GLY K 127 22.26 10.49 -3.79
CA GLY K 127 23.64 10.68 -4.17
C GLY K 127 23.74 11.55 -5.42
N LYS K 128 24.77 12.40 -5.45
CA LYS K 128 24.92 13.31 -6.58
C LYS K 128 25.05 12.55 -7.89
N SER K 129 25.69 11.39 -7.86
CA SER K 129 25.88 10.63 -9.10
C SER K 129 24.55 10.10 -9.64
N LYS K 130 23.58 9.82 -8.76
CA LYS K 130 22.27 9.34 -9.20
C LYS K 130 21.47 10.47 -9.86
N ILE K 131 21.56 11.67 -9.30
CA ILE K 131 20.91 12.84 -9.88
C ILE K 131 21.47 13.14 -11.26
N LEU K 132 22.80 13.16 -11.37
CA LEU K 132 23.41 13.54 -12.65
C LEU K 132 23.02 12.57 -13.74
N VAL K 133 23.00 11.28 -13.45
CA VAL K 133 22.54 10.30 -14.43
C VAL K 133 21.09 10.60 -14.81
N GLY K 134 20.24 10.82 -13.80
CA GLY K 134 18.84 11.14 -14.07
C GLY K 134 18.69 12.35 -14.97
N ILE K 135 19.52 13.37 -14.77
CA ILE K 135 19.50 14.54 -15.65
C ILE K 135 19.94 14.15 -17.05
N MET K 136 21.01 13.37 -17.15
CA MET K 136 21.55 13.02 -18.46
C MET K 136 20.59 12.13 -19.25
N GLN K 137 19.97 11.13 -18.61
CA GLN K 137 19.02 10.33 -19.38
C GLN K 137 17.81 11.17 -19.79
N PHE K 138 17.40 12.15 -18.98
CA PHE K 138 16.34 13.04 -19.42
C PHE K 138 16.77 13.90 -20.60
N ILE K 139 17.98 14.43 -20.56
CA ILE K 139 18.48 15.22 -21.69
C ILE K 139 18.56 14.35 -22.93
N LYS K 140 19.12 13.15 -22.79
CA LYS K 140 19.15 12.20 -23.89
C LYS K 140 17.79 12.07 -24.58
N ASP K 141 16.71 12.00 -23.79
CA ASP K 141 15.39 11.69 -24.35
C ASP K 141 14.65 12.92 -24.86
N VAL K 142 15.06 14.13 -24.47
CA VAL K 142 14.46 15.35 -25.01
C VAL K 142 15.30 15.95 -26.15
N ALA K 143 16.60 15.69 -26.17
CA ALA K 143 17.47 16.32 -27.17
C ALA K 143 17.02 15.96 -28.58
N ASP K 144 17.06 16.94 -29.46
CA ASP K 144 16.79 16.70 -30.87
C ASP K 144 17.77 15.64 -31.39
N PRO K 145 17.31 14.71 -32.23
CA PRO K 145 18.24 13.68 -32.74
C PRO K 145 19.44 14.23 -33.50
N THR K 146 19.37 15.44 -34.05
CA THR K 146 20.50 16.03 -34.75
C THR K 146 21.32 16.97 -33.86
N SER K 147 20.91 17.14 -32.61
CA SER K 147 21.65 18.00 -31.69
C SER K 147 23.08 17.47 -31.53
N LYS K 148 24.01 18.39 -31.31
CA LYS K 148 25.41 18.06 -31.13
C LYS K 148 26.00 18.87 -29.98
N ILE K 149 26.87 18.24 -29.22
CA ILE K 149 27.72 18.93 -28.25
C ILE K 149 29.13 18.89 -28.83
N TRP K 150 29.63 20.05 -29.26
CA TRP K 150 30.89 20.14 -29.99
C TRP K 150 30.73 19.30 -31.25
N MET K 151 31.51 18.24 -31.45
CA MET K 151 31.38 17.42 -32.63
C MET K 151 30.66 16.10 -32.37
N HIS K 152 30.20 15.86 -31.14
CA HIS K 152 29.54 14.62 -30.80
C HIS K 152 28.03 14.79 -30.89
N ASN K 153 27.34 13.73 -31.30
CA ASN K 153 25.89 13.70 -31.18
C ASN K 153 25.52 13.71 -29.69
N THR K 154 24.51 14.53 -29.36
CA THR K 154 24.20 14.81 -27.96
C THR K 154 23.70 13.57 -27.24
N LYS K 155 22.73 12.86 -27.82
CA LYS K 155 22.27 11.61 -27.22
C LYS K 155 23.45 10.68 -26.94
N ALA K 156 24.34 10.51 -27.92
CA ALA K 156 25.45 9.57 -27.75
C ALA K 156 26.42 10.04 -26.66
N LEU K 157 26.69 11.34 -26.59
CA LEU K 157 27.58 11.85 -25.54
C LEU K 157 26.98 11.65 -24.15
N MET K 158 25.65 11.79 -24.03
CA MET K 158 25.01 11.56 -22.74
C MET K 158 25.19 10.11 -22.30
N ASN K 159 24.98 9.17 -23.23
CA ASN K 159 25.24 7.78 -22.92
C ASN K 159 26.67 7.59 -22.45
N HIS K 160 27.62 8.22 -23.11
CA HIS K 160 29.02 8.08 -22.72
C HIS K 160 29.24 8.60 -21.30
N LYS K 161 28.64 9.75 -20.97
CA LYS K 161 28.82 10.32 -19.64
C LYS K 161 28.12 9.49 -18.58
N ILE K 162 26.91 9.01 -18.87
CA ILE K 162 26.23 8.09 -17.96
C ILE K 162 27.13 6.89 -17.67
N ALA K 163 27.67 6.29 -18.72
CA ALA K 163 28.53 5.12 -18.55
C ALA K 163 29.80 5.50 -17.79
N ALA K 164 30.32 6.71 -18.02
CA ALA K 164 31.47 7.16 -17.26
C ALA K 164 31.15 7.25 -15.77
N ILE K 165 30.02 7.86 -15.43
CA ILE K 165 29.64 7.98 -14.02
C ILE K 165 29.46 6.60 -13.41
N GLN K 166 28.80 5.69 -14.13
CA GLN K 166 28.59 4.34 -13.61
C GLN K 166 29.92 3.61 -13.41
N LYS K 167 30.91 3.89 -14.24
CA LYS K 167 32.23 3.27 -14.08
C LYS K 167 32.93 3.79 -12.82
N LEU K 168 32.69 5.05 -12.47
CA LEU K 168 33.19 5.58 -11.21
C LEU K 168 32.49 4.93 -10.02
N GLU K 169 31.17 4.70 -10.13
CA GLU K 169 30.46 4.03 -9.05
C GLU K 169 30.99 2.62 -8.84
N ARG K 170 31.17 1.87 -9.93
CA ARG K 170 31.73 0.53 -9.82
C ARG K 170 33.11 0.55 -9.17
N SER K 171 33.98 1.45 -9.63
CA SER K 171 35.34 1.56 -9.12
C SER K 171 35.42 2.26 -7.77
N ASN K 172 34.28 2.64 -7.19
CA ASN K 172 34.25 3.29 -5.87
C ASN K 172 35.13 4.54 -5.87
N ASN K 173 35.08 5.30 -6.96
CA ASN K 173 35.92 6.49 -7.12
C ASN K 173 35.05 7.69 -7.49
N VAL K 174 33.97 7.90 -6.74
CA VAL K 174 33.05 9.01 -6.97
C VAL K 174 33.34 10.09 -5.94
N ASN K 175 33.79 11.24 -6.45
CA ASN K 175 34.04 12.43 -5.66
C ASN K 175 33.80 13.62 -6.59
N CYS K 176 33.90 14.83 -6.03
CA CYS K 176 33.63 16.02 -6.80
C CYS K 176 34.60 16.19 -7.97
N GLU K 177 35.89 15.91 -7.74
CA GLU K 177 36.88 16.06 -8.80
C GLU K 177 36.58 15.16 -9.98
N THR K 178 36.39 13.86 -9.72
CA THR K 178 36.14 12.92 -10.81
C THR K 178 34.78 13.15 -11.46
N LEU K 179 33.81 13.65 -10.71
CA LEU K 179 32.53 14.01 -11.31
C LEU K 179 32.64 15.25 -12.18
N GLU K 180 33.37 16.27 -11.71
CA GLU K 180 33.56 17.47 -12.52
C GLU K 180 34.22 17.10 -13.85
N SER K 181 35.19 16.20 -13.81
CA SER K 181 35.86 15.77 -15.04
C SER K 181 34.85 15.27 -16.06
N VAL K 182 33.87 14.47 -15.62
CA VAL K 182 32.86 13.96 -16.53
C VAL K 182 31.97 15.09 -17.02
N LEU K 183 31.58 16.01 -16.14
CA LEU K 183 30.62 17.04 -16.51
C LEU K 183 31.25 18.06 -17.45
N SER K 184 32.53 18.38 -17.25
CA SER K 184 33.24 19.30 -18.13
C SER K 184 33.68 18.64 -19.44
N SER K 185 33.74 17.31 -19.47
CA SER K 185 34.25 16.63 -20.66
C SER K 185 33.35 16.89 -21.86
N LYS K 186 33.97 17.01 -23.03
CA LYS K 186 33.28 17.02 -24.31
C LYS K 186 33.76 15.85 -25.16
N GLY K 187 34.19 14.77 -24.51
CA GLY K 187 34.69 13.60 -25.20
C GLY K 187 35.91 13.89 -26.06
N GLU K 188 36.78 14.79 -25.61
CA GLU K 188 37.95 15.14 -26.40
C GLU K 188 38.92 13.98 -26.50
N ASN K 189 38.93 13.10 -25.50
CA ASN K 189 39.87 11.98 -25.44
C ASN K 189 39.23 10.68 -25.90
N LEU K 190 38.10 10.75 -26.58
CA LEU K 190 37.54 9.57 -27.24
C LEU K 190 38.26 9.33 -28.57
N SER K 191 37.96 8.19 -29.18
CA SER K 191 38.55 7.81 -30.45
C SER K 191 37.60 7.98 -31.63
N GLU K 192 36.37 8.43 -31.39
CA GLU K 192 35.42 8.67 -32.48
C GLU K 192 34.63 9.93 -32.14
N TYR K 193 34.19 10.62 -33.19
CA TYR K 193 33.07 11.52 -33.05
C TYR K 193 31.80 10.69 -33.08
N LEU K 194 30.99 10.83 -32.03
CA LEU K 194 29.90 9.90 -31.81
C LEU K 194 28.73 10.20 -32.74
N SER K 195 27.77 9.27 -32.79
CA SER K 195 26.59 9.40 -33.64
C SER K 195 25.60 8.26 -33.38
N GLU L 4 35.69 32.95 -31.66
CA GLU L 4 36.60 32.60 -30.57
C GLU L 4 36.68 33.77 -29.60
N TYR L 5 37.36 33.54 -28.48
CA TYR L 5 37.55 34.53 -27.42
C TYR L 5 38.83 34.19 -26.69
N ASP L 6 39.32 35.12 -25.87
CA ASP L 6 40.54 34.85 -25.10
C ASP L 6 40.26 34.30 -23.71
N TYR L 7 39.17 34.71 -23.09
CA TYR L 7 38.82 34.28 -21.75
C TYR L 7 37.35 33.89 -21.75
N LEU L 8 36.99 32.99 -20.83
CA LEU L 8 35.61 32.63 -20.58
C LEU L 8 35.40 32.75 -19.08
N PHE L 9 34.71 33.79 -18.64
CA PHE L 9 34.39 33.99 -17.23
C PHE L 9 32.96 33.57 -16.95
N LYS L 10 32.74 32.99 -15.78
CA LYS L 10 31.42 32.52 -15.37
C LYS L 10 30.99 33.34 -14.18
N LEU L 11 29.84 34.01 -14.29
CA LEU L 11 29.35 34.94 -13.29
C LEU L 11 28.02 34.42 -12.77
N LEU L 12 27.77 34.61 -11.48
CA LEU L 12 26.48 34.33 -10.88
C LEU L 12 25.80 35.63 -10.49
N LEU L 13 24.50 35.69 -10.73
CA LEU L 13 23.68 36.83 -10.33
C LEU L 13 22.73 36.32 -9.25
N ILE L 14 22.98 36.71 -8.00
CA ILE L 14 22.23 36.20 -6.87
C ILE L 14 21.42 37.34 -6.24
N GLY L 15 20.36 36.97 -5.57
CA GLY L 15 19.44 37.93 -4.97
C GLY L 15 18.02 37.39 -5.05
N ASP L 16 17.18 37.80 -4.10
CA ASP L 16 15.81 37.31 -4.12
C ASP L 16 15.08 37.84 -5.35
N SER L 17 13.96 37.19 -5.66
CA SER L 17 13.11 37.63 -6.75
C SER L 17 12.44 38.96 -6.43
N GLY L 18 12.17 39.73 -7.50
CA GLY L 18 11.59 41.05 -7.38
C GLY L 18 12.61 42.17 -7.33
N VAL L 19 13.90 41.82 -7.19
CA VAL L 19 14.94 42.84 -7.05
C VAL L 19 15.47 43.35 -8.39
N GLY L 20 15.28 42.59 -9.47
CA GLY L 20 15.64 43.03 -10.80
C GLY L 20 16.78 42.29 -11.52
N LYS L 21 17.08 41.05 -11.13
CA LYS L 21 18.17 40.33 -11.78
C LYS L 21 17.89 40.12 -13.26
N SER L 22 16.64 39.75 -13.60
CA SER L 22 16.30 39.54 -15.01
C SER L 22 16.52 40.81 -15.83
N CYS L 23 16.08 41.95 -15.31
CA CYS L 23 16.26 43.21 -16.04
C CYS L 23 17.73 43.58 -16.15
N LEU L 24 18.52 43.32 -15.11
CA LEU L 24 19.96 43.55 -15.20
C LEU L 24 20.58 42.75 -16.33
N LEU L 25 20.11 41.52 -16.53
CA LEU L 25 20.72 40.63 -17.50
C LEU L 25 20.34 40.98 -18.94
N LEU L 26 19.05 41.14 -19.21
CA LEU L 26 18.63 41.49 -20.57
C LEU L 26 19.18 42.85 -20.98
N ARG L 27 19.34 43.75 -20.03
CA ARG L 27 19.90 45.06 -20.32
C ARG L 27 21.41 44.95 -20.57
N ILE L 38 14.49 23.31 -25.80
CA ILE L 38 15.27 24.48 -25.38
C ILE L 38 14.41 25.74 -25.45
N SER L 39 13.76 25.96 -26.58
CA SER L 39 12.99 27.17 -26.80
C SER L 39 11.65 27.13 -26.08
N THR L 40 11.13 25.93 -25.84
CA THR L 40 9.88 25.82 -25.07
C THR L 40 10.05 26.31 -23.64
N ILE L 41 11.26 26.21 -23.08
CA ILE L 41 11.47 26.52 -21.67
C ILE L 41 12.54 27.60 -21.50
N GLY L 42 13.49 27.67 -22.41
CA GLY L 42 14.53 28.68 -22.32
C GLY L 42 15.67 28.24 -21.42
N VAL L 43 16.58 29.19 -21.17
CA VAL L 43 17.82 28.94 -20.45
C VAL L 43 17.95 29.95 -19.32
N ASP L 44 18.85 29.66 -18.40
CA ASP L 44 19.06 30.45 -17.20
C ASP L 44 20.22 31.43 -17.29
N PHE L 45 20.94 31.47 -18.42
CA PHE L 45 22.09 32.35 -18.57
C PHE L 45 21.95 33.22 -19.82
N LYS L 46 22.79 34.25 -19.89
CA LYS L 46 22.98 35.06 -21.09
C LYS L 46 24.46 35.31 -21.27
N ILE L 47 24.87 35.56 -22.52
CA ILE L 47 26.28 35.73 -22.85
C ILE L 47 26.49 37.10 -23.48
N ARG L 48 27.59 37.75 -23.14
CA ARG L 48 28.02 38.93 -23.87
C ARG L 48 29.54 39.00 -23.90
N THR L 49 30.08 39.22 -25.08
CA THR L 49 31.51 39.43 -25.27
C THR L 49 31.89 40.88 -25.01
N ILE L 50 33.07 41.07 -24.43
CA ILE L 50 33.60 42.40 -24.17
C ILE L 50 35.08 42.39 -24.53
N GLU L 51 35.68 43.57 -24.55
CA GLU L 51 37.11 43.72 -24.80
C GLU L 51 37.73 44.43 -23.62
N LEU L 52 38.79 43.83 -23.09
CA LEU L 52 39.47 44.40 -21.93
C LEU L 52 40.95 44.11 -22.08
N ASP L 53 41.77 45.16 -22.11
CA ASP L 53 43.22 45.04 -22.31
C ASP L 53 43.54 44.30 -23.61
N GLY L 54 42.80 44.61 -24.66
CA GLY L 54 43.04 43.99 -25.94
C GLY L 54 42.68 42.53 -26.03
N LYS L 55 42.08 41.96 -24.99
CA LYS L 55 41.68 40.57 -24.97
C LYS L 55 40.17 40.46 -25.03
N THR L 56 39.68 39.54 -25.84
CA THR L 56 38.25 39.28 -25.92
C THR L 56 37.84 38.37 -24.77
N ILE L 57 36.81 38.79 -24.02
CA ILE L 57 36.32 38.05 -22.87
C ILE L 57 34.86 37.73 -23.13
N LYS L 58 34.52 36.45 -23.07
CA LYS L 58 33.13 36.03 -23.08
C LYS L 58 32.63 35.90 -21.65
N LEU L 59 31.63 36.69 -21.30
CA LEU L 59 30.99 36.60 -20.00
C LEU L 59 29.74 35.73 -20.13
N GLN L 60 29.68 34.67 -19.32
CA GLN L 60 28.51 33.79 -19.28
C GLN L 60 27.91 33.90 -17.88
N ILE L 61 26.71 34.46 -17.81
CA ILE L 61 26.12 34.92 -16.56
C ILE L 61 24.88 34.09 -16.26
N TRP L 62 24.81 33.54 -15.06
CA TRP L 62 23.68 32.73 -14.64
C TRP L 62 22.83 33.53 -13.66
N ASP L 63 21.52 33.50 -13.90
CA ASP L 63 20.53 34.03 -12.95
C ASP L 63 19.77 32.81 -12.46
N THR L 64 20.44 32.03 -11.61
CA THR L 64 20.00 30.67 -11.34
C THR L 64 18.55 30.62 -10.89
N ALA L 65 17.76 29.85 -11.61
CA ALA L 65 16.36 29.67 -11.28
C ALA L 65 16.20 28.81 -10.04
N GLY L 66 15.26 29.20 -9.19
CA GLY L 66 14.99 28.48 -7.97
C GLY L 66 15.91 28.79 -6.81
N GLN L 67 16.91 29.66 -7.01
CA GLN L 67 17.81 29.99 -5.91
C GLN L 67 17.05 30.55 -4.71
N GLU L 68 15.97 31.28 -4.96
CA GLU L 68 15.17 31.84 -3.87
C GLU L 68 14.66 30.78 -2.91
N ARG L 69 14.54 29.53 -3.37
CA ARG L 69 14.00 28.46 -2.53
C ARG L 69 15.03 27.90 -1.56
N PHE L 70 16.33 27.99 -1.90
CA PHE L 70 17.38 27.24 -1.20
C PHE L 70 18.47 28.20 -0.73
N ARG L 71 18.25 28.86 0.40
CA ARG L 71 19.21 29.84 0.93
C ARG L 71 19.99 29.21 2.09
N THR L 72 20.94 28.36 1.74
CA THR L 72 21.83 27.74 2.73
C THR L 72 22.72 26.69 2.09
N TYR L 78 28.48 27.10 -5.08
CA TYR L 78 28.69 28.20 -6.02
C TYR L 78 30.11 28.22 -6.57
N GLY L 80 33.17 26.97 -9.02
CA GLY L 80 33.10 26.79 -10.45
C GLY L 80 32.59 28.05 -11.10
N ALA L 81 32.62 29.15 -10.34
CA ALA L 81 32.21 30.45 -10.83
C ALA L 81 33.34 31.41 -10.50
N HIS L 82 33.68 32.26 -11.45
CA HIS L 82 34.75 33.21 -11.23
C HIS L 82 34.26 34.43 -10.45
N GLY L 83 32.98 34.73 -10.57
CA GLY L 83 32.43 35.91 -9.94
C GLY L 83 31.01 35.75 -9.45
N ILE L 84 30.69 36.47 -8.39
CA ILE L 84 29.34 36.50 -7.83
C ILE L 84 28.92 37.96 -7.69
N ILE L 85 27.76 38.30 -8.26
CA ILE L 85 27.23 39.65 -8.22
C ILE L 85 25.98 39.62 -7.36
N VAL L 86 26.01 40.40 -6.28
CA VAL L 86 24.96 40.40 -5.26
C VAL L 86 24.06 41.61 -5.49
N VAL L 87 22.76 41.36 -5.64
CA VAL L 87 21.80 42.39 -6.03
C VAL L 87 20.74 42.51 -4.94
N TYR L 88 20.55 43.72 -4.44
CA TYR L 88 19.43 44.03 -3.56
C TYR L 88 18.59 45.14 -4.15
N ASP L 89 17.36 45.26 -3.66
CA ASP L 89 16.43 46.28 -4.11
C ASP L 89 16.62 47.50 -3.25
N VAL L 90 17.01 48.59 -3.87
CA VAL L 90 17.34 49.77 -3.10
C VAL L 90 16.12 50.31 -2.38
N THR L 91 14.91 50.01 -2.85
CA THR L 91 13.68 50.47 -2.22
C THR L 91 13.13 49.50 -1.19
N ASP L 92 13.91 48.51 -0.77
CA ASP L 92 13.43 47.48 0.14
C ASP L 92 14.57 47.06 1.05
N GLN L 93 14.40 47.29 2.35
CA GLN L 93 15.44 46.96 3.33
C GLN L 93 15.59 45.46 3.51
N GLU L 94 14.47 44.72 3.43
CA GLU L 94 14.52 43.28 3.64
C GLU L 94 15.45 42.60 2.64
N SER L 95 15.44 43.04 1.39
CA SER L 95 16.30 42.43 0.39
C SER L 95 17.76 42.75 0.65
N TYR L 96 18.04 43.95 1.19
CA TYR L 96 19.40 44.28 1.57
C TYR L 96 19.84 43.47 2.78
N ALA L 97 18.98 43.35 3.79
CA ALA L 97 19.30 42.56 4.96
C ALA L 97 19.53 41.09 4.62
N ASN L 98 18.82 40.56 3.61
CA ASN L 98 19.00 39.17 3.22
C ASN L 98 20.35 38.97 2.54
N VAL L 99 20.68 39.87 1.61
CA VAL L 99 21.90 39.77 0.82
C VAL L 99 23.12 39.86 1.72
N LYS L 100 23.08 40.77 2.69
CA LYS L 100 24.14 40.88 3.68
C LYS L 100 24.31 39.56 4.42
N GLN L 101 23.19 38.93 4.82
CA GLN L 101 23.22 37.61 5.44
C GLN L 101 23.93 36.59 4.55
N TRP L 102 23.50 36.47 3.29
CA TRP L 102 24.06 35.45 2.41
C TRP L 102 25.50 35.79 2.06
N LEU L 103 25.77 37.07 1.82
CA LEU L 103 27.11 37.49 1.46
C LEU L 103 28.12 37.16 2.55
N GLN L 104 27.72 37.35 3.82
CA GLN L 104 28.61 36.97 4.91
C GLN L 104 28.88 35.48 4.92
N GLU L 105 27.89 34.67 4.54
CA GLU L 105 28.06 33.22 4.64
C GLU L 105 28.97 32.68 3.54
N ILE L 106 28.78 33.16 2.30
CA ILE L 106 29.69 32.79 1.22
C ILE L 106 31.09 33.31 1.53
N ASP L 107 31.19 34.57 1.99
CA ASP L 107 32.49 35.15 2.27
C ASP L 107 33.31 34.24 3.17
N ARG L 108 32.63 33.45 4.00
CA ARG L 108 33.30 32.52 4.89
C ARG L 108 33.70 31.21 4.19
N TYR L 109 32.84 30.68 3.31
CA TYR L 109 33.08 29.39 2.70
C TYR L 109 33.73 29.48 1.32
N ALA L 110 33.42 30.50 0.54
CA ALA L 110 33.95 30.61 -0.81
C ALA L 110 35.47 30.69 -0.80
N SER L 111 36.11 29.95 -1.71
CA SER L 111 37.54 30.10 -1.91
C SER L 111 37.87 31.55 -2.23
N GLU L 112 39.07 31.98 -1.83
CA GLU L 112 39.41 33.40 -1.89
C GLU L 112 39.39 33.92 -3.32
N ASN L 113 39.64 33.04 -4.29
CA ASN L 113 39.70 33.45 -5.69
C ASN L 113 38.37 33.91 -6.27
N VAL L 114 37.24 33.59 -5.64
CA VAL L 114 35.97 34.07 -6.18
C VAL L 114 35.83 35.57 -5.90
N ASN L 115 35.52 36.34 -6.94
CA ASN L 115 35.37 37.79 -6.83
C ASN L 115 33.92 38.18 -6.63
N LYS L 116 33.74 39.37 -6.04
CA LYS L 116 32.44 39.79 -5.52
C LYS L 116 32.17 41.24 -5.89
N LEU L 117 30.88 41.56 -6.08
CA LEU L 117 30.39 42.92 -6.32
C LEU L 117 28.99 43.03 -5.73
N LEU L 118 28.75 44.07 -4.94
CA LEU L 118 27.42 44.39 -4.41
C LEU L 118 26.71 45.38 -5.34
N VAL L 119 25.45 45.10 -5.67
CA VAL L 119 24.67 45.95 -6.57
C VAL L 119 23.34 46.29 -5.92
N GLY L 120 23.10 47.58 -5.67
CA GLY L 120 21.78 48.07 -5.40
C GLY L 120 21.06 48.44 -6.67
N ASN L 121 19.92 47.82 -6.96
CA ASN L 121 19.18 48.07 -8.20
C ASN L 121 17.92 48.87 -7.94
N LYS L 122 17.49 49.61 -8.96
CA LYS L 122 16.29 50.44 -8.96
C LYS L 122 16.60 51.82 -8.40
N SER L 123 17.82 52.30 -8.64
CA SER L 123 18.29 53.56 -8.06
C SER L 123 17.48 54.75 -8.53
N ASP L 124 16.78 54.65 -9.66
CA ASP L 124 15.98 55.78 -10.16
C ASP L 124 14.77 56.07 -9.29
N LEU L 125 14.39 55.15 -8.41
CA LEU L 125 13.25 55.38 -7.53
C LEU L 125 13.68 56.12 -6.27
N LYS L 129 14.06 55.35 -2.01
CA LYS L 129 15.34 54.74 -1.68
C LYS L 129 15.47 54.53 -0.17
N VAL L 130 14.95 53.40 0.32
CA VAL L 130 14.97 53.15 1.76
C VAL L 130 16.39 52.92 2.27
N VAL L 131 17.20 52.15 1.55
CA VAL L 131 18.55 51.83 2.02
C VAL L 131 19.54 52.82 1.43
N ASP L 132 20.21 53.56 2.31
CA ASP L 132 21.12 54.62 1.87
C ASP L 132 22.42 54.01 1.34
N ASN L 133 22.91 54.56 0.22
CA ASN L 133 24.00 53.90 -0.49
C ASN L 133 25.27 53.82 0.35
N THR L 134 25.59 54.84 1.12
CA THR L 134 26.83 54.71 1.88
C THR L 134 26.70 53.78 3.09
N THR L 135 25.49 53.41 3.53
CA THR L 135 25.40 52.24 4.39
C THR L 135 25.84 50.99 3.62
N ALA L 136 25.38 50.85 2.37
CA ALA L 136 25.86 49.77 1.50
C ALA L 136 27.33 49.97 1.14
N LYS L 137 27.73 51.20 0.81
CA LYS L 137 29.15 51.52 0.58
C LYS L 137 30.01 51.04 1.73
N GLU L 138 29.63 51.40 2.95
CA GLU L 138 30.44 51.02 4.11
C GLU L 138 30.54 49.51 4.22
N PHE L 139 29.40 48.83 4.07
CA PHE L 139 29.41 47.37 4.21
C PHE L 139 30.29 46.73 3.14
N ALA L 140 30.19 47.19 1.90
CA ALA L 140 31.05 46.67 0.84
C ALA L 140 32.52 46.91 1.16
N ASP L 141 32.85 48.12 1.61
CA ASP L 141 34.21 48.42 2.02
C ASP L 141 34.68 47.49 3.12
N SER L 142 33.81 47.17 4.08
CA SER L 142 34.21 46.33 5.20
C SER L 142 34.65 44.94 4.73
N LEU L 143 34.11 44.46 3.61
CA LEU L 143 34.51 43.19 3.02
C LEU L 143 35.48 43.33 1.86
N GLY L 144 35.92 44.54 1.54
CA GLY L 144 36.86 44.73 0.45
C GLY L 144 36.29 44.46 -0.92
N ILE L 145 35.02 44.81 -1.12
CA ILE L 145 34.32 44.49 -2.37
C ILE L 145 33.83 45.75 -3.07
N PRO L 146 33.77 45.79 -4.40
CA PRO L 146 33.18 46.96 -5.06
C PRO L 146 31.69 47.06 -4.85
N PHE L 147 31.20 48.30 -4.89
CA PHE L 147 29.78 48.59 -4.76
C PHE L 147 29.34 49.48 -5.92
N LEU L 148 28.12 49.25 -6.41
CA LEU L 148 27.55 50.04 -7.50
C LEU L 148 26.03 50.05 -7.42
N GLU L 149 25.45 51.25 -7.47
CA GLU L 149 24.02 51.41 -7.65
C GLU L 149 23.67 51.41 -9.13
N THR L 150 22.55 50.77 -9.49
CA THR L 150 22.18 50.60 -10.88
C THR L 150 20.69 50.82 -11.05
N SER L 151 20.29 51.23 -12.25
CA SER L 151 18.90 51.17 -12.68
C SER L 151 18.82 50.32 -13.94
N ALA L 152 18.36 49.08 -13.81
CA ALA L 152 18.17 48.25 -15.00
C ALA L 152 17.12 48.84 -15.93
N LYS L 153 16.06 49.44 -15.38
CA LYS L 153 14.98 49.95 -16.21
C LYS L 153 15.41 51.20 -17.00
N ASN L 154 16.25 52.05 -16.41
CA ASN L 154 16.86 53.16 -17.14
C ASN L 154 18.18 52.79 -17.80
N ALA L 155 18.75 51.64 -17.47
CA ALA L 155 20.05 51.19 -17.99
C ALA L 155 21.22 51.95 -17.39
N THR L 156 21.07 52.48 -16.18
CA THR L 156 22.16 53.21 -15.55
C THR L 156 23.13 52.26 -14.88
N ASN L 157 24.41 52.38 -15.23
CA ASN L 157 25.50 51.68 -14.57
C ASN L 157 25.45 50.18 -14.78
N VAL L 158 24.57 49.68 -15.65
CA VAL L 158 24.45 48.23 -15.83
C VAL L 158 25.72 47.67 -16.44
N GLU L 159 26.12 48.20 -17.59
CA GLU L 159 27.34 47.70 -18.22
C GLU L 159 28.54 47.86 -17.29
N GLN L 160 28.62 49.00 -16.58
CA GLN L 160 29.74 49.22 -15.68
C GLN L 160 29.82 48.16 -14.60
N ALA L 161 28.66 47.64 -14.16
CA ALA L 161 28.65 46.57 -13.17
C ALA L 161 29.35 45.33 -13.71
N PHE L 162 28.96 44.86 -14.89
CA PHE L 162 29.61 43.70 -15.49
C PHE L 162 31.08 43.98 -15.75
N MET L 163 31.38 45.17 -16.30
CA MET L 163 32.74 45.49 -16.74
C MET L 163 33.71 45.55 -15.56
N THR L 164 33.32 46.25 -14.49
CA THR L 164 34.17 46.29 -13.30
C THR L 164 34.46 44.87 -12.83
N MET L 165 33.40 44.09 -12.66
CA MET L 165 33.54 42.72 -12.20
C MET L 165 34.49 41.93 -13.09
N ALA L 166 34.25 41.97 -14.40
CA ALA L 166 35.10 41.25 -15.35
C ALA L 166 36.54 41.73 -15.25
N ALA L 167 36.74 43.03 -15.00
CA ALA L 167 38.10 43.54 -14.83
C ALA L 167 38.73 42.99 -13.55
N GLU L 168 37.94 42.85 -12.50
CA GLU L 168 38.48 42.34 -11.24
C GLU L 168 38.83 40.85 -11.34
N ILE L 169 38.05 40.09 -12.12
CA ILE L 169 38.41 38.69 -12.35
C ILE L 169 39.72 38.59 -13.12
N LYS L 170 39.85 39.34 -14.21
CA LYS L 170 41.03 39.20 -15.07
C LYS L 170 42.30 39.54 -14.29
N LYS L 171 42.30 40.66 -13.57
CA LYS L 171 43.48 41.06 -12.82
C LYS L 171 43.97 39.93 -11.93
N ARG L 172 43.04 39.13 -11.41
CA ARG L 172 43.42 37.96 -10.63
C ARG L 172 44.20 36.96 -11.48
N MET L 173 43.74 36.70 -12.70
CA MET L 173 44.30 35.62 -13.49
C MET L 173 45.57 36.03 -14.22
#